data_8CFU
#
_entry.id   8CFU
#
_cell.length_a   75.550
_cell.length_b   133.900
_cell.length_c   97.950
_cell.angle_alpha   90.00
_cell.angle_beta   101.21
_cell.angle_gamma   90.00
#
_symmetry.space_group_name_H-M   'P 1 21 1'
#
loop_
_entity.id
_entity.type
_entity.pdbx_description
1 polymer Adenosylhomocysteinase
2 non-polymer NICOTINAMIDE-ADENINE-DINUCLEOTIDE
3 non-polymer ADENINE
4 non-polymer 3-cyclopentyl-1-(piperazin-1-yl)propan-1-one
5 non-polymer 'DIMETHYL SULFOXIDE'
6 non-polymer 'POTASSIUM ION'
7 non-polymer 'PHOSPHATE ION'
8 non-polymer GLYCEROL
9 water water
#
_entity_poly.entity_id   1
_entity_poly.type   'polypeptide(L)'
_entity_poly.pdbx_seq_one_letter_code
;SNAMSAVMTPAGFTDYKVADITLAAWGRRELIIAESEMPALMGLRRKYAGQQPLKGAKILGCIHMTIQTGVLIETLVALG
AEVRWSSCNIFSTQDQAAAAIAAAGIPVFAWKGETEEEYEWCIEQTILKDGQPWDANMVLDDGGDLTEILHKKYPQMLER
IHGITEETTTGVHRLLDMLKNGTLKVPAINVNDSVTKSKNDNKYGCRHSLNDAIKRGTDHLLSGKQALVIGYGDVGKGSS
QSLRQEGMIVKVAEVDPICAMQACMDGFEVVSPYKNGINDGTEASIDAALLGKIDLIVTTTGNVNVCDANMLKALKKRAV
VCNIGHFDNEIDTAFMRKNWAWEEVKPQVHKIHRTGKDGFDAHNDDYLILLAEGRLVNLGNATGHPSRIMDGSFANQVLA
QIHLFEQKYADLPAAEKAKRLSVEVLPKKLDEEVALEMVKGFGGVVTQLTPKQAEYIGVSVEGPFKPDTYRY
;
_entity_poly.pdbx_strand_id   A,B,C,D
#
# COMPACT_ATOMS: atom_id res chain seq x y z
N ALA A 6 -12.49 34.78 -29.68
CA ALA A 6 -13.20 35.65 -28.74
C ALA A 6 -14.32 36.42 -29.43
N VAL A 7 -14.95 35.80 -30.44
CA VAL A 7 -16.01 36.47 -31.20
C VAL A 7 -17.26 36.69 -30.34
N MET A 8 -17.58 35.76 -29.44
CA MET A 8 -18.73 35.89 -28.56
C MET A 8 -18.50 36.82 -27.37
N THR A 9 -17.26 37.23 -27.11
CA THR A 9 -17.02 38.19 -26.03
C THR A 9 -17.47 39.58 -26.46
N PRO A 10 -18.30 40.26 -25.68
CA PRO A 10 -18.80 41.57 -26.11
C PRO A 10 -17.64 42.53 -26.30
N ALA A 11 -17.75 43.36 -27.33
CA ALA A 11 -16.92 44.55 -27.41
C ALA A 11 -17.06 45.34 -26.12
N GLY A 12 -15.93 45.83 -25.63
CA GLY A 12 -15.97 46.70 -24.47
C GLY A 12 -16.22 45.98 -23.16
N PHE A 13 -16.08 44.67 -23.11
CA PHE A 13 -16.45 43.95 -21.89
C PHE A 13 -15.55 44.36 -20.73
N THR A 14 -16.16 44.87 -19.63
CA THR A 14 -15.41 45.27 -18.44
C THR A 14 -16.00 44.69 -17.15
N ASP A 15 -17.01 43.83 -17.24
CA ASP A 15 -17.81 43.44 -16.08
C ASP A 15 -17.15 42.23 -15.39
N TYR A 16 -15.97 42.46 -14.82
CA TYR A 16 -15.20 41.42 -14.16
C TYR A 16 -14.10 42.08 -13.34
N LYS A 17 -13.45 41.27 -12.50
CA LYS A 17 -12.25 41.75 -11.82
C LYS A 17 -11.36 40.55 -11.54
N VAL A 18 -10.18 40.52 -12.18
CA VAL A 18 -9.24 39.40 -12.06
C VAL A 18 -7.84 39.96 -11.87
N ALA A 19 -6.89 39.07 -11.57
CA ALA A 19 -5.55 39.55 -11.26
C ALA A 19 -4.81 40.05 -12.50
N ASP A 20 -4.95 39.36 -13.64
CA ASP A 20 -4.05 39.58 -14.77
C ASP A 20 -4.68 38.95 -16.02
N ILE A 21 -5.33 39.77 -16.85
CA ILE A 21 -6.04 39.25 -18.02
C ILE A 21 -5.10 38.60 -19.02
N THR A 22 -3.79 38.92 -18.96
CA THR A 22 -2.83 38.35 -19.89
C THR A 22 -2.61 36.85 -19.67
N LEU A 23 -3.11 36.30 -18.57
CA LEU A 23 -3.02 34.85 -18.35
C LEU A 23 -4.13 34.09 -19.07
N ALA A 24 -4.96 34.78 -19.86
CA ALA A 24 -6.16 34.12 -20.39
C ALA A 24 -5.81 33.01 -21.38
N ALA A 25 -4.84 33.24 -22.27
CA ALA A 25 -4.50 32.21 -23.26
C ALA A 25 -4.01 30.95 -22.57
N TRP A 26 -3.16 31.11 -21.57
CA TRP A 26 -2.74 29.96 -20.76
C TRP A 26 -3.94 29.26 -20.13
N GLY A 27 -4.82 30.03 -19.48
CA GLY A 27 -6.03 29.43 -18.92
C GLY A 27 -6.85 28.66 -19.94
N ARG A 28 -7.04 29.23 -21.14
CA ARG A 28 -7.77 28.52 -22.18
C ARG A 28 -7.06 27.22 -22.57
N ARG A 29 -5.73 27.24 -22.64
CA ARG A 29 -5.00 26.00 -22.93
C ARG A 29 -5.29 24.93 -21.87
N GLU A 30 -5.31 25.32 -20.60
CA GLU A 30 -5.60 24.35 -19.53
C GLU A 30 -7.08 23.97 -19.49
N LEU A 31 -7.99 24.88 -19.87
CA LEU A 31 -9.40 24.48 -19.97
C LEU A 31 -9.59 23.41 -21.04
N ILE A 32 -8.88 23.53 -22.16
CA ILE A 32 -9.04 22.55 -23.25
C ILE A 32 -8.52 21.20 -22.82
N ILE A 33 -7.41 21.17 -22.08
CA ILE A 33 -6.95 19.91 -21.50
C ILE A 33 -7.99 19.37 -20.52
N ALA A 34 -8.52 20.24 -19.69
CA ALA A 34 -9.45 19.77 -18.65
C ALA A 34 -10.72 19.18 -19.26
N GLU A 35 -11.17 19.74 -20.40
CA GLU A 35 -12.33 19.17 -21.10
C GLU A 35 -12.09 17.70 -21.41
N SER A 36 -10.85 17.35 -21.78
CA SER A 36 -10.55 15.97 -22.09
C SER A 36 -10.48 15.08 -20.86
N GLU A 37 -10.38 15.68 -19.67
CA GLU A 37 -10.35 14.94 -18.41
C GLU A 37 -11.70 14.89 -17.72
N MET A 38 -12.75 15.46 -18.32
CA MET A 38 -14.04 15.59 -17.65
C MET A 38 -15.14 15.04 -18.56
N PRO A 39 -15.15 13.71 -18.77
CA PRO A 39 -16.15 13.13 -19.69
C PRO A 39 -17.61 13.24 -19.24
N ALA A 40 -17.91 13.17 -17.94
CA ALA A 40 -19.31 13.28 -17.53
C ALA A 40 -19.83 14.68 -17.83
N LEU A 41 -19.06 15.69 -17.45
CA LEU A 41 -19.47 17.06 -17.67
C LEU A 41 -19.54 17.37 -19.16
N MET A 42 -18.51 16.97 -19.91
N MET A 42 -18.53 16.96 -19.92
CA MET A 42 -18.55 17.13 -21.37
CA MET A 42 -18.60 17.20 -21.36
C MET A 42 -19.73 16.40 -21.98
C MET A 42 -19.69 16.36 -22.04
N GLY A 43 -20.05 15.20 -21.47
CA GLY A 43 -21.15 14.45 -22.01
C GLY A 43 -22.48 15.15 -21.82
N LEU A 44 -22.63 15.86 -20.69
CA LEU A 44 -23.82 16.68 -20.48
C LEU A 44 -23.85 17.86 -21.43
N ARG A 45 -22.69 18.45 -21.69
CA ARG A 45 -22.60 19.54 -22.65
C ARG A 45 -23.06 19.08 -24.03
N ARG A 46 -22.58 17.92 -24.48
CA ARG A 46 -22.98 17.42 -25.80
C ARG A 46 -24.44 17.00 -25.83
N LYS A 47 -24.92 16.37 -24.78
CA LYS A 47 -26.28 15.84 -24.79
C LYS A 47 -27.31 16.96 -24.75
N TYR A 48 -27.04 18.04 -24.01
CA TYR A 48 -28.07 19.02 -23.72
C TYR A 48 -27.91 20.36 -24.43
N ALA A 49 -26.76 20.65 -25.05
CA ALA A 49 -26.57 21.97 -25.66
C ALA A 49 -27.71 22.34 -26.60
N GLY A 50 -28.21 21.37 -27.38
CA GLY A 50 -29.24 21.67 -28.35
C GLY A 50 -30.60 21.93 -27.74
N GLN A 51 -30.87 21.31 -26.59
CA GLN A 51 -32.13 21.54 -25.89
C GLN A 51 -32.13 22.85 -25.09
N GLN A 52 -30.96 23.39 -24.76
CA GLN A 52 -30.84 24.61 -23.99
C GLN A 52 -31.68 24.58 -22.70
N PRO A 53 -31.48 23.56 -21.85
CA PRO A 53 -32.35 23.43 -20.67
C PRO A 53 -32.18 24.54 -19.65
N LEU A 54 -31.11 25.33 -19.71
CA LEU A 54 -30.91 26.45 -18.81
C LEU A 54 -31.16 27.81 -19.47
N LYS A 55 -31.77 27.82 -20.65
CA LYS A 55 -32.13 29.09 -21.27
C LYS A 55 -33.08 29.84 -20.37
N GLY A 56 -32.71 31.07 -20.02
CA GLY A 56 -33.44 31.88 -19.07
C GLY A 56 -32.89 31.82 -17.65
N ALA A 57 -32.04 30.85 -17.34
CA ALA A 57 -31.46 30.78 -16.00
C ALA A 57 -30.42 31.88 -15.84
N LYS A 58 -30.42 32.48 -14.65
CA LYS A 58 -29.47 33.55 -14.30
C LYS A 58 -28.86 33.12 -12.98
N ILE A 59 -27.64 32.58 -13.03
CA ILE A 59 -27.06 31.83 -11.92
C ILE A 59 -26.03 32.69 -11.21
N LEU A 60 -26.23 32.92 -9.91
CA LEU A 60 -25.15 33.42 -9.05
C LEU A 60 -24.32 32.23 -8.60
N GLY A 61 -23.02 32.24 -8.91
CA GLY A 61 -22.15 31.14 -8.56
C GLY A 61 -21.03 31.56 -7.62
N CYS A 62 -20.78 30.77 -6.57
CA CYS A 62 -19.73 31.09 -5.59
C CYS A 62 -19.00 29.80 -5.29
N ILE A 63 -17.89 29.58 -5.99
CA ILE A 63 -17.09 28.38 -5.80
C ILE A 63 -15.71 28.65 -6.38
N HIS A 64 -14.70 28.13 -5.69
CA HIS A 64 -13.27 28.20 -6.05
C HIS A 64 -13.07 28.38 -7.54
N MET A 65 -12.45 29.50 -7.93
CA MET A 65 -12.34 29.81 -9.35
C MET A 65 -11.10 29.16 -9.97
N THR A 66 -11.21 27.85 -10.12
CA THR A 66 -10.16 26.99 -10.65
C THR A 66 -10.46 26.66 -12.11
N ILE A 67 -9.53 25.94 -12.74
CA ILE A 67 -9.73 25.46 -14.11
C ILE A 67 -10.95 24.55 -14.16
N GLN A 68 -11.13 23.73 -13.12
CA GLN A 68 -12.27 22.82 -13.09
C GLN A 68 -13.60 23.57 -13.03
N THR A 69 -13.65 24.61 -12.18
CA THR A 69 -14.82 25.48 -12.15
C THR A 69 -15.05 26.16 -13.50
N GLY A 70 -13.98 26.50 -14.21
CA GLY A 70 -14.14 27.06 -15.55
C GLY A 70 -14.92 26.13 -16.48
N VAL A 71 -14.62 24.83 -16.44
CA VAL A 71 -15.33 23.89 -17.29
C VAL A 71 -16.79 23.79 -16.87
N LEU A 72 -17.04 23.87 -15.57
CA LEU A 72 -18.42 23.90 -15.08
C LEU A 72 -19.15 25.14 -15.58
N ILE A 73 -18.55 26.32 -15.41
CA ILE A 73 -19.15 27.57 -15.86
C ILE A 73 -19.49 27.49 -17.35
N GLU A 74 -18.53 27.06 -18.16
CA GLU A 74 -18.77 27.04 -19.60
C GLU A 74 -19.82 26.00 -19.99
N THR A 75 -19.97 24.94 -19.18
CA THR A 75 -21.06 23.99 -19.41
C THR A 75 -22.41 24.62 -19.13
N LEU A 76 -22.54 25.36 -18.02
CA LEU A 76 -23.81 26.01 -17.73
C LEU A 76 -24.14 27.03 -18.81
N VAL A 77 -23.14 27.79 -19.26
CA VAL A 77 -23.33 28.76 -20.34
C VAL A 77 -23.73 28.06 -21.64
N ALA A 78 -23.05 26.95 -21.96
CA ALA A 78 -23.36 26.21 -23.18
C ALA A 78 -24.79 25.65 -23.18
N LEU A 79 -25.35 25.43 -22.00
CA LEU A 79 -26.72 24.94 -21.85
C LEU A 79 -27.73 26.06 -21.77
N GLY A 80 -27.29 27.32 -21.86
CA GLY A 80 -28.18 28.45 -22.04
C GLY A 80 -28.16 29.44 -20.89
N ALA A 81 -27.44 29.16 -19.81
CA ALA A 81 -27.52 30.02 -18.65
C ALA A 81 -26.67 31.27 -18.84
N GLU A 82 -27.05 32.32 -18.14
CA GLU A 82 -26.12 33.42 -17.86
C GLU A 82 -25.65 33.25 -16.42
N VAL A 83 -24.40 33.66 -16.15
CA VAL A 83 -23.84 33.51 -14.81
C VAL A 83 -23.10 34.78 -14.41
N ARG A 84 -22.97 34.96 -13.09
CA ARG A 84 -22.04 35.92 -12.49
C ARG A 84 -21.33 35.21 -11.34
N TRP A 85 -19.99 35.27 -11.32
CA TRP A 85 -19.22 34.30 -10.53
C TRP A 85 -18.24 34.94 -9.56
N SER A 86 -18.06 34.28 -8.41
CA SER A 86 -16.99 34.63 -7.48
C SER A 86 -16.41 33.35 -6.90
N SER A 87 -15.24 33.47 -6.28
CA SER A 87 -14.65 32.34 -5.56
C SER A 87 -15.22 32.26 -4.15
N CYS A 88 -15.26 31.05 -3.58
CA CYS A 88 -15.67 30.88 -2.17
C CYS A 88 -14.49 30.84 -1.19
N ASN A 89 -13.30 31.24 -1.63
CA ASN A 89 -12.17 31.29 -0.70
C ASN A 89 -11.15 32.28 -1.23
N ILE A 90 -10.46 32.96 -0.31
CA ILE A 90 -9.54 34.02 -0.69
C ILE A 90 -8.28 33.52 -1.39
N PHE A 91 -7.94 32.25 -1.24
CA PHE A 91 -6.67 31.74 -1.79
C PHE A 91 -6.88 30.68 -2.87
N SER A 92 -8.12 30.33 -3.22
CA SER A 92 -8.31 29.15 -4.05
C SER A 92 -8.37 29.44 -5.55
N THR A 93 -8.56 30.68 -5.98
CA THR A 93 -8.59 30.97 -7.41
C THR A 93 -7.27 30.62 -8.09
N GLN A 94 -7.36 30.05 -9.29
CA GLN A 94 -6.25 30.01 -10.23
C GLN A 94 -6.42 31.20 -11.16
N ASP A 95 -5.46 32.13 -11.10
CA ASP A 95 -5.62 33.38 -11.84
C ASP A 95 -5.71 33.15 -13.34
N GLN A 96 -5.09 32.09 -13.87
CA GLN A 96 -5.27 31.85 -15.31
C GLN A 96 -6.68 31.38 -15.63
N ALA A 97 -7.34 30.65 -14.72
CA ALA A 97 -8.73 30.23 -14.96
C ALA A 97 -9.66 31.44 -14.94
N ALA A 98 -9.52 32.28 -13.92
CA ALA A 98 -10.33 33.50 -13.85
C ALA A 98 -10.14 34.36 -15.09
N ALA A 99 -8.89 34.47 -15.58
CA ALA A 99 -8.64 35.30 -16.77
C ALA A 99 -9.32 34.72 -17.99
N ALA A 100 -9.26 33.40 -18.16
CA ALA A 100 -9.88 32.80 -19.34
C ALA A 100 -11.38 33.02 -19.34
N ILE A 101 -11.99 32.90 -18.17
CA ILE A 101 -13.44 33.09 -18.06
C ILE A 101 -13.82 34.54 -18.37
N ALA A 102 -13.09 35.49 -17.79
CA ALA A 102 -13.34 36.91 -18.06
C ALA A 102 -13.15 37.19 -19.55
N ALA A 103 -12.09 36.65 -20.14
CA ALA A 103 -11.82 36.88 -21.56
C ALA A 103 -12.90 36.30 -22.45
N ALA A 104 -13.68 35.37 -21.92
CA ALA A 104 -14.80 34.79 -22.64
C ALA A 104 -16.09 35.59 -22.48
N GLY A 105 -16.05 36.75 -21.83
CA GLY A 105 -17.26 37.55 -21.68
C GLY A 105 -18.14 37.12 -20.54
N ILE A 106 -17.61 36.40 -19.56
CA ILE A 106 -18.39 35.90 -18.44
C ILE A 106 -18.01 36.70 -17.20
N PRO A 107 -18.96 37.32 -16.49
CA PRO A 107 -18.61 38.11 -15.30
C PRO A 107 -18.05 37.24 -14.19
N VAL A 108 -16.82 37.57 -13.76
CA VAL A 108 -16.13 36.82 -12.72
C VAL A 108 -15.32 37.82 -11.88
N PHE A 109 -15.41 37.68 -10.56
CA PHE A 109 -14.73 38.57 -9.61
C PHE A 109 -13.95 37.65 -8.69
N ALA A 110 -12.65 37.47 -9.00
CA ALA A 110 -11.88 36.46 -8.32
C ALA A 110 -10.40 36.57 -8.61
N TRP A 111 -9.59 36.51 -7.56
CA TRP A 111 -8.14 36.39 -7.72
C TRP A 111 -7.54 35.67 -6.53
N LYS A 112 -6.37 35.09 -6.75
CA LYS A 112 -5.66 34.44 -5.66
C LYS A 112 -5.06 35.50 -4.75
N GLY A 113 -5.35 35.40 -3.45
CA GLY A 113 -4.79 36.32 -2.47
C GLY A 113 -5.67 37.51 -2.13
N GLU A 114 -6.99 37.35 -2.22
CA GLU A 114 -7.90 38.40 -1.79
C GLU A 114 -7.74 38.66 -0.30
N THR A 115 -7.99 39.90 0.12
CA THR A 115 -8.29 40.15 1.52
C THR A 115 -9.73 39.75 1.83
N GLU A 116 -10.05 39.67 3.12
CA GLU A 116 -11.43 39.34 3.50
C GLU A 116 -12.42 40.39 2.99
N GLU A 117 -12.02 41.67 3.02
CA GLU A 117 -12.87 42.74 2.49
C GLU A 117 -13.09 42.56 0.99
N GLU A 118 -12.02 42.23 0.26
CA GLU A 118 -12.14 42.01 -1.18
C GLU A 118 -13.01 40.79 -1.48
N TYR A 119 -12.95 39.77 -0.63
CA TYR A 119 -13.75 38.57 -0.80
C TYR A 119 -15.23 38.90 -0.80
N GLU A 120 -15.65 39.70 0.19
CA GLU A 120 -17.04 40.14 0.30
C GLU A 120 -17.43 41.03 -0.87
N TRP A 121 -16.53 41.95 -1.24
CA TRP A 121 -16.78 42.81 -2.41
C TRP A 121 -17.01 41.96 -3.67
N CYS A 122 -16.22 40.90 -3.85
CA CYS A 122 -16.39 40.06 -5.04
C CYS A 122 -17.76 39.40 -5.06
N ILE A 123 -18.21 38.85 -3.92
CA ILE A 123 -19.56 38.27 -3.92
C ILE A 123 -20.60 39.33 -4.25
N GLU A 124 -20.45 40.53 -3.69
CA GLU A 124 -21.39 41.63 -3.94
C GLU A 124 -21.42 42.03 -5.41
N GLN A 125 -20.29 41.91 -6.11
CA GLN A 125 -20.27 42.26 -7.53
C GLN A 125 -21.02 41.24 -8.36
N THR A 126 -21.14 40.00 -7.90
CA THR A 126 -22.01 39.05 -8.60
C THR A 126 -23.48 39.41 -8.37
N ILE A 127 -23.80 39.83 -7.14
CA ILE A 127 -25.18 40.11 -6.75
C ILE A 127 -25.70 41.35 -7.46
N LEU A 128 -24.87 42.38 -7.59
CA LEU A 128 -25.27 43.65 -8.14
C LEU A 128 -24.73 43.76 -9.57
N LYS A 129 -25.58 44.21 -10.48
CA LYS A 129 -25.11 44.52 -11.82
C LYS A 129 -25.53 45.95 -12.10
N ASP A 130 -24.55 46.80 -12.41
CA ASP A 130 -24.82 48.22 -12.66
C ASP A 130 -25.42 48.89 -11.43
N GLY A 131 -25.02 48.43 -10.26
CA GLY A 131 -25.37 49.07 -9.01
C GLY A 131 -26.71 48.67 -8.44
N GLN A 132 -27.42 47.72 -9.06
CA GLN A 132 -28.71 47.24 -8.63
C GLN A 132 -28.69 45.73 -8.59
N PRO A 133 -29.54 45.11 -7.78
CA PRO A 133 -29.59 43.64 -7.78
C PRO A 133 -29.80 43.11 -9.19
N TRP A 134 -28.99 42.12 -9.56
CA TRP A 134 -29.21 41.38 -10.80
C TRP A 134 -30.51 40.58 -10.69
N ASP A 135 -31.18 40.34 -11.82
CA ASP A 135 -32.37 39.50 -11.81
C ASP A 135 -32.01 38.01 -11.76
N ALA A 136 -31.22 37.65 -10.75
CA ALA A 136 -30.83 36.26 -10.55
C ALA A 136 -32.06 35.39 -10.26
N ASN A 137 -32.00 34.14 -10.71
CA ASN A 137 -33.04 33.17 -10.41
C ASN A 137 -32.50 31.79 -10.00
N MET A 138 -31.18 31.61 -9.89
CA MET A 138 -30.60 30.36 -9.42
C MET A 138 -29.35 30.69 -8.62
N VAL A 139 -28.98 29.79 -7.70
CA VAL A 139 -27.78 29.93 -6.89
C VAL A 139 -27.00 28.63 -6.93
N LEU A 140 -25.68 28.74 -7.15
CA LEU A 140 -24.76 27.61 -7.01
C LEU A 140 -23.71 28.05 -6.01
N ASP A 141 -23.57 27.31 -4.91
CA ASP A 141 -22.76 27.76 -3.78
C ASP A 141 -21.88 26.60 -3.31
N ASP A 142 -20.77 26.96 -2.66
CA ASP A 142 -19.85 25.97 -2.08
C ASP A 142 -19.45 26.56 -0.73
N GLY A 143 -20.11 26.09 0.32
CA GLY A 143 -19.82 26.51 1.68
C GLY A 143 -20.90 27.38 2.30
N GLY A 144 -21.79 27.94 1.49
CA GLY A 144 -22.93 28.68 2.05
C GLY A 144 -22.75 30.17 2.20
N ASP A 145 -21.61 30.75 1.80
CA ASP A 145 -21.40 32.18 2.05
C ASP A 145 -22.30 33.04 1.18
N LEU A 146 -22.47 32.69 -0.10
CA LEU A 146 -23.40 33.42 -0.97
C LEU A 146 -24.83 33.25 -0.50
N THR A 147 -25.20 32.02 -0.13
CA THR A 147 -26.51 31.74 0.45
C THR A 147 -26.77 32.63 1.68
N GLU A 148 -25.78 32.77 2.55
CA GLU A 148 -25.96 33.55 3.77
C GLU A 148 -26.16 35.03 3.44
N ILE A 149 -25.35 35.57 2.53
CA ILE A 149 -25.43 36.99 2.18
C ILE A 149 -26.78 37.30 1.55
N LEU A 150 -27.27 36.43 0.68
CA LEU A 150 -28.59 36.65 0.10
C LEU A 150 -29.67 36.66 1.18
N HIS A 151 -29.64 35.69 2.10
CA HIS A 151 -30.70 35.62 3.10
C HIS A 151 -30.62 36.78 4.10
N LYS A 152 -29.41 37.24 4.43
CA LYS A 152 -29.27 38.29 5.44
C LYS A 152 -29.45 39.68 4.85
N LYS A 153 -28.86 39.93 3.67
CA LYS A 153 -28.73 41.28 3.12
C LYS A 153 -29.58 41.55 1.90
N TYR A 154 -29.93 40.53 1.12
CA TYR A 154 -30.72 40.72 -0.10
C TYR A 154 -31.94 39.80 -0.14
N PRO A 155 -32.72 39.74 0.95
CA PRO A 155 -33.82 38.77 0.97
C PRO A 155 -34.83 38.96 -0.13
N GLN A 156 -35.05 40.19 -0.61
CA GLN A 156 -36.01 40.36 -1.69
C GLN A 156 -35.56 39.62 -2.95
N MET A 157 -34.25 39.42 -3.13
CA MET A 157 -33.80 38.70 -4.32
C MET A 157 -34.22 37.25 -4.27
N LEU A 158 -34.37 36.68 -3.07
CA LEU A 158 -34.77 35.28 -2.98
C LEU A 158 -36.19 35.04 -3.45
N GLU A 159 -37.03 36.08 -3.54
CA GLU A 159 -38.39 35.93 -4.07
C GLU A 159 -38.41 35.49 -5.53
N ARG A 160 -37.31 35.71 -6.25
CA ARG A 160 -37.21 35.36 -7.66
C ARG A 160 -36.35 34.14 -7.93
N ILE A 161 -35.78 33.52 -6.91
CA ILE A 161 -34.79 32.46 -7.06
C ILE A 161 -35.46 31.11 -6.89
N HIS A 162 -35.22 30.21 -7.86
CA HIS A 162 -35.87 28.90 -7.84
C HIS A 162 -35.14 27.87 -6.97
N GLY A 163 -33.90 28.12 -6.59
CA GLY A 163 -33.24 27.14 -5.75
C GLY A 163 -31.76 27.38 -5.66
N ILE A 164 -31.14 26.60 -4.77
CA ILE A 164 -29.72 26.62 -4.48
C ILE A 164 -29.18 25.21 -4.70
N THR A 165 -28.04 25.10 -5.36
CA THR A 165 -27.33 23.82 -5.43
C THR A 165 -26.02 23.97 -4.66
N GLU A 166 -25.88 23.21 -3.56
CA GLU A 166 -24.79 23.41 -2.61
C GLU A 166 -23.79 22.26 -2.70
N GLU A 167 -22.50 22.61 -2.84
CA GLU A 167 -21.44 21.69 -3.19
C GLU A 167 -20.92 20.86 -2.01
N THR A 168 -20.83 21.42 -0.80
CA THR A 168 -19.92 20.84 0.19
C THR A 168 -20.58 20.62 1.55
N THR A 169 -19.94 19.75 2.34
CA THR A 169 -20.53 19.28 3.60
C THR A 169 -20.90 20.45 4.51
N THR A 170 -19.96 21.39 4.70
CA THR A 170 -20.23 22.54 5.55
C THR A 170 -21.43 23.34 5.06
N GLY A 171 -21.52 23.57 3.74
CA GLY A 171 -22.65 24.32 3.21
C GLY A 171 -23.98 23.59 3.42
N VAL A 172 -23.97 22.27 3.26
CA VAL A 172 -25.20 21.51 3.52
C VAL A 172 -25.61 21.61 4.99
N HIS A 173 -24.64 21.51 5.90
CA HIS A 173 -24.98 21.69 7.31
C HIS A 173 -25.67 23.03 7.54
N ARG A 174 -25.17 24.09 6.91
CA ARG A 174 -25.75 25.40 7.13
C ARG A 174 -27.18 25.47 6.58
N LEU A 175 -27.43 24.82 5.44
CA LEU A 175 -28.77 24.80 4.86
C LEU A 175 -29.74 24.06 5.76
N LEU A 176 -29.30 22.91 6.30
CA LEU A 176 -30.19 22.13 7.16
C LEU A 176 -30.50 22.88 8.46
N ASP A 177 -29.55 23.63 9.01
CA ASP A 177 -29.87 24.46 10.16
CA ASP A 177 -29.85 24.46 10.17
C ASP A 177 -30.91 25.51 9.81
N MET A 178 -30.78 26.13 8.64
CA MET A 178 -31.79 27.12 8.24
C MET A 178 -33.14 26.48 8.04
N LEU A 179 -33.18 25.31 7.39
CA LEU A 179 -34.44 24.63 7.19
C LEU A 179 -35.12 24.30 8.52
N LYS A 180 -34.32 23.80 9.48
CA LYS A 180 -34.86 23.46 10.78
C LYS A 180 -35.40 24.69 11.49
N ASN A 181 -34.74 25.83 11.34
CA ASN A 181 -35.13 27.07 12.01
C ASN A 181 -36.17 27.86 11.25
N GLY A 182 -36.59 27.39 10.08
CA GLY A 182 -37.59 28.10 9.31
C GLY A 182 -37.07 29.33 8.59
N THR A 183 -35.75 29.44 8.39
CA THR A 183 -35.18 30.62 7.75
C THR A 183 -34.71 30.39 6.32
N LEU A 184 -34.80 29.17 5.82
CA LEU A 184 -34.43 28.92 4.43
C LEU A 184 -35.58 29.33 3.51
N LYS A 185 -35.27 30.12 2.47
CA LYS A 185 -36.31 30.75 1.68
C LYS A 185 -36.58 30.09 0.33
N VAL A 186 -35.64 29.26 -0.13
CA VAL A 186 -35.79 28.56 -1.41
C VAL A 186 -35.28 27.13 -1.23
N PRO A 187 -35.78 26.22 -2.05
CA PRO A 187 -35.32 24.83 -1.92
C PRO A 187 -33.88 24.68 -2.37
N ALA A 188 -33.29 23.56 -1.97
CA ALA A 188 -31.90 23.31 -2.29
C ALA A 188 -31.69 21.85 -2.67
N ILE A 189 -30.69 21.61 -3.51
CA ILE A 189 -30.19 20.26 -3.73
C ILE A 189 -28.84 20.14 -3.05
N ASN A 190 -28.72 19.13 -2.19
CA ASN A 190 -27.48 18.74 -1.54
C ASN A 190 -26.69 17.94 -2.59
N VAL A 191 -25.78 18.63 -3.28
CA VAL A 191 -24.91 17.98 -4.25
C VAL A 191 -23.85 17.16 -3.54
N ASN A 192 -23.42 17.60 -2.35
CA ASN A 192 -22.35 16.87 -1.65
C ASN A 192 -22.67 15.38 -1.52
N ASP A 193 -23.93 15.04 -1.22
CA ASP A 193 -24.23 13.66 -0.85
C ASP A 193 -24.52 12.72 -2.01
N SER A 194 -24.35 13.14 -3.26
CA SER A 194 -24.21 12.14 -4.31
C SER A 194 -22.98 11.28 -4.02
N VAL A 195 -23.05 9.99 -4.36
CA VAL A 195 -21.89 9.14 -4.10
C VAL A 195 -20.73 9.56 -5.00
N THR A 196 -21.06 9.96 -6.24
CA THR A 196 -20.06 10.45 -7.19
C THR A 196 -19.56 11.84 -6.82
N LYS A 197 -20.01 12.38 -5.70
CA LYS A 197 -19.43 13.58 -5.12
C LYS A 197 -18.75 13.20 -3.81
N SER A 198 -19.52 12.96 -2.74
CA SER A 198 -18.95 12.76 -1.41
C SER A 198 -17.89 11.66 -1.37
N LYS A 199 -18.12 10.54 -2.07
CA LYS A 199 -17.19 9.43 -1.95
C LYS A 199 -16.19 9.41 -3.10
N ASN A 200 -16.05 10.52 -3.81
CA ASN A 200 -15.12 10.69 -4.92
C ASN A 200 -14.30 11.93 -4.61
N ASP A 201 -14.93 13.09 -4.77
CA ASP A 201 -14.35 14.39 -4.45
C ASP A 201 -13.81 14.43 -3.01
N ASN A 202 -14.70 14.26 -2.02
CA ASN A 202 -14.26 14.55 -0.65
C ASN A 202 -13.11 13.65 -0.22
N LYS A 203 -13.14 12.39 -0.67
CA LYS A 203 -12.12 11.42 -0.26
C LYS A 203 -10.93 11.39 -1.22
N TYR A 204 -11.16 10.90 -2.45
CA TYR A 204 -10.04 10.77 -3.39
C TYR A 204 -9.46 12.12 -3.81
N GLY A 205 -10.26 13.18 -3.83
CA GLY A 205 -9.71 14.46 -4.18
C GLY A 205 -8.66 14.93 -3.19
N CYS A 206 -8.95 14.76 -1.90
CA CYS A 206 -7.96 15.11 -0.89
C CYS A 206 -6.79 14.15 -0.89
N ARG A 207 -7.02 12.88 -1.24
N ARG A 207 -7.02 12.88 -1.26
CA ARG A 207 -5.91 11.96 -1.41
CA ARG A 207 -5.89 11.95 -1.40
C ARG A 207 -4.92 12.50 -2.45
C ARG A 207 -4.91 12.45 -2.47
N HIS A 208 -5.43 12.97 -3.58
CA HIS A 208 -4.55 13.51 -4.63
C HIS A 208 -3.90 14.82 -4.21
N SER A 209 -4.66 15.71 -3.57
CA SER A 209 -4.23 17.10 -3.49
C SER A 209 -3.63 17.52 -2.15
N LEU A 210 -3.78 16.76 -1.06
CA LEU A 210 -3.16 17.17 0.19
C LEU A 210 -1.62 17.06 0.12
N ASN A 211 -1.10 15.87 -0.24
CA ASN A 211 0.36 15.75 -0.32
CA ASN A 211 0.35 15.74 -0.32
C ASN A 211 0.93 16.68 -1.39
N ASP A 212 0.14 16.93 -2.43
CA ASP A 212 0.52 17.86 -3.49
C ASP A 212 0.76 19.26 -2.90
N ALA A 213 -0.21 19.75 -2.12
CA ALA A 213 -0.07 21.08 -1.53
C ALA A 213 1.09 21.16 -0.54
N ILE A 214 1.29 20.11 0.26
CA ILE A 214 2.38 20.13 1.23
C ILE A 214 3.73 20.17 0.51
N LYS A 215 3.88 19.38 -0.54
CA LYS A 215 5.14 19.39 -1.31
C LYS A 215 5.37 20.76 -1.95
N ARG A 216 4.31 21.35 -2.54
CA ARG A 216 4.55 22.62 -3.22
C ARG A 216 4.91 23.72 -2.22
N GLY A 217 4.30 23.69 -1.05
CA GLY A 217 4.55 24.72 -0.07
C GLY A 217 5.88 24.58 0.64
N THR A 218 6.30 23.35 0.96
CA THR A 218 7.50 23.14 1.77
C THR A 218 8.59 22.32 1.09
N ASP A 219 8.23 21.52 0.10
CA ASP A 219 9.14 20.52 -0.48
C ASP A 219 9.70 19.56 0.58
N HIS A 220 8.97 19.38 1.67
CA HIS A 220 9.41 18.46 2.71
C HIS A 220 9.23 17.01 2.27
N LEU A 221 10.26 16.20 2.53
CA LEU A 221 10.07 14.76 2.52
C LEU A 221 8.98 14.43 3.53
N LEU A 222 8.06 13.55 3.14
CA LEU A 222 7.03 13.08 4.07
C LEU A 222 7.31 11.67 4.60
N SER A 223 7.95 10.81 3.80
CA SER A 223 8.28 9.46 4.23
C SER A 223 9.04 9.47 5.55
N GLY A 224 8.60 8.62 6.48
CA GLY A 224 9.32 8.40 7.73
C GLY A 224 8.95 9.36 8.84
N LYS A 225 8.18 10.39 8.54
CA LYS A 225 7.81 11.40 9.53
C LYS A 225 6.44 11.09 10.10
N GLN A 226 6.12 11.77 11.20
CA GLN A 226 4.89 11.46 11.96
C GLN A 226 3.82 12.49 11.65
N ALA A 227 2.61 12.03 11.31
CA ALA A 227 1.51 12.94 11.01
C ALA A 227 0.37 12.68 11.98
N LEU A 228 -0.37 13.72 12.33
CA LEU A 228 -1.63 13.56 13.07
C LEU A 228 -2.74 14.16 12.22
N VAL A 229 -3.73 13.33 11.84
CA VAL A 229 -4.89 13.79 11.06
C VAL A 229 -6.05 13.90 12.02
N ILE A 230 -6.62 15.11 12.16
CA ILE A 230 -7.77 15.32 13.03
C ILE A 230 -9.02 15.11 12.17
N GLY A 231 -9.74 14.04 12.43
CA GLY A 231 -10.95 13.70 11.69
C GLY A 231 -10.73 12.51 10.77
N TYR A 232 -11.79 11.71 10.60
CA TYR A 232 -11.73 10.54 9.71
C TYR A 232 -13.09 10.33 9.01
N GLY A 233 -13.73 11.44 8.62
CA GLY A 233 -14.83 11.42 7.68
C GLY A 233 -14.31 11.27 6.27
N ASP A 234 -15.05 11.76 5.28
CA ASP A 234 -14.60 11.53 3.90
C ASP A 234 -13.29 12.26 3.61
N VAL A 235 -13.17 13.51 4.07
CA VAL A 235 -11.92 14.26 3.88
C VAL A 235 -10.79 13.66 4.70
N GLY A 236 -11.08 13.31 5.95
CA GLY A 236 -10.05 12.70 6.80
C GLY A 236 -9.55 11.37 6.26
N LYS A 237 -10.45 10.55 5.71
CA LYS A 237 -10.03 9.31 5.09
C LYS A 237 -9.07 9.57 3.92
N GLY A 238 -9.45 10.50 3.04
CA GLY A 238 -8.60 10.77 1.89
C GLY A 238 -7.29 11.40 2.29
N SER A 239 -7.35 12.33 3.25
CA SER A 239 -6.14 12.98 3.73
C SER A 239 -5.19 11.98 4.36
N SER A 240 -5.71 11.09 5.22
CA SER A 240 -4.86 10.10 5.86
C SER A 240 -4.17 9.20 4.83
N GLN A 241 -4.89 8.82 3.77
CA GLN A 241 -4.28 8.03 2.70
C GLN A 241 -3.25 8.84 1.92
N SER A 242 -3.53 10.12 1.64
CA SER A 242 -2.55 10.98 0.96
C SER A 242 -1.19 10.92 1.65
N LEU A 243 -1.20 10.88 2.98
CA LEU A 243 0.02 10.88 3.77
C LEU A 243 0.60 9.48 3.94
N ARG A 244 -0.26 8.48 4.20
CA ARG A 244 0.24 7.13 4.41
C ARG A 244 0.88 6.59 3.14
N GLN A 245 0.31 6.91 1.97
CA GLN A 245 0.87 6.38 0.73
C GLN A 245 2.24 6.96 0.43
N GLU A 246 2.58 8.10 1.01
CA GLU A 246 3.90 8.71 0.92
C GLU A 246 4.88 8.15 1.94
N GLY A 247 4.41 7.26 2.82
CA GLY A 247 5.25 6.66 3.84
C GLY A 247 5.26 7.40 5.16
N MET A 248 4.29 8.30 5.39
CA MET A 248 4.20 8.87 6.73
C MET A 248 3.66 7.83 7.70
N ILE A 249 4.03 7.99 8.96
CA ILE A 249 3.44 7.23 10.05
C ILE A 249 2.29 8.09 10.52
N VAL A 250 1.06 7.67 10.21
CA VAL A 250 -0.13 8.50 10.39
C VAL A 250 -0.90 8.03 11.63
N LYS A 251 -1.22 8.97 12.52
CA LYS A 251 -2.15 8.76 13.62
C LYS A 251 -3.40 9.58 13.33
N VAL A 252 -4.55 9.08 13.81
CA VAL A 252 -5.85 9.68 13.50
C VAL A 252 -6.57 9.96 14.81
N ALA A 253 -7.15 11.16 14.91
CA ALA A 253 -8.05 11.51 16.00
C ALA A 253 -9.49 11.56 15.50
N GLU A 254 -10.43 11.17 16.36
CA GLU A 254 -11.84 11.22 15.99
C GLU A 254 -12.67 11.35 17.24
N VAL A 255 -13.86 11.95 17.08
CA VAL A 255 -14.90 11.91 18.09
C VAL A 255 -15.97 10.88 17.77
N ASP A 256 -16.04 10.40 16.52
CA ASP A 256 -17.06 9.44 16.13
C ASP A 256 -16.47 8.05 16.22
N PRO A 257 -16.95 7.19 17.13
CA PRO A 257 -16.31 5.88 17.29
C PRO A 257 -16.44 4.98 16.07
N ILE A 258 -17.47 5.17 15.23
CA ILE A 258 -17.56 4.36 14.03
C ILE A 258 -16.46 4.75 13.05
N CYS A 259 -16.25 6.05 12.83
CA CYS A 259 -15.15 6.47 11.97
C CYS A 259 -13.80 6.06 12.55
N ALA A 260 -13.68 6.10 13.88
CA ALA A 260 -12.43 5.64 14.51
C ALA A 260 -12.22 4.15 14.29
N MET A 261 -13.29 3.36 14.33
N MET A 261 -13.29 3.36 14.34
CA MET A 261 -13.19 1.93 14.07
CA MET A 261 -13.16 1.94 14.07
C MET A 261 -12.67 1.69 12.66
C MET A 261 -12.64 1.70 12.66
N GLN A 262 -13.12 2.49 11.70
CA GLN A 262 -12.62 2.36 10.34
C GLN A 262 -11.14 2.71 10.29
N ALA A 263 -10.72 3.75 11.01
CA ALA A 263 -9.30 4.13 10.98
C ALA A 263 -8.42 3.01 11.54
N CYS A 264 -8.89 2.36 12.61
CA CYS A 264 -8.13 1.23 13.14
C CYS A 264 -8.00 0.14 12.09
N MET A 265 -9.13 -0.26 11.50
CA MET A 265 -9.11 -1.36 10.54
C MET A 265 -8.33 -0.99 9.29
N ASP A 266 -8.25 0.30 9.00
CA ASP A 266 -7.47 0.78 7.86
C ASP A 266 -5.97 0.84 8.17
N GLY A 267 -5.55 0.50 9.38
CA GLY A 267 -4.14 0.45 9.68
C GLY A 267 -3.56 1.65 10.39
N PHE A 268 -4.39 2.46 11.02
CA PHE A 268 -3.92 3.65 11.73
C PHE A 268 -4.12 3.47 13.23
N GLU A 269 -3.20 4.07 13.98
CA GLU A 269 -3.36 4.20 15.42
C GLU A 269 -4.23 5.40 15.73
N VAL A 270 -5.27 5.20 16.56
CA VAL A 270 -6.24 6.25 16.90
C VAL A 270 -5.83 6.85 18.24
N VAL A 271 -5.56 8.15 18.25
CA VAL A 271 -5.05 8.85 19.42
C VAL A 271 -5.84 10.13 19.60
N SER A 272 -5.73 10.72 20.81
CA SER A 272 -6.32 12.01 21.06
C SER A 272 -5.24 13.02 21.45
N PRO A 273 -5.37 14.28 21.03
CA PRO A 273 -4.47 15.32 21.55
C PRO A 273 -4.56 15.47 23.05
N TYR A 274 -5.66 15.01 23.67
CA TYR A 274 -5.92 15.22 25.08
C TYR A 274 -5.83 13.89 25.82
N LYS A 275 -5.28 13.95 27.03
CA LYS A 275 -5.20 12.75 27.87
C LYS A 275 -6.59 12.17 28.11
N ASN A 276 -6.75 10.89 27.80
CA ASN A 276 -8.03 10.19 27.94
C ASN A 276 -9.11 10.79 27.06
N GLY A 277 -8.74 11.60 26.07
CA GLY A 277 -9.71 12.19 25.20
C GLY A 277 -10.43 13.40 25.75
N ILE A 278 -10.06 13.89 26.94
CA ILE A 278 -10.85 14.89 27.65
C ILE A 278 -10.21 16.27 27.46
N ASN A 279 -10.90 17.13 26.72
CA ASN A 279 -10.46 18.47 26.34
C ASN A 279 -11.04 19.41 27.38
N ASP A 280 -10.32 19.64 28.47
CA ASP A 280 -10.83 20.47 29.56
C ASP A 280 -10.32 21.90 29.52
N GLY A 281 -9.66 22.30 28.44
CA GLY A 281 -9.17 23.66 28.28
C GLY A 281 -7.81 23.94 28.88
N THR A 282 -7.23 23.02 29.64
CA THR A 282 -5.99 23.30 30.35
C THR A 282 -4.77 22.79 29.58
N GLU A 283 -3.63 23.42 29.85
CA GLU A 283 -2.38 22.89 29.31
C GLU A 283 -2.14 21.46 29.81
N ALA A 284 -2.56 21.18 31.04
CA ALA A 284 -2.30 19.86 31.63
C ALA A 284 -3.02 18.75 30.89
N SER A 285 -4.11 19.06 30.19
CA SER A 285 -4.85 18.05 29.44
C SER A 285 -4.16 17.62 28.15
N ILE A 286 -3.20 18.41 27.66
CA ILE A 286 -2.56 18.07 26.39
C ILE A 286 -1.62 16.91 26.60
N ASP A 287 -1.67 15.93 25.70
CA ASP A 287 -0.68 14.84 25.67
C ASP A 287 0.57 15.42 25.02
N ALA A 288 1.46 15.98 25.86
CA ALA A 288 2.61 16.70 25.32
C ALA A 288 3.62 15.73 24.71
N ALA A 289 3.71 14.52 25.23
CA ALA A 289 4.63 13.54 24.64
C ALA A 289 4.20 13.19 23.22
N LEU A 290 2.90 13.03 23.00
CA LEU A 290 2.39 12.77 21.65
C LEU A 290 2.63 13.96 20.73
N LEU A 291 2.16 15.14 21.12
CA LEU A 291 2.27 16.28 20.22
C LEU A 291 3.73 16.66 19.98
N GLY A 292 4.62 16.43 20.95
CA GLY A 292 6.04 16.70 20.74
C GLY A 292 6.73 15.79 19.75
N LYS A 293 6.03 14.78 19.23
CA LYS A 293 6.59 13.87 18.21
C LYS A 293 5.97 14.09 16.84
N ILE A 294 5.00 14.98 16.71
CA ILE A 294 4.26 15.14 15.47
C ILE A 294 4.94 16.16 14.55
N ASP A 295 5.24 15.75 13.31
CA ASP A 295 5.85 16.62 12.30
C ASP A 295 4.83 17.35 11.43
N LEU A 296 3.57 16.91 11.42
CA LEU A 296 2.57 17.46 10.52
C LEU A 296 1.21 17.20 11.14
N ILE A 297 0.40 18.25 11.28
CA ILE A 297 -0.98 18.13 11.74
C ILE A 297 -1.90 18.69 10.66
N VAL A 298 -2.96 17.94 10.35
CA VAL A 298 -3.92 18.32 9.32
C VAL A 298 -5.30 18.23 9.91
N THR A 299 -6.10 19.30 9.78
CA THR A 299 -7.47 19.29 10.29
C THR A 299 -8.45 19.04 9.15
N THR A 300 -9.46 18.18 9.40
CA THR A 300 -10.35 17.76 8.33
C THR A 300 -11.82 17.73 8.76
N THR A 301 -12.20 18.51 9.77
CA THR A 301 -13.42 18.16 10.51
C THR A 301 -14.65 18.95 10.09
N GLY A 302 -14.51 20.17 9.58
CA GLY A 302 -15.67 21.03 9.53
C GLY A 302 -16.12 21.56 10.88
N ASN A 303 -15.35 21.32 11.93
CA ASN A 303 -15.67 21.74 13.29
C ASN A 303 -14.76 22.91 13.69
N VAL A 304 -14.92 23.38 14.92
CA VAL A 304 -14.25 24.60 15.37
C VAL A 304 -13.19 24.27 16.41
N ASN A 305 -12.00 24.88 16.24
CA ASN A 305 -10.92 24.82 17.22
C ASN A 305 -10.50 23.40 17.55
N VAL A 306 -10.28 22.59 16.52
CA VAL A 306 -9.80 21.21 16.71
C VAL A 306 -8.28 21.12 16.72
N CYS A 307 -7.58 22.19 16.36
CA CYS A 307 -6.14 22.32 16.60
C CYS A 307 -6.00 23.62 17.37
N ASP A 308 -6.02 23.53 18.71
CA ASP A 308 -6.22 24.67 19.58
C ASP A 308 -4.88 25.26 20.04
N ALA A 309 -4.94 26.33 20.83
CA ALA A 309 -3.72 27.03 21.22
C ALA A 309 -2.79 26.13 22.02
N ASN A 310 -3.35 25.30 22.90
CA ASN A 310 -2.48 24.46 23.73
C ASN A 310 -1.81 23.37 22.91
N MET A 311 -2.50 22.85 21.89
CA MET A 311 -1.87 21.90 20.98
C MET A 311 -0.75 22.57 20.20
N LEU A 312 -0.99 23.81 19.74
CA LEU A 312 0.03 24.51 18.97
C LEU A 312 1.26 24.80 19.83
N LYS A 313 1.06 25.11 21.12
CA LYS A 313 2.18 25.28 22.03
C LYS A 313 2.97 24.00 22.24
N ALA A 314 2.29 22.84 22.21
CA ALA A 314 2.93 21.57 22.50
C ALA A 314 3.57 20.91 21.28
N LEU A 315 3.26 21.36 20.07
CA LEU A 315 3.78 20.68 18.87
C LEU A 315 5.30 20.70 18.84
N LYS A 316 5.85 19.62 18.29
CA LYS A 316 7.27 19.52 17.96
C LYS A 316 7.74 20.74 17.19
N LYS A 317 8.96 21.19 17.48
CA LYS A 317 9.54 22.29 16.72
C LYS A 317 9.55 21.96 15.23
N ARG A 318 9.20 22.96 14.42
CA ARG A 318 9.24 22.91 12.96
C ARG A 318 8.16 22.02 12.36
N ALA A 319 7.13 21.66 13.14
CA ALA A 319 6.01 20.93 12.58
C ALA A 319 5.24 21.81 11.58
N VAL A 320 4.66 21.17 10.58
CA VAL A 320 3.77 21.83 9.63
C VAL A 320 2.34 21.72 10.15
N VAL A 321 1.58 22.82 10.06
CA VAL A 321 0.19 22.90 10.50
C VAL A 321 -0.63 23.28 9.28
N CYS A 322 -1.69 22.52 8.99
CA CYS A 322 -2.56 22.94 7.89
C CYS A 322 -3.97 22.43 8.11
N ASN A 323 -4.89 22.97 7.32
CA ASN A 323 -6.31 22.68 7.42
C ASN A 323 -6.83 22.43 6.02
N ILE A 324 -7.59 21.36 5.85
CA ILE A 324 -8.24 21.04 4.59
C ILE A 324 -9.77 20.99 4.73
N GLY A 325 -10.30 21.35 5.89
CA GLY A 325 -11.73 21.59 6.01
C GLY A 325 -12.11 22.94 5.38
N HIS A 326 -13.41 23.22 5.30
CA HIS A 326 -13.86 24.40 4.54
C HIS A 326 -13.39 25.73 5.14
N PHE A 327 -13.43 25.88 6.46
CA PHE A 327 -13.16 27.17 7.09
C PHE A 327 -11.92 27.13 7.97
N ASP A 328 -11.23 28.27 8.06
CA ASP A 328 -9.95 28.30 8.77
C ASP A 328 -10.09 28.25 10.30
N ASN A 329 -11.30 28.37 10.84
CA ASN A 329 -11.44 28.31 12.30
C ASN A 329 -11.22 26.91 12.88
N GLU A 330 -10.86 25.91 12.07
CA GLU A 330 -10.42 24.64 12.64
C GLU A 330 -9.16 24.79 13.49
N ILE A 331 -8.30 25.76 13.15
CA ILE A 331 -7.03 26.01 13.83
C ILE A 331 -7.13 27.37 14.49
N ASP A 332 -6.63 27.48 15.72
CA ASP A 332 -6.63 28.79 16.39
C ASP A 332 -5.49 29.64 15.84
N THR A 333 -5.67 30.12 14.60
CA THR A 333 -4.67 31.04 14.05
C THR A 333 -4.72 32.39 14.74
N ALA A 334 -5.88 32.78 15.29
CA ALA A 334 -5.95 34.05 16.01
C ALA A 334 -4.97 34.08 17.18
N PHE A 335 -4.87 32.98 17.91
CA PHE A 335 -3.90 32.89 19.00
C PHE A 335 -2.50 33.14 18.48
N MET A 336 -2.16 32.54 17.33
CA MET A 336 -0.82 32.69 16.79
C MET A 336 -0.55 34.12 16.31
N ARG A 337 -1.57 34.78 15.74
CA ARG A 337 -1.40 36.18 15.33
C ARG A 337 -1.18 37.08 16.53
N LYS A 338 -1.87 36.78 17.64
CA LYS A 338 -1.76 37.61 18.82
C LYS A 338 -0.45 37.42 19.57
N ASN A 339 0.15 36.23 19.54
CA ASN A 339 1.25 35.92 20.45
C ASN A 339 2.60 35.69 19.79
N TRP A 340 2.64 35.26 18.53
CA TRP A 340 3.88 34.82 17.91
C TRP A 340 4.16 35.64 16.65
N ALA A 341 5.43 35.64 16.24
CA ALA A 341 5.88 36.48 15.12
C ALA A 341 5.86 35.69 13.82
N TRP A 342 5.26 36.27 12.78
CA TRP A 342 5.09 35.56 11.52
C TRP A 342 6.15 35.99 10.53
N GLU A 343 6.78 35.03 9.87
CA GLU A 343 7.79 35.29 8.85
C GLU A 343 7.28 34.66 7.56
N GLU A 344 6.97 35.48 6.56
CA GLU A 344 6.53 34.90 5.29
C GLU A 344 7.73 34.27 4.56
N VAL A 345 7.61 32.99 4.22
CA VAL A 345 8.60 32.32 3.40
C VAL A 345 8.40 32.65 1.94
N LYS A 346 7.16 32.46 1.49
CA LYS A 346 6.64 32.82 0.17
C LYS A 346 5.13 32.87 0.32
N PRO A 347 4.39 33.28 -0.69
CA PRO A 347 2.94 33.37 -0.49
C PRO A 347 2.35 32.06 0.02
N GLN A 348 1.45 32.17 0.99
CA GLN A 348 0.76 31.04 1.59
C GLN A 348 1.67 30.08 2.36
N VAL A 349 2.88 30.52 2.73
CA VAL A 349 3.77 29.71 3.58
C VAL A 349 4.38 30.66 4.60
N HIS A 350 4.05 30.47 5.88
CA HIS A 350 4.56 31.31 6.96
C HIS A 350 5.23 30.46 8.02
N LYS A 351 6.39 30.92 8.49
CA LYS A 351 6.97 30.40 9.73
C LYS A 351 6.42 31.22 10.87
N ILE A 352 6.00 30.56 11.94
CA ILE A 352 5.41 31.23 13.10
C ILE A 352 6.35 30.96 14.26
N HIS A 353 7.04 32.01 14.72
CA HIS A 353 8.14 31.86 15.66
C HIS A 353 7.57 31.92 17.07
N ARG A 354 7.70 30.82 17.80
CA ARG A 354 7.12 30.74 19.14
C ARG A 354 7.94 31.44 20.20
N THR A 355 9.01 32.14 19.81
CA THR A 355 9.87 32.85 20.75
C THR A 355 9.27 34.16 21.23
N GLY A 356 8.16 34.62 20.67
CA GLY A 356 7.60 35.89 21.07
C GLY A 356 6.97 36.59 19.88
N LYS A 357 6.40 37.76 20.16
CA LYS A 357 5.52 38.41 19.20
C LYS A 357 6.21 39.45 18.32
N ASP A 358 7.16 40.21 18.88
CA ASP A 358 7.58 41.44 18.22
C ASP A 358 8.57 41.19 17.09
N GLY A 359 9.62 40.42 17.35
CA GLY A 359 10.54 40.07 16.28
C GLY A 359 10.91 38.61 16.31
N PHE A 360 11.94 38.24 15.55
CA PHE A 360 12.43 36.87 15.56
C PHE A 360 13.87 36.86 15.08
N ASP A 361 14.60 35.83 15.49
CA ASP A 361 15.93 35.57 14.95
C ASP A 361 15.76 34.78 13.65
N ALA A 362 16.48 35.19 12.60
CA ALA A 362 16.33 34.54 11.31
C ALA A 362 16.70 33.06 11.37
N HIS A 363 17.57 32.67 12.31
CA HIS A 363 18.00 31.30 12.49
C HIS A 363 17.35 30.62 13.69
N ASN A 364 16.28 31.20 14.22
CA ASN A 364 15.53 30.56 15.31
C ASN A 364 15.09 29.17 14.87
N ASP A 365 15.20 28.20 15.77
CA ASP A 365 14.76 26.85 15.45
C ASP A 365 13.37 26.54 15.95
N ASP A 366 12.77 27.39 16.77
CA ASP A 366 11.48 27.09 17.41
C ASP A 366 10.37 27.85 16.69
N TYR A 367 9.91 27.26 15.60
CA TYR A 367 8.85 27.83 14.80
C TYR A 367 7.99 26.68 14.30
N LEU A 368 6.76 27.03 13.87
CA LEU A 368 5.90 26.13 13.13
C LEU A 368 5.79 26.67 11.72
N ILE A 369 5.45 25.81 10.77
CA ILE A 369 5.12 26.26 9.41
C ILE A 369 3.62 26.13 9.20
N LEU A 370 2.96 27.27 8.97
CA LEU A 370 1.53 27.28 8.67
C LEU A 370 1.35 27.47 7.17
N LEU A 371 0.50 26.63 6.56
CA LEU A 371 0.21 26.70 5.14
C LEU A 371 -1.13 27.39 4.91
N ALA A 372 -1.15 28.28 3.92
CA ALA A 372 -2.36 28.97 3.46
C ALA A 372 -3.07 29.73 4.56
N GLU A 373 -2.31 30.15 5.59
CA GLU A 373 -2.88 30.89 6.74
C GLU A 373 -4.06 30.14 7.37
N GLY A 374 -4.02 28.81 7.27
CA GLY A 374 -5.06 27.96 7.82
C GLY A 374 -6.26 27.74 6.93
N ARG A 375 -6.30 28.35 5.75
CA ARG A 375 -7.40 28.15 4.81
C ARG A 375 -7.16 26.85 4.05
N LEU A 376 -8.20 26.36 3.36
CA LEU A 376 -8.16 25.05 2.68
C LEU A 376 -6.85 24.86 1.95
N VAL A 377 -6.02 23.92 2.41
CA VAL A 377 -4.62 23.89 1.96
C VAL A 377 -4.46 23.34 0.55
N ASN A 378 -5.31 22.39 0.16
CA ASN A 378 -5.16 21.81 -1.18
C ASN A 378 -5.35 22.87 -2.26
N LEU A 379 -6.32 23.77 -2.07
CA LEU A 379 -6.56 24.84 -3.03
C LEU A 379 -5.63 26.02 -2.80
N GLY A 380 -5.19 26.22 -1.54
CA GLY A 380 -4.41 27.40 -1.22
C GLY A 380 -2.96 27.26 -1.66
N ASN A 381 -2.40 26.05 -1.53
CA ASN A 381 -0.98 25.80 -1.83
C ASN A 381 -0.77 24.94 -3.07
N ALA A 382 -1.83 24.40 -3.65
CA ALA A 382 -1.72 23.69 -4.93
C ALA A 382 -2.93 24.08 -5.78
N THR A 383 -3.59 23.13 -6.44
CA THR A 383 -4.69 23.46 -7.34
C THR A 383 -5.98 22.73 -6.98
N GLY A 384 -6.11 22.27 -5.73
CA GLY A 384 -7.28 21.49 -5.33
C GLY A 384 -7.36 20.18 -6.10
N HIS A 385 -8.58 19.65 -6.19
CA HIS A 385 -8.77 18.34 -6.79
C HIS A 385 -8.50 18.38 -8.29
N PRO A 386 -8.11 17.25 -8.88
CA PRO A 386 -7.87 17.20 -10.32
C PRO A 386 -9.17 17.14 -11.12
N SER A 387 -9.07 17.58 -12.37
CA SER A 387 -10.24 17.65 -13.26
C SER A 387 -11.04 16.35 -13.29
N ARG A 388 -10.37 15.20 -13.39
CA ARG A 388 -11.10 13.95 -13.57
C ARG A 388 -11.90 13.58 -12.32
N ILE A 389 -11.51 14.08 -11.15
CA ILE A 389 -12.35 13.91 -9.97
C ILE A 389 -13.48 14.94 -9.93
N MET A 390 -13.16 16.21 -10.22
CA MET A 390 -14.18 17.25 -10.17
C MET A 390 -15.28 17.02 -11.21
N ASP A 391 -14.96 16.25 -12.27
CA ASP A 391 -15.96 15.85 -13.25
C ASP A 391 -17.22 15.31 -12.57
N GLY A 392 -17.06 14.43 -11.59
CA GLY A 392 -18.21 13.87 -10.90
C GLY A 392 -19.00 14.93 -10.16
N SER A 393 -18.31 15.72 -9.34
CA SER A 393 -18.99 16.76 -8.56
C SER A 393 -19.76 17.71 -9.47
N PHE A 394 -19.11 18.13 -10.55
CA PHE A 394 -19.69 19.20 -11.38
C PHE A 394 -20.75 18.68 -12.35
N ALA A 395 -20.69 17.42 -12.77
CA ALA A 395 -21.82 16.86 -13.49
C ALA A 395 -23.06 16.84 -12.61
N ASN A 396 -22.88 16.50 -11.32
CA ASN A 396 -24.00 16.57 -10.37
C ASN A 396 -24.52 18.00 -10.25
N GLN A 397 -23.61 18.98 -10.18
CA GLN A 397 -24.02 20.38 -10.09
C GLN A 397 -24.89 20.78 -11.29
N VAL A 398 -24.46 20.40 -12.51
CA VAL A 398 -25.24 20.73 -13.70
C VAL A 398 -26.62 20.09 -13.64
N LEU A 399 -26.69 18.81 -13.25
CA LEU A 399 -28.00 18.14 -13.20
C LEU A 399 -28.89 18.76 -12.15
N ALA A 400 -28.28 19.18 -11.03
CA ALA A 400 -29.06 19.80 -9.95
C ALA A 400 -29.58 21.16 -10.37
N GLN A 401 -28.76 21.93 -11.10
CA GLN A 401 -29.22 23.21 -11.65
C GLN A 401 -30.40 23.00 -12.60
N ILE A 402 -30.28 22.04 -13.52
CA ILE A 402 -31.39 21.79 -14.44
C ILE A 402 -32.66 21.44 -13.67
N HIS A 403 -32.54 20.55 -12.67
CA HIS A 403 -33.72 20.09 -11.96
C HIS A 403 -34.44 21.24 -11.25
N LEU A 404 -33.70 22.02 -10.45
CA LEU A 404 -34.34 23.10 -9.71
C LEU A 404 -34.85 24.20 -10.63
N PHE A 405 -34.09 24.53 -11.68
CA PHE A 405 -34.55 25.54 -12.61
C PHE A 405 -35.86 25.10 -13.28
N GLU A 406 -35.94 23.83 -13.66
CA GLU A 406 -37.17 23.35 -14.32
C GLU A 406 -38.37 23.36 -13.36
N GLN A 407 -38.13 23.18 -12.07
CA GLN A 407 -39.22 23.13 -11.09
C GLN A 407 -39.87 24.49 -10.87
N LYS A 408 -39.12 25.58 -11.09
CA LYS A 408 -39.67 26.95 -11.06
C LYS A 408 -40.35 27.29 -9.73
N TYR A 409 -39.67 27.00 -8.63
CA TYR A 409 -40.25 27.22 -7.30
C TYR A 409 -40.73 28.64 -7.13
N ALA A 410 -39.99 29.63 -7.63
CA ALA A 410 -40.37 31.02 -7.37
C ALA A 410 -41.69 31.41 -8.04
N ASP A 411 -42.15 30.61 -9.01
CA ASP A 411 -43.40 30.92 -9.68
C ASP A 411 -44.59 30.21 -9.04
N LEU A 412 -44.35 29.35 -8.07
CA LEU A 412 -45.42 28.56 -7.51
C LEU A 412 -46.28 29.40 -6.56
N PRO A 413 -47.55 29.04 -6.40
CA PRO A 413 -48.34 29.66 -5.34
C PRO A 413 -47.84 29.23 -3.97
N ALA A 414 -48.13 30.06 -2.97
CA ALA A 414 -47.59 29.85 -1.64
C ALA A 414 -47.86 28.44 -1.13
N ALA A 415 -49.05 27.91 -1.42
CA ALA A 415 -49.39 26.57 -0.96
C ALA A 415 -48.47 25.53 -1.56
N GLU A 416 -48.16 25.65 -2.86
CA GLU A 416 -47.24 24.71 -3.47
C GLU A 416 -45.82 24.90 -2.96
N LYS A 417 -45.42 26.15 -2.71
CA LYS A 417 -44.08 26.43 -2.20
C LYS A 417 -43.82 25.70 -0.89
N ALA A 418 -44.79 25.71 0.03
CA ALA A 418 -44.59 25.06 1.32
C ALA A 418 -44.31 23.57 1.16
N LYS A 419 -44.98 22.93 0.20
CA LYS A 419 -44.77 21.51 -0.04
C LYS A 419 -43.40 21.21 -0.62
N ARG A 420 -42.74 22.19 -1.25
CA ARG A 420 -41.48 21.93 -1.93
C ARG A 420 -40.29 22.59 -1.27
N LEU A 421 -40.47 23.26 -0.13
CA LEU A 421 -39.32 23.87 0.53
C LEU A 421 -38.56 22.80 1.29
N SER A 422 -37.46 22.31 0.71
CA SER A 422 -36.72 21.21 1.30
C SER A 422 -35.30 21.21 0.80
N VAL A 423 -34.49 20.33 1.40
CA VAL A 423 -33.11 20.06 0.95
C VAL A 423 -33.07 18.60 0.56
N GLU A 424 -32.88 18.33 -0.73
CA GLU A 424 -32.98 16.99 -1.29
C GLU A 424 -31.68 16.60 -1.99
N VAL A 425 -31.52 15.32 -2.26
CA VAL A 425 -30.40 14.85 -3.06
C VAL A 425 -30.92 14.39 -4.42
N LEU A 426 -29.98 14.29 -5.36
CA LEU A 426 -30.30 13.76 -6.68
C LEU A 426 -30.64 12.27 -6.60
N PRO A 427 -31.52 11.79 -7.48
CA PRO A 427 -31.89 10.37 -7.43
C PRO A 427 -30.72 9.48 -7.81
N LYS A 428 -30.75 8.26 -7.28
CA LYS A 428 -29.64 7.33 -7.49
C LYS A 428 -29.39 7.04 -8.97
N LYS A 429 -30.44 7.03 -9.79
CA LYS A 429 -30.24 6.71 -11.20
C LYS A 429 -29.29 7.72 -11.84
N LEU A 430 -29.45 9.01 -11.53
CA LEU A 430 -28.51 10.01 -12.07
C LEU A 430 -27.10 9.84 -11.48
N ASP A 431 -26.98 9.52 -10.19
CA ASP A 431 -25.67 9.26 -9.58
C ASP A 431 -24.94 8.15 -10.33
N GLU A 432 -25.69 7.08 -10.67
CA GLU A 432 -25.12 5.97 -11.43
C GLU A 432 -24.72 6.40 -12.84
N GLU A 433 -25.53 7.24 -13.49
CA GLU A 433 -25.20 7.64 -14.86
C GLU A 433 -23.95 8.50 -14.89
N VAL A 434 -23.75 9.34 -13.88
CA VAL A 434 -22.50 10.09 -13.75
C VAL A 434 -21.33 9.13 -13.60
N ALA A 435 -21.48 8.17 -12.68
CA ALA A 435 -20.42 7.21 -12.42
C ALA A 435 -20.05 6.42 -13.65
N LEU A 436 -21.05 6.04 -14.47
CA LEU A 436 -20.75 5.25 -15.65
C LEU A 436 -19.88 6.05 -16.62
N GLU A 437 -20.16 7.35 -16.75
CA GLU A 437 -19.30 8.16 -17.62
C GLU A 437 -17.89 8.28 -17.05
N MET A 438 -17.77 8.38 -15.72
CA MET A 438 -16.44 8.42 -15.12
C MET A 438 -15.68 7.11 -15.39
N VAL A 439 -16.36 5.96 -15.24
CA VAL A 439 -15.69 4.68 -15.46
C VAL A 439 -15.23 4.55 -16.91
N LYS A 440 -16.09 4.92 -17.85
CA LYS A 440 -15.69 4.90 -19.26
C LYS A 440 -14.48 5.80 -19.52
N GLY A 441 -14.33 6.88 -18.74
CA GLY A 441 -13.21 7.76 -18.93
C GLY A 441 -11.88 7.09 -18.61
N PHE A 442 -11.88 6.15 -17.66
CA PHE A 442 -10.70 5.33 -17.37
C PHE A 442 -10.55 4.14 -18.32
N GLY A 443 -11.48 3.97 -19.26
CA GLY A 443 -11.46 2.78 -20.09
C GLY A 443 -12.06 1.56 -19.44
N GLY A 444 -12.69 1.72 -18.28
CA GLY A 444 -13.33 0.58 -17.63
C GLY A 444 -14.56 0.11 -18.39
N VAL A 445 -14.86 -1.18 -18.24
CA VAL A 445 -15.99 -1.80 -18.93
C VAL A 445 -16.92 -2.37 -17.86
N VAL A 446 -18.13 -1.81 -17.76
CA VAL A 446 -19.14 -2.30 -16.84
C VAL A 446 -19.90 -3.45 -17.49
N THR A 447 -20.13 -4.52 -16.73
CA THR A 447 -20.85 -5.69 -17.22
C THR A 447 -22.35 -5.39 -17.15
N GLN A 448 -23.09 -5.90 -18.14
CA GLN A 448 -24.55 -5.83 -18.15
C GLN A 448 -25.14 -7.10 -17.54
N LEU A 449 -26.05 -6.93 -16.58
CA LEU A 449 -26.76 -8.07 -16.02
C LEU A 449 -27.58 -8.78 -17.09
N THR A 450 -27.66 -10.12 -17.03
CA THR A 450 -28.66 -10.77 -17.86
C THR A 450 -30.04 -10.57 -17.23
N PRO A 451 -31.12 -10.77 -18.00
CA PRO A 451 -32.45 -10.69 -17.37
C PRO A 451 -32.61 -11.59 -16.16
N LYS A 452 -32.15 -12.84 -16.23
CA LYS A 452 -32.26 -13.75 -15.10
C LYS A 452 -31.50 -13.23 -13.89
N GLN A 453 -30.31 -12.67 -14.11
CA GLN A 453 -29.52 -12.16 -13.00
C GLN A 453 -30.19 -10.95 -12.38
N ALA A 454 -30.74 -10.06 -13.22
CA ALA A 454 -31.45 -8.89 -12.71
C ALA A 454 -32.66 -9.32 -11.88
N GLU A 455 -33.38 -10.34 -12.34
CA GLU A 455 -34.50 -10.87 -11.58
C GLU A 455 -34.02 -11.48 -10.25
N TYR A 456 -32.89 -12.19 -10.29
CA TYR A 456 -32.39 -12.87 -9.09
C TYR A 456 -32.13 -11.88 -7.97
N ILE A 457 -31.52 -10.73 -8.28
CA ILE A 457 -31.22 -9.73 -7.26
C ILE A 457 -32.25 -8.62 -7.17
N GLY A 458 -33.33 -8.72 -7.94
CA GLY A 458 -34.44 -7.79 -7.84
C GLY A 458 -34.18 -6.38 -8.36
N VAL A 459 -33.44 -6.23 -9.45
CA VAL A 459 -33.17 -4.92 -10.01
C VAL A 459 -33.49 -4.93 -11.50
N SER A 460 -33.65 -3.72 -12.05
CA SER A 460 -33.76 -3.58 -13.49
CA SER A 460 -33.76 -3.56 -13.49
C SER A 460 -32.37 -3.66 -14.10
N VAL A 461 -32.31 -4.15 -15.35
CA VAL A 461 -31.01 -4.26 -16.02
C VAL A 461 -30.33 -2.90 -16.15
N GLU A 462 -31.11 -1.84 -16.25
CA GLU A 462 -30.57 -0.49 -16.36
C GLU A 462 -30.28 0.15 -15.01
N GLY A 463 -30.61 -0.52 -13.91
CA GLY A 463 -30.44 0.07 -12.60
C GLY A 463 -31.68 0.90 -12.26
N PRO A 464 -31.73 1.51 -11.06
CA PRO A 464 -30.64 1.52 -10.07
C PRO A 464 -30.30 0.13 -9.49
N PHE A 465 -29.05 -0.04 -9.05
CA PHE A 465 -28.57 -1.35 -8.63
C PHE A 465 -28.59 -1.55 -7.12
N LYS A 466 -28.85 -0.51 -6.34
CA LYS A 466 -28.77 -0.59 -4.89
C LYS A 466 -30.00 0.11 -4.31
N PRO A 467 -30.48 -0.33 -3.15
CA PRO A 467 -31.49 0.45 -2.44
C PRO A 467 -30.92 1.77 -1.97
N ASP A 468 -31.81 2.70 -1.66
CA ASP A 468 -31.37 4.02 -1.22
C ASP A 468 -30.59 3.96 0.10
N THR A 469 -30.79 2.91 0.90
CA THR A 469 -30.06 2.75 2.15
C THR A 469 -28.59 2.38 1.95
N TYR A 470 -28.18 1.99 0.75
CA TYR A 470 -26.85 1.42 0.57
C TYR A 470 -25.76 2.47 0.77
N ARG A 471 -24.67 2.08 1.46
CA ARG A 471 -23.64 3.03 1.87
C ARG A 471 -22.39 3.01 1.01
N TYR A 472 -22.20 1.99 0.15
CA TYR A 472 -21.00 1.87 -0.70
C TYR A 472 -19.73 1.81 0.16
N GLY B 12 30.66 44.96 -4.34
CA GLY B 12 31.21 45.03 -5.69
C GLY B 12 31.48 43.67 -6.32
N PHE B 13 30.78 42.65 -5.83
CA PHE B 13 30.95 41.30 -6.36
C PHE B 13 30.09 41.17 -7.62
N THR B 14 30.73 40.79 -8.74
CA THR B 14 30.04 40.64 -10.02
C THR B 14 30.32 39.32 -10.73
N ASP B 15 31.05 38.40 -10.09
CA ASP B 15 31.55 37.19 -10.73
C ASP B 15 30.48 36.10 -10.63
N TYR B 16 29.39 36.30 -11.36
CA TYR B 16 28.25 35.37 -11.34
C TYR B 16 27.32 35.70 -12.50
N LYS B 17 26.42 34.77 -12.81
CA LYS B 17 25.32 35.08 -13.71
C LYS B 17 24.10 34.25 -13.30
N VAL B 18 23.05 34.94 -12.87
CA VAL B 18 21.82 34.32 -12.40
C VAL B 18 20.62 35.08 -13.00
N ALA B 19 19.44 34.48 -12.87
CA ALA B 19 18.27 35.07 -13.50
C ALA B 19 17.85 36.37 -12.85
N ASP B 20 17.89 36.46 -11.52
CA ASP B 20 17.37 37.62 -10.81
C ASP B 20 17.93 37.60 -9.39
N ILE B 21 18.93 38.46 -9.15
CA ILE B 21 19.59 38.55 -7.86
C ILE B 21 18.63 38.94 -6.74
N THR B 22 17.51 39.59 -7.09
CA THR B 22 16.55 40.03 -6.06
C THR B 22 15.80 38.87 -5.43
N LEU B 23 15.90 37.65 -5.97
CA LEU B 23 15.32 36.47 -5.33
C LEU B 23 16.16 35.97 -4.17
N ALA B 24 17.24 36.67 -3.80
CA ALA B 24 18.20 36.09 -2.86
C ALA B 24 17.61 35.92 -1.46
N ALA B 25 16.85 36.91 -0.97
CA ALA B 25 16.28 36.81 0.38
C ALA B 25 15.35 35.61 0.50
N TRP B 26 14.50 35.39 -0.50
CA TRP B 26 13.66 34.19 -0.56
C TRP B 26 14.52 32.93 -0.55
N GLY B 27 15.54 32.88 -1.40
CA GLY B 27 16.41 31.71 -1.38
C GLY B 27 17.07 31.49 -0.02
N ARG B 28 17.47 32.56 0.65
CA ARG B 28 18.07 32.41 1.97
C ARG B 28 17.06 31.85 2.97
N ARG B 29 15.80 32.30 2.91
CA ARG B 29 14.78 31.72 3.79
C ARG B 29 14.64 30.22 3.53
N GLU B 30 14.67 29.81 2.27
CA GLU B 30 14.56 28.38 1.98
C GLU B 30 15.81 27.60 2.36
N LEU B 31 17.00 28.21 2.25
CA LEU B 31 18.20 27.53 2.71
C LEU B 31 18.16 27.28 4.20
N ILE B 32 17.64 28.25 4.97
CA ILE B 32 17.60 28.09 6.42
C ILE B 32 16.65 26.96 6.80
N ILE B 33 15.50 26.85 6.12
CA ILE B 33 14.64 25.68 6.31
C ILE B 33 15.38 24.40 5.93
N ALA B 34 16.05 24.40 4.76
CA ALA B 34 16.74 23.19 4.31
C ALA B 34 17.80 22.73 5.30
N GLU B 35 18.49 23.66 5.94
CA GLU B 35 19.50 23.28 6.92
C GLU B 35 18.89 22.44 8.02
N SER B 36 17.67 22.78 8.44
CA SER B 36 16.97 21.99 9.47
C SER B 36 16.53 20.63 8.97
N GLU B 37 16.47 20.43 7.65
CA GLU B 37 16.11 19.15 7.05
C GLU B 37 17.32 18.31 6.68
N MET B 38 18.54 18.78 6.92
CA MET B 38 19.76 18.10 6.44
C MET B 38 20.72 17.84 7.60
N PRO B 39 20.37 16.94 8.50
CA PRO B 39 21.18 16.78 9.72
C PRO B 39 22.55 16.15 9.50
N ALA B 40 22.70 15.26 8.52
CA ALA B 40 24.04 14.70 8.27
C ALA B 40 24.97 15.74 7.69
N LEU B 41 24.48 16.48 6.71
CA LEU B 41 25.28 17.54 6.10
C LEU B 41 25.60 18.64 7.09
N MET B 42 24.59 19.10 7.85
CA MET B 42 24.87 20.12 8.85
C MET B 42 25.71 19.58 9.99
N GLY B 43 25.59 18.28 10.30
CA GLY B 43 26.50 17.70 11.27
C GLY B 43 27.95 17.80 10.83
N LEU B 44 28.22 17.55 9.54
CA LEU B 44 29.59 17.70 9.04
C LEU B 44 30.02 19.16 9.06
N ARG B 45 29.11 20.07 8.70
CA ARG B 45 29.45 21.47 8.73
C ARG B 45 29.84 21.90 10.14
N ARG B 46 29.10 21.47 11.15
CA ARG B 46 29.44 21.84 12.52
C ARG B 46 30.71 21.12 13.00
N LYS B 47 30.89 19.87 12.60
CA LYS B 47 32.04 19.11 13.08
C LYS B 47 33.34 19.66 12.50
N TYR B 48 33.34 20.04 11.23
CA TYR B 48 34.58 20.30 10.50
C TYR B 48 34.89 21.78 10.26
N ALA B 49 33.93 22.70 10.49
CA ALA B 49 34.19 24.11 10.16
C ALA B 49 35.43 24.64 10.86
N GLY B 50 35.65 24.26 12.13
CA GLY B 50 36.80 24.77 12.85
C GLY B 50 38.12 24.18 12.38
N GLN B 51 38.11 22.97 11.87
CA GLN B 51 39.34 22.34 11.41
C GLN B 51 39.71 22.75 9.99
N GLN B 52 38.78 23.34 9.24
CA GLN B 52 39.04 23.80 7.88
C GLN B 52 39.71 22.74 7.00
N PRO B 53 39.11 21.56 6.86
CA PRO B 53 39.76 20.49 6.09
C PRO B 53 39.83 20.76 4.59
N LEU B 54 39.05 21.70 4.07
CA LEU B 54 39.09 22.08 2.66
C LEU B 54 39.76 23.43 2.43
N LYS B 55 40.44 23.99 3.44
CA LYS B 55 41.23 25.19 3.21
C LYS B 55 42.29 24.90 2.16
N GLY B 56 42.30 25.67 1.08
CA GLY B 56 43.20 25.43 -0.02
C GLY B 56 42.52 24.70 -1.18
N ALA B 57 41.38 24.07 -0.93
CA ALA B 57 40.64 23.43 -2.01
C ALA B 57 39.97 24.48 -2.88
N LYS B 58 40.03 24.27 -4.19
CA LYS B 58 39.37 25.13 -5.17
CA LYS B 58 39.37 25.13 -5.17
C LYS B 58 38.55 24.21 -6.06
N ILE B 59 37.23 24.18 -5.84
CA ILE B 59 36.35 23.17 -6.40
C ILE B 59 35.56 23.75 -7.56
N LEU B 60 35.69 23.12 -8.72
CA LEU B 60 34.77 23.31 -9.83
C LEU B 60 33.59 22.37 -9.60
N GLY B 61 32.40 22.95 -9.47
CA GLY B 61 31.20 22.17 -9.21
C GLY B 61 30.20 22.29 -10.33
N CYS B 62 29.62 21.16 -10.75
CA CYS B 62 28.60 21.16 -11.80
C CYS B 62 27.51 20.22 -11.34
N ILE B 63 26.45 20.79 -10.75
CA ILE B 63 25.31 19.99 -10.31
C ILE B 63 24.13 20.95 -10.11
N HIS B 64 22.94 20.45 -10.46
CA HIS B 64 21.64 21.12 -10.35
C HIS B 64 21.66 22.19 -9.26
N MET B 65 21.48 23.44 -9.63
CA MET B 65 21.61 24.56 -8.68
C MET B 65 20.29 24.77 -7.92
N THR B 66 20.01 23.81 -7.02
CA THR B 66 18.79 23.80 -6.22
C THR B 66 19.11 24.32 -4.83
N ILE B 67 18.05 24.45 -4.00
CA ILE B 67 18.25 24.79 -2.58
C ILE B 67 19.13 23.75 -1.89
N GLN B 68 18.96 22.47 -2.22
CA GLN B 68 19.78 21.42 -1.60
C GLN B 68 21.25 21.59 -1.97
N THR B 69 21.53 21.86 -3.24
CA THR B 69 22.90 22.13 -3.67
C THR B 69 23.46 23.38 -2.98
N GLY B 70 22.61 24.38 -2.73
CA GLY B 70 23.05 25.54 -1.98
C GLY B 70 23.57 25.18 -0.59
N VAL B 71 22.90 24.26 0.10
CA VAL B 71 23.39 23.86 1.42
C VAL B 71 24.70 23.09 1.30
N LEU B 72 24.84 22.28 0.25
CA LEU B 72 26.12 21.63 -0.03
C LEU B 72 27.23 22.65 -0.29
N ILE B 73 26.98 23.63 -1.16
CA ILE B 73 28.00 24.63 -1.48
C ILE B 73 28.44 25.36 -0.23
N GLU B 74 27.47 25.83 0.55
CA GLU B 74 27.81 26.56 1.76
C GLU B 74 28.54 25.70 2.77
N THR B 75 28.31 24.37 2.77
CA THR B 75 29.08 23.51 3.65
C THR B 75 30.54 23.41 3.18
N LEU B 76 30.75 23.22 1.88
CA LEU B 76 32.12 23.19 1.36
C LEU B 76 32.86 24.49 1.68
N VAL B 77 32.19 25.62 1.49
CA VAL B 77 32.77 26.92 1.82
C VAL B 77 33.06 27.04 3.31
N ALA B 78 32.11 26.64 4.16
CA ALA B 78 32.35 26.70 5.60
C ALA B 78 33.53 25.83 6.02
N LEU B 79 33.83 24.78 5.27
CA LEU B 79 34.99 23.94 5.59
C LEU B 79 36.29 24.45 4.99
N GLY B 80 36.26 25.58 4.29
CA GLY B 80 37.47 26.23 3.80
C GLY B 80 37.59 26.33 2.30
N ALA B 81 36.71 25.69 1.53
CA ALA B 81 36.90 25.64 0.09
C ALA B 81 36.50 26.94 -0.57
N GLU B 82 37.15 27.26 -1.70
CA GLU B 82 36.54 28.15 -2.69
C GLU B 82 35.94 27.31 -3.81
N VAL B 83 34.87 27.83 -4.42
CA VAL B 83 34.16 27.09 -5.46
C VAL B 83 33.78 28.03 -6.60
N ARG B 84 33.59 27.44 -7.78
CA ARG B 84 32.96 28.09 -8.92
C ARG B 84 31.95 27.10 -9.48
N TRP B 85 30.68 27.53 -9.61
CA TRP B 85 29.58 26.58 -9.71
C TRP B 85 28.73 26.81 -10.94
N SER B 86 28.24 25.70 -11.52
CA SER B 86 27.22 25.73 -12.57
C SER B 86 26.24 24.59 -12.33
N SER B 87 25.10 24.61 -13.03
CA SER B 87 24.15 23.52 -12.97
C SER B 87 24.51 22.47 -14.02
N CYS B 88 24.11 21.21 -13.77
CA CYS B 88 24.31 20.16 -14.76
C CYS B 88 23.07 19.89 -15.62
N ASN B 89 22.08 20.77 -15.60
CA ASN B 89 20.93 20.63 -16.48
C ASN B 89 20.33 22.00 -16.77
N ILE B 90 19.84 22.19 -18.00
CA ILE B 90 19.29 23.48 -18.41
C ILE B 90 18.03 23.89 -17.65
N PHE B 91 17.28 22.94 -17.09
CA PHE B 91 16.00 23.27 -16.45
C PHE B 91 15.98 23.02 -14.95
N SER B 92 17.08 22.62 -14.34
CA SER B 92 17.01 22.13 -12.96
C SER B 92 17.30 23.20 -11.91
N THR B 93 17.83 24.37 -12.31
CA THR B 93 18.16 25.40 -11.34
C THR B 93 16.89 25.94 -10.70
N GLN B 94 16.94 26.17 -9.38
CA GLN B 94 15.95 27.00 -8.72
C GLN B 94 16.53 28.41 -8.62
N ASP B 95 15.89 29.38 -9.28
CA ASP B 95 16.52 30.68 -9.42
C ASP B 95 16.74 31.35 -8.06
N GLN B 96 15.89 31.07 -7.07
CA GLN B 96 16.10 31.68 -5.76
C GLN B 96 17.34 31.09 -5.07
N ALA B 97 17.67 29.82 -5.34
CA ALA B 97 18.86 29.23 -4.74
C ALA B 97 20.11 29.82 -5.38
N ALA B 98 20.12 29.94 -6.71
CA ALA B 98 21.25 30.55 -7.40
C ALA B 98 21.47 31.98 -6.94
N ALA B 99 20.38 32.76 -6.80
CA ALA B 99 20.50 34.12 -6.32
C ALA B 99 21.09 34.19 -4.92
N ALA B 100 20.62 33.33 -4.01
CA ALA B 100 21.17 33.33 -2.65
C ALA B 100 22.66 33.03 -2.64
N ILE B 101 23.10 32.07 -3.46
CA ILE B 101 24.52 31.75 -3.51
C ILE B 101 25.34 32.91 -4.06
N ALA B 102 24.88 33.52 -5.16
CA ALA B 102 25.60 34.65 -5.72
C ALA B 102 25.65 35.81 -4.73
N ALA B 103 24.54 36.05 -4.01
CA ALA B 103 24.50 37.14 -3.04
C ALA B 103 25.43 36.89 -1.86
N ALA B 104 25.82 35.64 -1.65
CA ALA B 104 26.78 35.30 -0.61
C ALA B 104 28.21 35.49 -1.08
N GLY B 105 28.44 35.93 -2.32
CA GLY B 105 29.78 36.16 -2.82
C GLY B 105 30.44 34.93 -3.42
N ILE B 106 29.64 33.98 -3.87
CA ILE B 106 30.13 32.71 -4.42
C ILE B 106 29.87 32.71 -5.92
N PRO B 107 30.88 32.44 -6.76
CA PRO B 107 30.66 32.46 -8.21
C PRO B 107 29.74 31.33 -8.63
N VAL B 108 28.59 31.69 -9.23
CA VAL B 108 27.64 30.70 -9.72
C VAL B 108 27.07 31.21 -11.04
N PHE B 109 26.96 30.32 -12.03
CA PHE B 109 26.48 30.64 -13.37
C PHE B 109 25.37 29.63 -13.67
N ALA B 110 24.12 30.03 -13.46
CA ALA B 110 23.02 29.07 -13.51
C ALA B 110 21.67 29.76 -13.48
N TRP B 111 20.76 29.34 -14.36
CA TRP B 111 19.39 29.79 -14.30
C TRP B 111 18.50 28.72 -14.88
N LYS B 112 17.23 28.75 -14.48
CA LYS B 112 16.26 27.81 -15.03
C LYS B 112 15.90 28.23 -16.44
N GLY B 113 16.01 27.31 -17.39
CA GLY B 113 15.67 27.64 -18.76
C GLY B 113 16.82 28.12 -19.60
N GLU B 114 18.02 27.59 -19.39
CA GLU B 114 19.15 27.87 -20.26
C GLU B 114 18.94 27.24 -21.65
N THR B 115 19.52 27.86 -22.68
CA THR B 115 19.71 27.14 -23.93
C THR B 115 20.94 26.22 -23.81
N GLU B 116 21.12 25.34 -24.81
CA GLU B 116 22.31 24.47 -24.76
C GLU B 116 23.60 25.28 -24.86
N GLU B 117 23.58 26.36 -25.66
CA GLU B 117 24.76 27.22 -25.75
C GLU B 117 25.06 27.89 -24.41
N GLU B 118 24.03 28.36 -23.72
CA GLU B 118 24.23 29.00 -22.42
C GLU B 118 24.73 28.01 -21.39
N TYR B 119 24.21 26.78 -21.42
CA TYR B 119 24.68 25.71 -20.55
C TYR B 119 26.19 25.54 -20.63
N GLU B 120 26.72 25.51 -21.85
CA GLU B 120 28.15 25.29 -22.03
C GLU B 120 28.93 26.52 -21.60
N TRP B 121 28.42 27.71 -21.92
CA TRP B 121 29.04 28.94 -21.45
C TRP B 121 29.13 28.98 -19.93
N CYS B 122 28.07 28.55 -19.24
CA CYS B 122 28.09 28.52 -17.78
C CYS B 122 29.19 27.62 -17.23
N ILE B 123 29.34 26.41 -17.76
CA ILE B 123 30.43 25.57 -17.28
C ILE B 123 31.77 26.25 -17.55
N GLU B 124 31.91 26.89 -18.71
CA GLU B 124 33.15 27.55 -19.05
C GLU B 124 33.47 28.68 -18.08
N GLN B 125 32.45 29.38 -17.56
CA GLN B 125 32.69 30.47 -16.62
C GLN B 125 33.19 29.94 -15.27
N THR B 126 32.91 28.68 -14.94
CA THR B 126 33.55 28.11 -13.75
C THR B 126 35.00 27.76 -14.03
N ILE B 127 35.30 27.24 -15.21
CA ILE B 127 36.66 26.81 -15.56
C ILE B 127 37.60 28.01 -15.68
N LEU B 128 37.13 29.08 -16.31
CA LEU B 128 37.95 30.28 -16.56
C LEU B 128 37.57 31.36 -15.56
N LYS B 129 38.58 32.01 -15.00
CA LYS B 129 38.38 33.19 -14.18
C LYS B 129 39.23 34.31 -14.78
N ASP B 130 38.59 35.41 -15.17
CA ASP B 130 39.25 36.51 -15.84
C ASP B 130 39.98 36.06 -17.10
N GLY B 131 39.35 35.18 -17.87
CA GLY B 131 39.89 34.78 -19.15
C GLY B 131 40.98 33.74 -19.12
N GLN B 132 41.36 33.26 -17.94
CA GLN B 132 42.43 32.28 -17.81
C GLN B 132 41.92 31.14 -16.96
N PRO B 133 42.56 29.96 -17.07
CA PRO B 133 42.17 28.82 -16.24
C PRO B 133 42.28 29.17 -14.75
N TRP B 134 41.20 28.93 -14.02
CA TRP B 134 41.21 29.10 -12.58
C TRP B 134 42.18 28.08 -11.99
N ASP B 135 42.76 28.41 -10.83
CA ASP B 135 43.64 27.46 -10.15
C ASP B 135 42.85 26.36 -9.41
N ALA B 136 42.01 25.65 -10.16
CA ALA B 136 41.18 24.58 -9.61
C ALA B 136 42.06 23.41 -9.16
N ASN B 137 41.64 22.73 -8.11
CA ASN B 137 42.33 21.50 -7.73
C ASN B 137 41.37 20.37 -7.33
N MET B 138 40.05 20.58 -7.44
CA MET B 138 39.06 19.55 -7.16
C MET B 138 37.88 19.74 -8.10
N VAL B 139 37.15 18.64 -8.33
CA VAL B 139 36.00 18.63 -9.22
C VAL B 139 34.84 17.90 -8.52
N LEU B 140 33.66 18.49 -8.56
CA LEU B 140 32.45 17.82 -8.10
C LEU B 140 31.49 17.88 -9.29
N ASP B 141 31.01 16.72 -9.72
CA ASP B 141 30.27 16.64 -10.99
C ASP B 141 29.07 15.74 -10.80
N ASP B 142 28.08 15.95 -11.66
CA ASP B 142 26.82 15.18 -11.63
C ASP B 142 26.49 14.94 -13.11
N GLY B 143 26.88 13.77 -13.62
CA GLY B 143 26.58 13.39 -14.98
C GLY B 143 27.78 13.36 -15.89
N GLY B 144 28.89 13.97 -15.46
CA GLY B 144 30.14 13.89 -16.20
C GLY B 144 30.39 14.97 -17.23
N ASP B 145 29.53 15.99 -17.36
CA ASP B 145 29.72 16.97 -18.43
C ASP B 145 30.93 17.86 -18.16
N LEU B 146 31.07 18.36 -16.93
CA LEU B 146 32.26 19.13 -16.56
C LEU B 146 33.52 18.26 -16.70
N THR B 147 33.45 17.01 -16.24
CA THR B 147 34.59 16.10 -16.34
C THR B 147 35.02 15.90 -17.80
N GLU B 148 34.04 15.79 -18.71
CA GLU B 148 34.37 15.57 -20.11
C GLU B 148 35.03 16.81 -20.71
N ILE B 149 34.51 17.99 -20.39
CA ILE B 149 35.09 19.22 -20.94
C ILE B 149 36.53 19.38 -20.48
N LEU B 150 36.78 19.10 -19.19
CA LEU B 150 38.16 19.23 -18.69
C LEU B 150 39.08 18.26 -19.41
N HIS B 151 38.64 17.02 -19.61
CA HIS B 151 39.49 16.04 -20.26
C HIS B 151 39.73 16.38 -21.74
N LYS B 152 38.70 16.87 -22.42
CA LYS B 152 38.81 17.14 -23.86
C LYS B 152 39.53 18.46 -24.14
N LYS B 153 39.31 19.47 -23.31
CA LYS B 153 39.68 20.84 -23.63
C LYS B 153 40.70 21.46 -22.70
N TYR B 154 40.81 20.98 -21.45
CA TYR B 154 41.74 21.59 -20.48
C TYR B 154 42.58 20.52 -19.78
N PRO B 155 43.23 19.63 -20.53
CA PRO B 155 44.05 18.62 -19.84
C PRO B 155 45.13 19.21 -18.93
N GLN B 156 45.70 20.38 -19.26
CA GLN B 156 46.70 20.98 -18.37
C GLN B 156 46.11 21.31 -17.00
N MET B 157 44.82 21.63 -16.93
CA MET B 157 44.23 21.84 -15.62
C MET B 157 44.14 20.55 -14.83
N LEU B 158 43.91 19.42 -15.50
CA LEU B 158 43.77 18.18 -14.77
C LEU B 158 45.06 17.76 -14.10
N GLU B 159 46.21 18.21 -14.61
CA GLU B 159 47.49 17.90 -13.99
C GLU B 159 47.57 18.37 -12.55
N ARG B 160 46.79 19.40 -12.18
CA ARG B 160 46.84 20.03 -10.87
C ARG B 160 45.59 19.71 -10.03
N ILE B 161 44.73 18.82 -10.50
CA ILE B 161 43.48 18.47 -9.82
C ILE B 161 43.66 17.15 -9.07
N HIS B 162 43.24 17.12 -7.80
CA HIS B 162 43.45 15.94 -6.97
C HIS B 162 42.40 14.85 -7.16
N GLY B 163 41.25 15.17 -7.74
CA GLY B 163 40.21 14.16 -7.82
C GLY B 163 38.89 14.74 -8.24
N ILE B 164 37.98 13.82 -8.60
CA ILE B 164 36.61 14.10 -9.02
C ILE B 164 35.69 13.33 -8.08
N THR B 165 34.64 13.99 -7.57
CA THR B 165 33.60 13.28 -6.82
C THR B 165 32.33 13.32 -7.66
N GLU B 166 31.90 12.16 -8.14
CA GLU B 166 30.82 12.07 -9.13
C GLU B 166 29.53 11.55 -8.48
N GLU B 167 28.44 12.30 -8.70
CA GLU B 167 27.15 12.11 -8.03
C GLU B 167 26.36 10.92 -8.55
N THR B 168 26.31 10.70 -9.86
CA THR B 168 25.19 9.95 -10.41
C THR B 168 25.63 8.78 -11.30
N THR B 169 24.70 7.84 -11.46
CA THR B 169 24.99 6.58 -12.17
C THR B 169 25.59 6.84 -13.54
N THR B 170 24.97 7.72 -14.32
CA THR B 170 25.46 8.01 -15.67
C THR B 170 26.87 8.56 -15.64
N GLY B 171 27.16 9.46 -14.68
CA GLY B 171 28.52 9.99 -14.57
C GLY B 171 29.54 8.93 -14.22
N VAL B 172 29.18 8.00 -13.33
CA VAL B 172 30.10 6.92 -12.97
C VAL B 172 30.39 6.06 -14.19
N HIS B 173 29.36 5.75 -14.97
CA HIS B 173 29.59 4.95 -16.17
C HIS B 173 30.59 5.62 -17.10
N ARG B 174 30.48 6.94 -17.26
CA ARG B 174 31.42 7.67 -18.11
C ARG B 174 32.83 7.66 -17.52
N LEU B 175 32.95 7.73 -16.20
CA LEU B 175 34.28 7.60 -15.58
C LEU B 175 34.88 6.23 -15.84
N LEU B 176 34.08 5.18 -15.67
CA LEU B 176 34.60 3.83 -15.86
C LEU B 176 35.01 3.60 -17.32
N ASP B 177 34.32 4.23 -18.26
CA ASP B 177 34.71 4.13 -19.66
C ASP B 177 36.09 4.75 -19.88
N MET B 178 36.31 5.95 -19.32
CA MET B 178 37.63 6.57 -19.40
C MET B 178 38.69 5.70 -18.77
N LEU B 179 38.40 5.14 -17.57
CA LEU B 179 39.39 4.30 -16.90
C LEU B 179 39.72 3.07 -17.73
N LYS B 180 38.71 2.46 -18.36
CA LYS B 180 38.98 1.30 -19.20
C LYS B 180 39.82 1.68 -20.42
N ASN B 181 39.55 2.85 -21.00
CA ASN B 181 40.26 3.31 -22.19
C ASN B 181 41.60 3.93 -21.85
N GLY B 182 41.93 4.08 -20.57
CA GLY B 182 43.18 4.72 -20.24
C GLY B 182 43.18 6.22 -20.47
N THR B 183 42.01 6.86 -20.48
CA THR B 183 41.94 8.30 -20.70
C THR B 183 41.59 9.10 -19.44
N LEU B 184 41.28 8.44 -18.33
CA LEU B 184 41.00 9.17 -17.10
C LEU B 184 42.30 9.71 -16.53
N LYS B 185 42.30 10.98 -16.12
CA LYS B 185 43.53 11.66 -15.73
C LYS B 185 43.68 11.86 -14.22
N VAL B 186 42.59 11.75 -13.47
CA VAL B 186 42.62 11.93 -12.01
C VAL B 186 41.69 10.90 -11.38
N PRO B 187 41.97 10.52 -10.14
CA PRO B 187 41.11 9.52 -9.48
C PRO B 187 39.75 10.09 -9.15
N ALA B 188 38.79 9.19 -8.94
CA ALA B 188 37.45 9.65 -8.62
C ALA B 188 36.88 8.84 -7.46
N ILE B 189 35.99 9.48 -6.73
CA ILE B 189 35.07 8.76 -5.86
C ILE B 189 33.70 8.68 -6.50
N ASN B 190 33.18 7.46 -6.59
CA ASN B 190 31.83 7.14 -7.04
C ASN B 190 30.95 7.37 -5.83
N VAL B 191 30.38 8.58 -5.73
CA VAL B 191 29.47 8.91 -4.63
C VAL B 191 28.14 8.17 -4.80
N ASN B 192 27.74 7.92 -6.06
CA ASN B 192 26.45 7.30 -6.32
C ASN B 192 26.28 5.99 -5.58
N ASP B 193 27.35 5.20 -5.47
CA ASP B 193 27.18 3.84 -4.96
C ASP B 193 27.31 3.71 -3.45
N SER B 194 27.39 4.80 -2.69
CA SER B 194 27.09 4.66 -1.26
C SER B 194 25.64 4.23 -1.11
N VAL B 195 25.36 3.39 -0.11
CA VAL B 195 23.97 2.96 0.07
C VAL B 195 23.10 4.17 0.43
N THR B 196 23.63 5.08 1.25
CA THR B 196 22.91 6.30 1.59
C THR B 196 22.83 7.30 0.43
N LYS B 197 23.33 6.94 -0.74
CA LYS B 197 23.04 7.67 -1.97
C LYS B 197 22.15 6.82 -2.87
N SER B 198 22.71 5.80 -3.51
CA SER B 198 21.98 4.99 -4.50
C SER B 198 20.64 4.45 -3.98
N LYS B 199 20.61 3.92 -2.76
CA LYS B 199 19.38 3.32 -2.25
C LYS B 199 18.58 4.25 -1.37
N ASN B 200 18.82 5.55 -1.51
CA ASN B 200 18.13 6.61 -0.80
C ASN B 200 17.66 7.62 -1.85
N ASP B 201 18.59 8.41 -2.36
CA ASP B 201 18.36 9.38 -3.44
C ASP B 201 17.73 8.73 -4.68
N ASN B 202 18.44 7.78 -5.30
CA ASN B 202 17.99 7.32 -6.63
C ASN B 202 16.60 6.72 -6.55
N LYS B 203 16.32 6.01 -5.47
CA LYS B 203 15.03 5.30 -5.29
C LYS B 203 14.00 6.19 -4.62
N TYR B 204 14.20 6.49 -3.33
CA TYR B 204 13.17 7.25 -2.60
C TYR B 204 13.06 8.68 -3.10
N GLY B 205 14.14 9.27 -3.61
CA GLY B 205 14.02 10.63 -4.14
C GLY B 205 13.07 10.69 -5.32
N CYS B 206 13.17 9.71 -6.23
CA CYS B 206 12.25 9.66 -7.35
C CYS B 206 10.84 9.27 -6.91
N ARG B 207 10.70 8.45 -5.87
CA ARG B 207 9.37 8.17 -5.31
CA ARG B 207 9.37 8.18 -5.33
C ARG B 207 8.69 9.46 -4.86
N HIS B 208 9.43 10.33 -4.17
CA HIS B 208 8.86 11.60 -3.74
C HIS B 208 8.56 12.53 -4.91
N SER B 209 9.50 12.64 -5.86
CA SER B 209 9.48 13.77 -6.79
C SER B 209 8.92 13.47 -8.18
N LEU B 210 8.74 12.20 -8.56
CA LEU B 210 8.16 11.96 -9.88
C LEU B 210 6.69 12.35 -9.92
N ASN B 211 5.87 11.80 -9.02
CA ASN B 211 4.47 12.20 -9.03
CA ASN B 211 4.47 12.20 -9.00
C ASN B 211 4.32 13.69 -8.75
N ASP B 212 5.20 14.26 -7.93
CA ASP B 212 5.24 15.70 -7.68
C ASP B 212 5.32 16.48 -8.99
N ALA B 213 6.30 16.14 -9.83
CA ALA B 213 6.52 16.87 -11.07
C ALA B 213 5.37 16.66 -12.05
N ILE B 214 4.80 15.45 -12.10
CA ILE B 214 3.68 15.23 -13.02
C ILE B 214 2.46 16.04 -12.59
N LYS B 215 2.19 16.10 -11.27
CA LYS B 215 1.07 16.91 -10.81
C LYS B 215 1.30 18.38 -11.09
N ARG B 216 2.52 18.88 -10.86
CA ARG B 216 2.74 20.30 -11.08
C ARG B 216 2.61 20.64 -12.55
N GLY B 217 3.06 19.74 -13.43
CA GLY B 217 3.02 20.03 -14.86
C GLY B 217 1.63 19.95 -15.47
N THR B 218 0.84 18.94 -15.06
CA THR B 218 -0.44 18.64 -15.70
C THR B 218 -1.65 18.73 -14.78
N ASP B 219 -1.46 18.65 -13.47
CA ASP B 219 -2.57 18.48 -12.52
C ASP B 219 -3.45 17.28 -12.85
N HIS B 220 -2.90 16.27 -13.51
CA HIS B 220 -3.67 15.08 -13.86
C HIS B 220 -3.90 14.18 -12.66
N LEU B 221 -5.14 13.72 -12.49
CA LEU B 221 -5.39 12.55 -11.64
C LEU B 221 -4.54 11.41 -12.14
N LEU B 222 -3.84 10.73 -11.23
CA LEU B 222 -3.11 9.53 -11.62
C LEU B 222 -3.85 8.24 -11.28
N SER B 223 -4.63 8.22 -10.18
CA SER B 223 -5.31 7.00 -9.76
C SER B 223 -6.20 6.48 -10.88
N GLY B 224 -6.16 5.18 -11.09
CA GLY B 224 -7.04 4.52 -12.03
C GLY B 224 -6.50 4.45 -13.44
N LYS B 225 -5.42 5.17 -13.73
CA LYS B 225 -4.87 5.25 -15.08
C LYS B 225 -3.69 4.30 -15.23
N GLN B 226 -3.28 4.08 -16.48
CA GLN B 226 -2.27 3.10 -16.84
CA GLN B 226 -2.27 3.09 -16.82
C GLN B 226 -0.93 3.76 -17.07
N ALA B 227 0.11 3.27 -16.40
CA ALA B 227 1.47 3.76 -16.57
C ALA B 227 2.37 2.63 -17.06
N LEU B 228 3.37 3.00 -17.87
CA LEU B 228 4.45 2.10 -18.29
C LEU B 228 5.75 2.74 -17.87
N VAL B 229 6.48 2.08 -16.97
CA VAL B 229 7.79 2.55 -16.53
C VAL B 229 8.85 1.72 -17.24
N ILE B 230 9.74 2.40 -17.96
CA ILE B 230 10.81 1.73 -18.69
C ILE B 230 12.01 1.70 -17.77
N GLY B 231 12.34 0.52 -17.26
CA GLY B 231 13.46 0.32 -16.37
C GLY B 231 13.00 0.09 -14.93
N TYR B 232 13.80 -0.70 -14.19
CA TYR B 232 13.49 -1.07 -12.80
C TYR B 232 14.79 -1.23 -12.01
N GLY B 233 15.76 -0.34 -12.28
CA GLY B 233 16.91 -0.14 -11.40
C GLY B 233 16.49 0.73 -10.25
N ASP B 234 17.42 1.47 -9.66
CA ASP B 234 17.01 2.23 -8.46
C ASP B 234 15.99 3.30 -8.82
N VAL B 235 16.24 4.05 -9.90
CA VAL B 235 15.31 5.10 -10.31
C VAL B 235 13.98 4.51 -10.73
N GLY B 236 14.00 3.41 -11.51
CA GLY B 236 12.74 2.78 -11.93
C GLY B 236 11.95 2.19 -10.78
N LYS B 237 12.64 1.63 -9.79
CA LYS B 237 11.96 1.16 -8.58
C LYS B 237 11.23 2.30 -7.88
N GLY B 238 11.93 3.41 -7.66
CA GLY B 238 11.30 4.53 -6.97
C GLY B 238 10.20 5.16 -7.79
N SER B 239 10.43 5.29 -9.11
CA SER B 239 9.41 5.84 -10.01
C SER B 239 8.16 4.99 -10.01
N SER B 240 8.31 3.67 -10.11
CA SER B 240 7.14 2.79 -10.16
C SER B 240 6.33 2.94 -8.89
N GLN B 241 7.01 3.06 -7.76
CA GLN B 241 6.32 3.24 -6.48
C GLN B 241 5.63 4.60 -6.42
N SER B 242 6.28 5.66 -6.93
CA SER B 242 5.67 6.97 -6.96
C SER B 242 4.29 6.92 -7.61
N LEU B 243 4.18 6.12 -8.67
CA LEU B 243 2.93 6.04 -9.41
C LEU B 243 1.95 5.03 -8.81
N ARG B 244 2.46 3.88 -8.38
CA ARG B 244 1.59 2.85 -7.80
C ARG B 244 0.96 3.35 -6.49
N GLN B 245 1.70 4.11 -5.70
CA GLN B 245 1.12 4.61 -4.44
C GLN B 245 0.01 5.63 -4.67
N GLU B 246 -0.02 6.25 -5.85
CA GLU B 246 -1.11 7.15 -6.22
C GLU B 246 -2.30 6.40 -6.79
N GLY B 247 -2.21 5.09 -6.94
CA GLY B 247 -3.29 4.31 -7.51
C GLY B 247 -3.18 4.05 -9.01
N MET B 248 -2.03 4.34 -9.64
CA MET B 248 -1.88 3.96 -11.04
C MET B 248 -1.78 2.45 -11.17
N ILE B 249 -2.21 1.94 -12.31
CA ILE B 249 -1.97 0.54 -12.69
C ILE B 249 -0.66 0.58 -13.47
N VAL B 250 0.41 0.07 -12.87
CA VAL B 250 1.76 0.28 -13.37
C VAL B 250 2.26 -1.00 -14.00
N LYS B 251 2.76 -0.90 -15.22
CA LYS B 251 3.47 -1.97 -15.92
C LYS B 251 4.93 -1.56 -16.06
N VAL B 252 5.83 -2.55 -16.06
CA VAL B 252 7.28 -2.31 -16.00
C VAL B 252 7.95 -3.03 -17.15
N ALA B 253 8.86 -2.34 -17.85
CA ALA B 253 9.72 -2.97 -18.84
C ALA B 253 11.16 -3.05 -18.32
N GLU B 254 11.86 -4.14 -18.66
CA GLU B 254 13.25 -4.28 -18.26
C GLU B 254 13.97 -5.16 -19.26
N VAL B 255 15.29 -4.91 -19.40
CA VAL B 255 16.19 -5.83 -20.09
C VAL B 255 16.94 -6.73 -19.12
N ASP B 256 16.92 -6.43 -17.82
CA ASP B 256 17.65 -7.23 -16.86
C ASP B 256 16.65 -8.16 -16.17
N PRO B 257 16.76 -9.49 -16.33
CA PRO B 257 15.76 -10.39 -15.75
C PRO B 257 15.73 -10.37 -14.24
N ILE B 258 16.84 -10.02 -13.57
CA ILE B 258 16.82 -9.94 -12.10
C ILE B 258 15.96 -8.77 -11.65
N CYS B 259 16.17 -7.60 -12.27
CA CYS B 259 15.31 -6.47 -11.97
C CYS B 259 13.86 -6.76 -12.33
N ALA B 260 13.64 -7.49 -13.43
CA ALA B 260 12.28 -7.87 -13.80
C ALA B 260 11.65 -8.79 -12.76
N MET B 261 12.45 -9.71 -12.22
N MET B 261 12.44 -9.71 -12.21
CA MET B 261 11.96 -10.59 -11.16
CA MET B 261 11.93 -10.59 -11.15
C MET B 261 11.51 -9.78 -9.95
C MET B 261 11.49 -9.76 -9.96
N GLN B 262 12.30 -8.77 -9.57
CA GLN B 262 11.89 -7.90 -8.49
C GLN B 262 10.58 -7.19 -8.78
N ALA B 263 10.42 -6.69 -10.02
CA ALA B 263 9.17 -5.99 -10.35
C ALA B 263 7.97 -6.93 -10.23
N CYS B 264 8.11 -8.18 -10.66
CA CYS B 264 7.00 -9.12 -10.52
C CYS B 264 6.64 -9.34 -9.06
N MET B 265 7.64 -9.64 -8.24
CA MET B 265 7.40 -9.88 -6.82
C MET B 265 6.93 -8.63 -6.09
N ASP B 266 7.25 -7.44 -6.62
CA ASP B 266 6.74 -6.18 -6.07
C ASP B 266 5.31 -5.89 -6.48
N GLY B 267 4.71 -6.74 -7.33
CA GLY B 267 3.31 -6.61 -7.67
C GLY B 267 3.04 -5.93 -8.99
N PHE B 268 4.01 -5.90 -9.90
CA PHE B 268 3.84 -5.27 -11.19
C PHE B 268 3.83 -6.32 -12.30
N GLU B 269 3.09 -6.03 -13.34
CA GLU B 269 3.12 -6.82 -14.56
C GLU B 269 4.30 -6.34 -15.42
N VAL B 270 5.14 -7.28 -15.85
CA VAL B 270 6.34 -6.97 -16.63
C VAL B 270 6.04 -7.20 -18.10
N VAL B 271 6.19 -6.13 -18.91
CA VAL B 271 5.78 -6.12 -20.31
C VAL B 271 6.89 -5.50 -21.14
N SER B 272 6.84 -5.77 -22.44
CA SER B 272 7.77 -5.10 -23.35
C SER B 272 7.00 -4.26 -24.34
N PRO B 273 7.51 -3.09 -24.72
CA PRO B 273 6.90 -2.34 -25.83
C PRO B 273 6.92 -3.11 -27.14
N TYR B 274 7.77 -4.13 -27.25
CA TYR B 274 7.94 -4.86 -28.50
C TYR B 274 7.41 -6.27 -28.36
N LYS B 275 6.86 -6.80 -29.45
CA LYS B 275 6.36 -8.16 -29.46
C LYS B 275 7.49 -9.12 -29.17
N ASN B 276 7.30 -9.95 -28.14
CA ASN B 276 8.31 -10.91 -27.71
C ASN B 276 9.61 -10.24 -27.29
N GLY B 277 9.56 -8.94 -27.06
CA GLY B 277 10.71 -8.20 -26.60
C GLY B 277 11.73 -7.87 -27.67
N ILE B 278 11.42 -8.08 -28.95
CA ILE B 278 12.39 -7.96 -30.04
C ILE B 278 12.22 -6.59 -30.69
N ASN B 279 13.22 -5.72 -30.50
CA ASN B 279 13.21 -4.34 -30.99
C ASN B 279 14.00 -4.34 -32.29
N ASP B 280 13.30 -4.56 -33.40
CA ASP B 280 13.94 -4.64 -34.71
C ASP B 280 13.86 -3.33 -35.50
N GLY B 281 13.35 -2.25 -34.89
CA GLY B 281 13.29 -0.96 -35.55
C GLY B 281 12.02 -0.67 -36.31
N THR B 282 11.09 -1.62 -36.42
CA THR B 282 9.93 -1.48 -37.30
C THR B 282 8.65 -1.17 -36.53
N GLU B 283 7.69 -0.56 -37.24
CA GLU B 283 6.36 -0.40 -36.65
C GLU B 283 5.73 -1.75 -36.33
N ALA B 284 6.03 -2.77 -37.12
CA ALA B 284 5.40 -4.07 -36.92
C ALA B 284 5.80 -4.68 -35.58
N SER B 285 6.98 -4.33 -35.08
CA SER B 285 7.41 -4.88 -33.79
C SER B 285 6.70 -4.26 -32.58
N ILE B 286 5.98 -3.15 -32.75
CA ILE B 286 5.37 -2.46 -31.61
C ILE B 286 4.13 -3.22 -31.15
N ASP B 287 4.02 -3.46 -29.84
CA ASP B 287 2.78 -3.97 -29.26
C ASP B 287 1.79 -2.80 -29.20
N ALA B 288 1.11 -2.59 -30.33
CA ALA B 288 0.19 -1.45 -30.46
C ALA B 288 -0.97 -1.54 -29.48
N ALA B 289 -1.46 -2.75 -29.20
CA ALA B 289 -2.55 -2.88 -28.24
C ALA B 289 -2.12 -2.41 -26.86
N LEU B 290 -0.92 -2.79 -26.43
CA LEU B 290 -0.39 -2.32 -25.14
C LEU B 290 -0.20 -0.81 -25.14
N LEU B 291 0.52 -0.28 -26.13
CA LEU B 291 0.86 1.14 -26.08
C LEU B 291 -0.38 2.00 -26.18
N GLY B 292 -1.39 1.53 -26.90
CA GLY B 292 -2.66 2.23 -27.04
C GLY B 292 -3.48 2.31 -25.77
N LYS B 293 -3.06 1.64 -24.70
CA LYS B 293 -3.75 1.68 -23.41
C LYS B 293 -3.00 2.51 -22.39
N ILE B 294 -1.81 3.01 -22.71
CA ILE B 294 -0.94 3.64 -21.71
C ILE B 294 -1.19 5.15 -21.64
N ASP B 295 -1.47 5.64 -20.43
CA ASP B 295 -1.72 7.07 -20.21
C ASP B 295 -0.48 7.86 -19.83
N LEU B 296 0.58 7.17 -19.41
CA LEU B 296 1.79 7.83 -18.91
C LEU B 296 2.96 6.88 -19.13
N ILE B 297 4.00 7.36 -19.81
CA ILE B 297 5.24 6.61 -19.94
C ILE B 297 6.39 7.39 -19.30
N VAL B 298 7.22 6.69 -18.54
CA VAL B 298 8.34 7.31 -17.81
C VAL B 298 9.58 6.49 -18.11
N THR B 299 10.64 7.15 -18.59
CA THR B 299 11.91 6.46 -18.84
C THR B 299 12.88 6.66 -17.67
N THR B 300 13.57 5.56 -17.29
CA THR B 300 14.39 5.56 -16.07
C THR B 300 15.75 4.88 -16.26
N THR B 301 16.26 4.78 -17.49
CA THR B 301 17.25 3.74 -17.77
C THR B 301 18.70 4.22 -17.79
N GLY B 302 18.98 5.49 -18.10
CA GLY B 302 20.36 5.84 -18.46
C GLY B 302 20.81 5.34 -19.82
N ASN B 303 19.91 4.81 -20.61
CA ASN B 303 20.21 4.21 -21.90
C ASN B 303 19.67 5.14 -22.98
N VAL B 304 19.84 4.75 -24.24
CA VAL B 304 19.49 5.59 -25.39
C VAL B 304 18.25 5.06 -26.10
N ASN B 305 17.31 5.95 -26.41
CA ASN B 305 16.17 5.64 -27.29
C ASN B 305 15.32 4.49 -26.76
N VAL B 306 14.96 4.56 -25.48
CA VAL B 306 14.10 3.53 -24.91
C VAL B 306 12.62 3.89 -25.01
N CYS B 307 12.30 5.13 -25.35
CA CYS B 307 10.96 5.49 -25.79
C CYS B 307 11.12 6.06 -27.19
N ASP B 308 10.96 5.20 -28.20
CA ASP B 308 11.40 5.52 -29.54
C ASP B 308 10.23 6.06 -30.39
N ALA B 309 10.54 6.38 -31.64
CA ALA B 309 9.56 7.04 -32.49
C ALA B 309 8.32 6.17 -32.73
N ASN B 310 8.52 4.87 -32.92
CA ASN B 310 7.39 3.98 -33.17
C ASN B 310 6.53 3.83 -31.93
N MET B 311 7.16 3.81 -30.75
CA MET B 311 6.40 3.82 -29.51
C MET B 311 5.59 5.10 -29.40
N LEU B 312 6.19 6.23 -29.75
CA LEU B 312 5.49 7.50 -29.64
C LEU B 312 4.31 7.57 -30.60
N LYS B 313 4.44 7.00 -31.80
CA LYS B 313 3.34 6.97 -32.74
C LYS B 313 2.19 6.09 -32.25
N ALA B 314 2.50 5.06 -31.46
CA ALA B 314 1.51 4.09 -31.01
C ALA B 314 0.83 4.46 -29.71
N LEU B 315 1.37 5.43 -28.96
CA LEU B 315 0.82 5.73 -27.65
C LEU B 315 -0.62 6.20 -27.75
N LYS B 316 -1.40 5.85 -26.73
CA LYS B 316 -2.76 6.35 -26.57
C LYS B 316 -2.80 7.87 -26.69
N LYS B 317 -3.86 8.37 -27.34
CA LYS B 317 -4.02 9.82 -27.43
C LYS B 317 -4.00 10.44 -26.05
N ARG B 318 -3.31 11.56 -25.92
CA ARG B 318 -3.23 12.42 -24.73
C ARG B 318 -2.35 11.83 -23.63
N ALA B 319 -1.56 10.82 -23.95
CA ALA B 319 -0.64 10.26 -22.96
C ALA B 319 0.41 11.29 -22.60
N VAL B 320 0.91 11.19 -21.36
CA VAL B 320 2.04 12.00 -20.88
C VAL B 320 3.31 11.19 -21.09
N VAL B 321 4.35 11.86 -21.58
CA VAL B 321 5.66 11.28 -21.83
C VAL B 321 6.68 12.05 -21.01
N CYS B 322 7.49 11.34 -20.21
CA CYS B 322 8.54 12.04 -19.48
C CYS B 322 9.72 11.12 -19.21
N ASN B 323 10.84 11.74 -18.86
CA ASN B 323 12.08 11.03 -18.60
C ASN B 323 12.64 11.51 -17.27
N ILE B 324 13.08 10.56 -16.44
CA ILE B 324 13.70 10.90 -15.16
C ILE B 324 15.13 10.36 -15.09
N GLY B 325 15.64 9.78 -16.21
CA GLY B 325 17.07 9.49 -16.33
C GLY B 325 17.87 10.76 -16.59
N HIS B 326 19.20 10.64 -16.59
CA HIS B 326 20.02 11.86 -16.60
C HIS B 326 19.90 12.66 -17.89
N PHE B 327 19.82 12.01 -19.04
CA PHE B 327 19.87 12.69 -20.32
C PHE B 327 18.60 12.50 -21.11
N ASP B 328 18.26 13.49 -21.94
CA ASP B 328 16.98 13.48 -22.67
C ASP B 328 16.96 12.49 -23.82
N ASN B 329 18.09 11.93 -24.21
CA ASN B 329 18.11 10.99 -25.32
C ASN B 329 17.44 9.63 -25.01
N GLU B 330 16.93 9.42 -23.79
CA GLU B 330 16.08 8.25 -23.55
C GLU B 330 14.83 8.28 -24.43
N ILE B 331 14.36 9.47 -24.78
CA ILE B 331 13.16 9.66 -25.61
C ILE B 331 13.60 10.24 -26.94
N ASP B 332 13.00 9.75 -28.03
CA ASP B 332 13.30 10.31 -29.35
C ASP B 332 12.52 11.61 -29.56
N THR B 333 12.94 12.65 -28.83
CA THR B 333 12.31 13.96 -29.01
C THR B 333 12.70 14.59 -30.34
N ALA B 334 13.87 14.25 -30.89
CA ALA B 334 14.23 14.77 -32.21
C ALA B 334 13.21 14.37 -33.27
N PHE B 335 12.74 13.12 -33.23
CA PHE B 335 11.69 12.70 -34.15
C PHE B 335 10.46 13.58 -34.03
N MET B 336 10.05 13.87 -32.79
CA MET B 336 8.88 14.70 -32.55
C MET B 336 9.10 16.13 -33.03
N ARG B 337 10.30 16.69 -32.83
CA ARG B 337 10.58 18.03 -33.35
C ARG B 337 10.53 18.04 -34.86
N LYS B 338 10.96 16.97 -35.50
CA LYS B 338 11.03 17.00 -36.95
C LYS B 338 9.66 16.78 -37.59
N ASN B 339 8.74 16.08 -36.92
CA ASN B 339 7.53 15.63 -37.58
C ASN B 339 6.22 16.21 -37.06
N TRP B 340 6.18 16.73 -35.83
CA TRP B 340 4.94 17.06 -35.16
C TRP B 340 5.00 18.50 -34.64
N ALA B 341 3.81 19.10 -34.46
CA ALA B 341 3.70 20.50 -34.06
C ALA B 341 3.63 20.62 -32.55
N TRP B 342 4.47 21.49 -31.99
CA TRP B 342 4.58 21.65 -30.55
C TRP B 342 3.79 22.87 -30.11
N GLU B 343 2.98 22.73 -29.05
CA GLU B 343 2.18 23.82 -28.51
C GLU B 343 2.58 23.95 -27.04
N GLU B 344 3.19 25.07 -26.68
CA GLU B 344 3.59 25.23 -25.27
C GLU B 344 2.34 25.50 -24.42
N VAL B 345 2.10 24.67 -23.41
CA VAL B 345 1.02 24.94 -22.45
C VAL B 345 1.45 26.00 -21.47
N LYS B 346 2.67 25.84 -20.90
CA LYS B 346 3.34 26.70 -19.93
C LYS B 346 4.78 26.21 -19.91
N PRO B 347 5.71 26.90 -19.24
CA PRO B 347 7.11 26.45 -19.28
C PRO B 347 7.25 24.97 -18.93
N GLN B 348 8.03 24.25 -19.73
CA GLN B 348 8.32 22.83 -19.51
C GLN B 348 7.10 21.93 -19.65
N VAL B 349 6.02 22.38 -20.30
CA VAL B 349 4.89 21.51 -20.61
C VAL B 349 4.50 21.78 -22.05
N HIS B 350 4.62 20.78 -22.92
CA HIS B 350 4.28 20.95 -24.32
C HIS B 350 3.30 19.88 -24.79
N LYS B 351 2.28 20.29 -25.54
CA LYS B 351 1.47 19.35 -26.28
C LYS B 351 2.12 19.13 -27.63
N ILE B 352 2.27 17.87 -28.04
CA ILE B 352 2.91 17.53 -29.30
C ILE B 352 1.81 16.96 -30.18
N HIS B 353 1.43 17.70 -31.23
CA HIS B 353 0.29 17.34 -32.05
C HIS B 353 0.70 16.38 -33.17
N ARG B 354 0.18 15.16 -33.12
CA ARG B 354 0.58 14.13 -34.09
C ARG B 354 -0.11 14.27 -35.43
N THR B 355 -0.89 15.34 -35.63
CA THR B 355 -1.58 15.59 -36.87
C THR B 355 -0.68 16.15 -37.97
N GLY B 356 0.57 16.49 -37.67
CA GLY B 356 1.45 17.06 -38.68
C GLY B 356 2.35 18.15 -38.10
N LYS B 357 3.20 18.75 -38.94
CA LYS B 357 4.23 19.66 -38.47
C LYS B 357 3.86 21.13 -38.63
N ASP B 358 3.09 21.47 -39.65
CA ASP B 358 2.89 22.88 -40.03
C ASP B 358 2.26 23.68 -38.91
N GLY B 359 1.05 23.30 -38.51
CA GLY B 359 0.40 23.91 -37.36
C GLY B 359 -0.50 22.90 -36.68
N PHE B 360 -1.49 23.38 -35.92
CA PHE B 360 -2.40 22.47 -35.23
C PHE B 360 -3.72 23.18 -34.98
N ASP B 361 -4.77 22.38 -34.82
CA ASP B 361 -6.05 22.89 -34.36
C ASP B 361 -6.00 22.93 -32.83
N ALA B 362 -6.39 24.08 -32.28
CA ALA B 362 -6.32 24.29 -30.83
C ALA B 362 -7.15 23.26 -30.06
N HIS B 363 -8.15 22.66 -30.69
CA HIS B 363 -8.97 21.63 -30.07
C HIS B 363 -8.67 20.23 -30.57
N ASN B 364 -7.56 20.03 -31.28
CA ASN B 364 -7.14 18.68 -31.68
C ASN B 364 -7.10 17.76 -30.47
N ASP B 365 -7.55 16.52 -30.66
CA ASP B 365 -7.52 15.52 -29.58
C ASP B 365 -6.34 14.57 -29.67
N ASP B 366 -5.58 14.60 -30.76
CA ASP B 366 -4.51 13.64 -30.98
C ASP B 366 -3.18 14.31 -30.72
N TYR B 367 -2.83 14.42 -29.44
CA TYR B 367 -1.57 15.01 -29.02
C TYR B 367 -1.03 14.19 -27.87
N LEU B 368 0.27 14.34 -27.62
CA LEU B 368 0.93 13.85 -26.42
C LEU B 368 1.35 15.06 -25.59
N ILE B 369 1.50 14.86 -24.28
CA ILE B 369 2.05 15.90 -23.40
C ILE B 369 3.46 15.47 -22.99
N LEU B 370 4.46 16.25 -23.41
CA LEU B 370 5.86 16.02 -23.06
C LEU B 370 6.21 16.98 -21.94
N LEU B 371 6.86 16.46 -20.87
CA LEU B 371 7.28 17.30 -19.77
C LEU B 371 8.79 17.57 -19.87
N ALA B 372 9.17 18.81 -19.56
CA ALA B 372 10.57 19.27 -19.49
C ALA B 372 11.36 18.98 -20.77
N GLU B 373 10.66 18.95 -21.90
CA GLU B 373 11.27 18.66 -23.20
C GLU B 373 12.11 17.38 -23.14
N GLY B 374 11.69 16.44 -22.29
CA GLY B 374 12.36 15.17 -22.13
C GLY B 374 13.55 15.20 -21.19
N ARG B 375 13.86 16.36 -20.58
CA ARG B 375 14.95 16.42 -19.62
C ARG B 375 14.42 15.94 -18.28
N LEU B 376 15.35 15.70 -17.33
CA LEU B 376 15.00 15.16 -16.00
C LEU B 376 13.77 15.83 -15.43
N VAL B 377 12.66 15.07 -15.31
CA VAL B 377 11.35 15.67 -15.09
C VAL B 377 11.19 16.14 -13.65
N ASN B 378 11.75 15.41 -12.68
CA ASN B 378 11.57 15.80 -11.29
C ASN B 378 12.15 17.18 -11.01
N LEU B 379 13.34 17.46 -11.58
CA LEU B 379 13.98 18.76 -11.44
C LEU B 379 13.43 19.79 -12.42
N GLY B 380 12.93 19.36 -13.57
CA GLY B 380 12.48 20.28 -14.60
C GLY B 380 11.09 20.83 -14.30
N ASN B 381 10.20 19.98 -13.77
CA ASN B 381 8.82 20.37 -13.50
C ASN B 381 8.50 20.50 -12.03
N ALA B 382 9.44 20.15 -11.13
CA ALA B 382 9.24 20.36 -9.71
C ALA B 382 10.56 20.85 -9.11
N THR B 383 10.99 20.30 -7.97
CA THR B 383 12.21 20.77 -7.33
C THR B 383 13.18 19.63 -7.08
N GLY B 384 13.04 18.54 -7.81
CA GLY B 384 13.91 17.41 -7.56
C GLY B 384 13.65 16.80 -6.19
N HIS B 385 14.67 16.13 -5.69
CA HIS B 385 14.50 15.37 -4.46
C HIS B 385 14.40 16.35 -3.29
N PRO B 386 13.75 15.93 -2.20
CA PRO B 386 13.64 16.79 -1.02
C PRO B 386 14.96 16.86 -0.23
N SER B 387 15.08 17.95 0.54
CA SER B 387 16.26 18.20 1.34
C SER B 387 16.67 17.00 2.20
N ARG B 388 15.71 16.39 2.89
CA ARG B 388 16.09 15.33 3.83
C ARG B 388 16.63 14.07 3.11
N ILE B 389 16.28 13.86 1.84
CA ILE B 389 16.91 12.80 1.06
C ILE B 389 18.27 13.25 0.54
N MET B 390 18.36 14.47 -0.01
CA MET B 390 19.64 14.95 -0.52
C MET B 390 20.70 15.06 0.58
N ASP B 391 20.26 15.15 1.84
CA ASP B 391 21.17 15.11 2.98
C ASP B 391 22.17 13.95 2.85
N GLY B 392 21.68 12.77 2.52
CA GLY B 392 22.57 11.61 2.42
C GLY B 392 23.54 11.76 1.27
N SER B 393 23.05 12.11 0.09
CA SER B 393 23.92 12.27 -1.08
C SER B 393 25.02 13.30 -0.80
N PHE B 394 24.63 14.43 -0.22
CA PHE B 394 25.54 15.55 -0.12
C PHE B 394 26.46 15.42 1.07
N ALA B 395 26.08 14.70 2.14
CA ALA B 395 27.07 14.36 3.15
C ALA B 395 28.16 13.46 2.56
N ASN B 396 27.77 12.49 1.72
CA ASN B 396 28.76 11.69 1.02
C ASN B 396 29.67 12.56 0.15
N GLN B 397 29.09 13.51 -0.59
CA GLN B 397 29.93 14.40 -1.42
C GLN B 397 30.96 15.13 -0.58
N VAL B 398 30.53 15.70 0.55
CA VAL B 398 31.48 16.43 1.40
C VAL B 398 32.60 15.51 1.86
N LEU B 399 32.25 14.30 2.32
CA LEU B 399 33.27 13.37 2.78
C LEU B 399 34.21 12.98 1.64
N ALA B 400 33.68 12.81 0.45
CA ALA B 400 34.52 12.42 -0.70
C ALA B 400 35.47 13.53 -1.09
N GLN B 401 34.99 14.77 -1.05
CA GLN B 401 35.86 15.92 -1.30
C GLN B 401 36.99 15.97 -0.28
N ILE B 402 36.66 15.83 1.01
CA ILE B 402 37.71 15.82 2.03
C ILE B 402 38.74 14.73 1.76
N HIS B 403 38.26 13.52 1.45
CA HIS B 403 39.18 12.39 1.26
C HIS B 403 40.13 12.63 0.09
N LEU B 404 39.60 12.98 -1.08
CA LEU B 404 40.49 13.17 -2.23
C LEU B 404 41.37 14.39 -2.07
N PHE B 405 40.84 15.46 -1.47
CA PHE B 405 41.68 16.63 -1.25
C PHE B 405 42.83 16.31 -0.30
N GLU B 406 42.57 15.50 0.74
CA GLU B 406 43.66 15.18 1.66
C GLU B 406 44.71 14.27 1.02
N GLN B 407 44.30 13.43 0.06
CA GLN B 407 45.23 12.50 -0.58
CA GLN B 407 45.24 12.50 -0.56
C GLN B 407 46.21 13.21 -1.50
N LYS B 408 45.82 14.36 -2.07
CA LYS B 408 46.73 15.21 -2.84
C LYS B 408 47.34 14.49 -4.05
N TYR B 409 46.51 13.77 -4.79
CA TYR B 409 47.00 13.02 -5.95
C TYR B 409 47.83 13.86 -6.91
N ALA B 410 47.46 15.13 -7.14
CA ALA B 410 48.20 15.90 -8.15
C ALA B 410 49.66 16.12 -7.78
N ASP B 411 49.99 16.09 -6.48
CA ASP B 411 51.36 16.32 -6.02
C ASP B 411 52.18 15.04 -5.93
N LEU B 412 51.61 13.87 -6.24
CA LEU B 412 52.35 12.62 -6.14
C LEU B 412 53.30 12.44 -7.33
N PRO B 413 54.40 11.71 -7.12
CA PRO B 413 55.26 11.32 -8.24
C PRO B 413 54.48 10.47 -9.25
N ALA B 414 54.99 10.46 -10.49
CA ALA B 414 54.29 9.75 -11.56
C ALA B 414 54.02 8.29 -11.20
N ALA B 415 55.01 7.63 -10.58
CA ALA B 415 54.87 6.22 -10.25
C ALA B 415 53.74 6.00 -9.26
N GLU B 416 53.58 6.93 -8.30
CA GLU B 416 52.53 6.79 -7.30
C GLU B 416 51.15 7.14 -7.87
N LYS B 417 51.09 8.13 -8.77
CA LYS B 417 49.83 8.40 -9.45
C LYS B 417 49.29 7.16 -10.12
N ALA B 418 50.15 6.42 -10.82
CA ALA B 418 49.73 5.24 -11.56
C ALA B 418 49.13 4.19 -10.63
N LYS B 419 49.63 4.12 -9.39
CA LYS B 419 49.07 3.18 -8.41
C LYS B 419 47.71 3.64 -7.91
N ARG B 420 47.47 4.94 -7.89
CA ARG B 420 46.31 5.51 -7.24
C ARG B 420 45.19 5.89 -8.20
N LEU B 421 45.38 5.68 -9.51
CA LEU B 421 44.42 6.13 -10.50
C LEU B 421 43.28 5.13 -10.57
N SER B 422 42.20 5.42 -9.86
CA SER B 422 41.09 4.48 -9.77
C SER B 422 39.78 5.24 -9.58
N VAL B 423 38.69 4.51 -9.69
CA VAL B 423 37.36 4.97 -9.29
C VAL B 423 36.94 4.11 -8.10
N GLU B 424 36.74 4.74 -6.94
CA GLU B 424 36.48 4.00 -5.70
C GLU B 424 35.24 4.53 -5.02
N VAL B 425 34.68 3.73 -4.10
CA VAL B 425 33.58 4.20 -3.27
C VAL B 425 34.11 4.53 -1.88
N LEU B 426 33.31 5.25 -1.11
CA LEU B 426 33.64 5.50 0.29
C LEU B 426 33.52 4.23 1.13
N PRO B 427 34.35 4.10 2.17
CA PRO B 427 34.25 2.94 3.06
C PRO B 427 32.88 2.84 3.74
N LYS B 428 32.51 1.60 4.08
CA LYS B 428 31.20 1.36 4.66
C LYS B 428 31.01 2.08 6.00
N LYS B 429 32.05 2.19 6.81
CA LYS B 429 31.91 2.92 8.07
C LYS B 429 31.36 4.34 7.87
N LEU B 430 31.80 5.04 6.83
CA LEU B 430 31.26 6.37 6.53
C LEU B 430 29.80 6.31 6.09
N ASP B 431 29.48 5.35 5.22
CA ASP B 431 28.10 5.13 4.79
C ASP B 431 27.20 4.95 6.00
N GLU B 432 27.68 4.20 7.01
CA GLU B 432 26.85 3.93 8.19
C GLU B 432 26.70 5.18 9.06
N GLU B 433 27.76 5.98 9.19
CA GLU B 433 27.69 7.20 9.99
C GLU B 433 26.76 8.23 9.37
N VAL B 434 26.76 8.34 8.04
CA VAL B 434 25.76 9.19 7.38
C VAL B 434 24.37 8.67 7.68
N ALA B 435 24.17 7.36 7.52
CA ALA B 435 22.84 6.78 7.76
C ALA B 435 22.39 7.03 9.18
N LEU B 436 23.31 6.96 10.14
CA LEU B 436 22.89 7.13 11.53
C LEU B 436 22.35 8.54 11.75
N GLU B 437 23.01 9.56 11.18
CA GLU B 437 22.49 10.92 11.32
C GLU B 437 21.13 11.05 10.64
N MET B 438 20.94 10.38 9.49
CA MET B 438 19.63 10.44 8.83
C MET B 438 18.56 9.84 9.74
N VAL B 439 18.84 8.68 10.34
CA VAL B 439 17.86 8.03 11.21
C VAL B 439 17.53 8.91 12.41
N LYS B 440 18.57 9.47 13.05
CA LYS B 440 18.32 10.37 14.17
C LYS B 440 17.49 11.57 13.74
N GLY B 441 17.65 12.02 12.50
CA GLY B 441 16.80 13.12 12.01
C GLY B 441 15.31 12.80 12.01
N PHE B 442 14.95 11.53 11.81
CA PHE B 442 13.56 11.09 11.92
C PHE B 442 13.13 10.83 13.35
N GLY B 443 14.04 10.96 14.30
CA GLY B 443 13.76 10.56 15.67
C GLY B 443 13.93 9.07 15.91
N GLY B 444 14.49 8.34 14.95
CA GLY B 444 14.72 6.92 15.14
C GLY B 444 15.82 6.65 16.16
N VAL B 445 15.69 5.49 16.83
CA VAL B 445 16.63 5.07 17.88
C VAL B 445 17.24 3.75 17.44
N VAL B 446 18.53 3.78 17.11
CA VAL B 446 19.28 2.58 16.75
C VAL B 446 19.72 1.86 18.02
N THR B 447 19.60 0.53 18.03
CA THR B 447 19.96 -0.26 19.19
C THR B 447 21.47 -0.54 19.14
N GLN B 448 22.10 -0.57 20.29
CA GLN B 448 23.52 -0.92 20.38
C GLN B 448 23.68 -2.39 20.74
N LEU B 449 24.50 -3.11 19.97
CA LEU B 449 24.80 -4.51 20.29
C LEU B 449 25.49 -4.62 21.64
N THR B 450 25.17 -5.67 22.39
CA THR B 450 26.00 -6.02 23.53
C THR B 450 27.30 -6.63 23.02
N PRO B 451 28.37 -6.57 23.82
CA PRO B 451 29.60 -7.28 23.44
C PRO B 451 29.39 -8.72 23.02
N LYS B 452 28.57 -9.46 23.77
CA LYS B 452 28.29 -10.85 23.45
C LYS B 452 27.58 -10.99 22.10
N GLN B 453 26.63 -10.09 21.81
CA GLN B 453 25.95 -10.13 20.51
C GLN B 453 26.90 -9.79 19.37
N ALA B 454 27.73 -8.75 19.55
CA ALA B 454 28.74 -8.43 18.55
C ALA B 454 29.65 -9.63 18.26
N GLU B 455 30.12 -10.30 19.32
CA GLU B 455 30.92 -11.50 19.14
C GLU B 455 30.13 -12.58 18.39
N TYR B 456 28.87 -12.79 18.78
CA TYR B 456 28.03 -13.84 18.17
C TYR B 456 27.95 -13.67 16.65
N ILE B 457 27.72 -12.46 16.17
CA ILE B 457 27.61 -12.23 14.73
C ILE B 457 28.91 -11.78 14.08
N GLY B 458 30.01 -11.71 14.83
CA GLY B 458 31.32 -11.39 14.25
C GLY B 458 31.49 -9.97 13.74
N VAL B 459 30.97 -8.98 14.46
CA VAL B 459 31.16 -7.57 14.11
C VAL B 459 31.62 -6.81 15.34
N SER B 460 32.15 -5.62 15.11
CA SER B 460 32.44 -4.70 16.20
C SER B 460 31.15 -4.01 16.62
N VAL B 461 31.08 -3.61 17.88
CA VAL B 461 29.87 -2.94 18.37
C VAL B 461 29.61 -1.64 17.61
N GLU B 462 30.67 -0.97 17.18
CA GLU B 462 30.56 0.29 16.45
C GLU B 462 30.40 0.10 14.94
N GLY B 463 30.44 -1.14 14.47
CA GLY B 463 30.37 -1.40 13.05
C GLY B 463 31.75 -1.36 12.41
N PRO B 464 31.83 -1.61 11.08
CA PRO B 464 30.68 -1.86 10.18
C PRO B 464 29.93 -3.15 10.47
N PHE B 465 28.66 -3.16 10.11
CA PHE B 465 27.77 -4.24 10.51
C PHE B 465 27.58 -5.30 9.43
N LYS B 466 28.06 -5.06 8.21
CA LYS B 466 27.81 -5.97 7.09
C LYS B 466 29.10 -6.09 6.30
N PRO B 467 29.34 -7.25 5.68
CA PRO B 467 30.48 -7.37 4.77
C PRO B 467 30.29 -6.49 3.55
N ASP B 468 31.41 -6.22 2.87
CA ASP B 468 31.34 -5.31 1.71
C ASP B 468 30.47 -5.90 0.60
N THR B 469 30.24 -7.21 0.61
CA THR B 469 29.38 -7.84 -0.39
C THR B 469 27.89 -7.59 -0.14
N TYR B 470 27.51 -7.08 1.02
CA TYR B 470 26.08 -7.04 1.36
C TYR B 470 25.32 -6.05 0.47
N ARG B 471 24.10 -6.44 0.07
CA ARG B 471 23.35 -5.67 -0.92
C ARG B 471 22.21 -4.84 -0.36
N TYR B 472 21.84 -5.02 0.92
CA TYR B 472 20.72 -4.28 1.52
C TYR B 472 19.42 -4.45 0.74
N ALA C 11 8.45 -52.86 -4.07
CA ALA C 11 8.74 -52.02 -2.90
C ALA C 11 9.68 -52.73 -1.92
N GLY C 12 9.27 -52.82 -0.66
CA GLY C 12 10.16 -53.37 0.37
C GLY C 12 11.22 -52.41 0.86
N PHE C 13 11.11 -51.13 0.53
CA PHE C 13 12.08 -50.14 0.98
C PHE C 13 11.80 -49.83 2.45
N THR C 14 12.85 -49.87 3.29
CA THR C 14 12.70 -49.58 4.71
C THR C 14 13.70 -48.56 5.23
N ASP C 15 14.52 -47.98 4.37
CA ASP C 15 15.64 -47.14 4.80
C ASP C 15 15.16 -45.69 4.94
N TYR C 16 14.33 -45.47 5.97
CA TYR C 16 13.71 -44.16 6.18
C TYR C 16 13.00 -44.16 7.54
N LYS C 17 12.64 -42.96 7.98
CA LYS C 17 11.76 -42.81 9.14
C LYS C 17 10.94 -41.54 8.97
N VAL C 18 9.61 -41.71 8.82
CA VAL C 18 8.68 -40.61 8.66
C VAL C 18 7.49 -40.84 9.59
N ALA C 19 6.63 -39.82 9.70
CA ALA C 19 5.49 -39.92 10.60
C ALA C 19 4.50 -40.99 10.16
N ASP C 20 4.16 -41.01 8.86
CA ASP C 20 3.03 -41.80 8.38
C ASP C 20 3.21 -41.97 6.88
N ILE C 21 3.74 -43.13 6.47
CA ILE C 21 3.96 -43.42 5.06
C ILE C 21 2.68 -43.35 4.25
N THR C 22 1.52 -43.58 4.87
CA THR C 22 0.27 -43.58 4.10
C THR C 22 -0.12 -42.17 3.61
N LEU C 23 0.59 -41.12 4.02
CA LEU C 23 0.35 -39.78 3.48
C LEU C 23 1.03 -39.58 2.13
N ALA C 24 1.65 -40.61 1.56
CA ALA C 24 2.48 -40.44 0.36
C ALA C 24 1.65 -39.98 -0.84
N ALA C 25 0.45 -40.53 -1.01
CA ALA C 25 -0.37 -40.16 -2.17
C ALA C 25 -0.75 -38.69 -2.14
N TRP C 26 -1.13 -38.18 -0.97
CA TRP C 26 -1.41 -36.76 -0.80
C TRP C 26 -0.16 -35.95 -1.10
N GLY C 27 0.97 -36.39 -0.57
CA GLY C 27 2.20 -35.69 -0.85
C GLY C 27 2.52 -35.64 -2.34
N ARG C 28 2.30 -36.74 -3.05
CA ARG C 28 2.57 -36.76 -4.49
C ARG C 28 1.64 -35.80 -5.22
N ARG C 29 0.38 -35.72 -4.80
CA ARG C 29 -0.52 -34.75 -5.42
C ARG C 29 0.01 -33.34 -5.28
N GLU C 30 0.51 -33.00 -4.10
CA GLU C 30 1.05 -31.65 -3.88
C GLU C 30 2.39 -31.45 -4.59
N LEU C 31 3.21 -32.49 -4.72
CA LEU C 31 4.45 -32.34 -5.48
C LEU C 31 4.15 -32.05 -6.94
N ILE C 32 3.11 -32.69 -7.50
CA ILE C 32 2.78 -32.45 -8.90
C ILE C 32 2.29 -31.02 -9.11
N ILE C 33 1.50 -30.50 -8.16
CA ILE C 33 1.14 -29.08 -8.22
C ILE C 33 2.39 -28.22 -8.11
N ALA C 34 3.28 -28.56 -7.18
CA ALA C 34 4.47 -27.74 -6.97
C ALA C 34 5.36 -27.70 -8.21
N GLU C 35 5.43 -28.80 -8.96
CA GLU C 35 6.21 -28.78 -10.19
C GLU C 35 5.73 -27.69 -11.13
N SER C 36 4.42 -27.49 -11.22
CA SER C 36 3.90 -26.46 -12.12
C SER C 36 4.17 -25.05 -11.61
N GLU C 37 4.59 -24.90 -10.36
CA GLU C 37 4.89 -23.61 -9.75
C GLU C 37 6.38 -23.33 -9.72
N MET C 38 7.22 -24.24 -10.22
CA MET C 38 8.67 -24.13 -10.08
C MET C 38 9.31 -24.26 -11.45
N PRO C 39 9.10 -23.28 -12.33
CA PRO C 39 9.59 -23.40 -13.72
C PRO C 39 11.11 -23.38 -13.84
N ALA C 40 11.82 -22.62 -13.01
CA ALA C 40 13.28 -22.65 -13.11
C ALA C 40 13.83 -24.03 -12.73
N LEU C 41 13.35 -24.57 -11.61
CA LEU C 41 13.81 -25.88 -11.16
C LEU C 41 13.40 -26.98 -12.13
N MET C 42 12.15 -26.94 -12.60
N MET C 42 12.17 -26.94 -12.63
CA MET C 42 11.71 -27.89 -13.63
CA MET C 42 11.76 -27.96 -13.60
C MET C 42 12.54 -27.78 -14.88
C MET C 42 12.45 -27.78 -14.95
N GLY C 43 12.85 -26.55 -15.30
CA GLY C 43 13.62 -26.36 -16.51
C GLY C 43 15.01 -26.94 -16.41
N LEU C 44 15.59 -26.92 -15.21
CA LEU C 44 16.87 -27.60 -15.02
C LEU C 44 16.68 -29.11 -15.07
N ARG C 45 15.60 -29.60 -14.48
CA ARG C 45 15.32 -31.03 -14.56
C ARG C 45 15.23 -31.47 -16.02
N ARG C 46 14.57 -30.67 -16.86
CA ARG C 46 14.43 -30.98 -18.27
C ARG C 46 15.77 -30.85 -19.00
N LYS C 47 16.48 -29.75 -18.78
CA LYS C 47 17.70 -29.51 -19.55
C LYS C 47 18.76 -30.56 -19.28
N TYR C 48 18.83 -31.09 -18.06
CA TYR C 48 19.96 -31.91 -17.64
C TYR C 48 19.67 -33.39 -17.42
N ALA C 49 18.41 -33.82 -17.47
CA ALA C 49 18.12 -35.21 -17.12
C ALA C 49 18.87 -36.19 -18.04
N GLY C 50 18.96 -35.87 -19.33
CA GLY C 50 19.65 -36.76 -20.26
C GLY C 50 21.15 -36.79 -20.02
N GLN C 51 21.74 -35.67 -19.65
CA GLN C 51 23.17 -35.56 -19.44
C GLN C 51 23.62 -36.22 -18.14
N GLN C 52 22.73 -36.36 -17.17
CA GLN C 52 23.05 -36.96 -15.88
C GLN C 52 24.28 -36.34 -15.22
N PRO C 53 24.30 -35.00 -15.06
CA PRO C 53 25.50 -34.35 -14.53
C PRO C 53 25.81 -34.70 -13.09
N LEU C 54 24.84 -35.27 -12.35
CA LEU C 54 25.09 -35.70 -10.98
C LEU C 54 25.21 -37.21 -10.86
N LYS C 55 25.38 -37.92 -11.97
CA LYS C 55 25.62 -39.36 -11.92
C LYS C 55 26.90 -39.61 -11.14
N GLY C 56 26.81 -40.38 -10.07
CA GLY C 56 27.93 -40.63 -9.19
C GLY C 56 27.92 -39.79 -7.92
N ALA C 57 27.14 -38.70 -7.89
CA ALA C 57 27.05 -37.88 -6.70
C ALA C 57 26.27 -38.62 -5.62
N LYS C 58 26.74 -38.50 -4.38
CA LYS C 58 26.07 -39.07 -3.21
C LYS C 58 25.95 -37.93 -2.20
N ILE C 59 24.76 -37.35 -2.12
CA ILE C 59 24.53 -36.08 -1.44
C ILE C 59 23.91 -36.32 -0.08
N LEU C 60 24.54 -35.83 0.97
CA LEU C 60 23.90 -35.67 2.26
C LEU C 60 23.16 -34.34 2.26
N GLY C 61 21.84 -34.39 2.44
CA GLY C 61 21.02 -33.19 2.40
C GLY C 61 20.37 -32.93 3.74
N CYS C 62 20.44 -31.69 4.23
CA CYS C 62 19.82 -31.31 5.50
C CYS C 62 19.08 -30.00 5.27
N ILE C 63 17.80 -30.07 4.95
CA ILE C 63 16.98 -28.86 4.75
C ILE C 63 15.52 -29.24 4.93
N HIS C 64 14.77 -28.34 5.58
CA HIS C 64 13.33 -28.44 5.81
C HIS C 64 12.65 -29.36 4.82
N MET C 65 12.07 -30.46 5.32
CA MET C 65 11.49 -31.50 4.47
C MET C 65 10.06 -31.10 4.09
N THR C 66 9.97 -30.09 3.24
CA THR C 66 8.71 -29.55 2.74
C THR C 66 8.44 -30.10 1.34
N ILE C 67 7.24 -29.80 0.83
CA ILE C 67 6.92 -30.10 -0.56
C ILE C 67 7.95 -29.51 -1.50
N GLN C 68 8.39 -28.27 -1.23
CA GLN C 68 9.35 -27.62 -2.12
C GLN C 68 10.70 -28.34 -2.09
N THR C 69 11.14 -28.76 -0.91
CA THR C 69 12.34 -29.57 -0.83
C THR C 69 12.16 -30.90 -1.57
N GLY C 70 10.95 -31.47 -1.55
CA GLY C 70 10.74 -32.70 -2.31
C GLY C 70 11.01 -32.51 -3.79
N VAL C 71 10.62 -31.36 -4.35
CA VAL C 71 10.86 -31.10 -5.77
C VAL C 71 12.35 -30.94 -6.03
N LEU C 72 13.06 -30.32 -5.09
CA LEU C 72 14.51 -30.23 -5.17
C LEU C 72 15.14 -31.62 -5.14
N ILE C 73 14.75 -32.45 -4.16
CA ILE C 73 15.30 -33.81 -4.04
C ILE C 73 15.08 -34.58 -5.33
N GLU C 74 13.85 -34.55 -5.85
CA GLU C 74 13.58 -35.33 -7.05
C GLU C 74 14.25 -34.77 -8.29
N THR C 75 14.60 -33.48 -8.29
CA THR C 75 15.43 -32.93 -9.36
C THR C 75 16.86 -33.46 -9.29
N LEU C 76 17.46 -33.45 -8.08
CA LEU C 76 18.80 -33.99 -7.91
C LEU C 76 18.86 -35.45 -8.32
N VAL C 77 17.84 -36.24 -7.93
CA VAL C 77 17.80 -37.65 -8.30
C VAL C 77 17.62 -37.81 -9.80
N ALA C 78 16.75 -37.00 -10.41
CA ALA C 78 16.53 -37.13 -11.85
C ALA C 78 17.78 -36.81 -12.64
N LEU C 79 18.66 -35.99 -12.08
CA LEU C 79 19.94 -35.67 -12.72
C LEU C 79 21.03 -36.69 -12.39
N GLY C 80 20.70 -37.74 -11.63
CA GLY C 80 21.60 -38.85 -11.43
C GLY C 80 22.09 -39.06 -10.02
N ALA C 81 21.80 -38.15 -9.08
CA ALA C 81 22.36 -38.27 -7.75
C ALA C 81 21.65 -39.34 -6.93
N GLU C 82 22.37 -39.89 -5.96
CA GLU C 82 21.76 -40.56 -4.80
C GLU C 82 21.80 -39.57 -3.64
N VAL C 83 20.78 -39.62 -2.79
CA VAL C 83 20.69 -38.71 -1.65
C VAL C 83 20.29 -39.48 -0.39
N ARG C 84 20.65 -38.90 0.77
CA ARG C 84 20.10 -39.29 2.06
C ARG C 84 19.75 -38.01 2.80
N TRP C 85 18.50 -37.89 3.27
CA TRP C 85 17.96 -36.58 3.63
C TRP C 85 17.45 -36.50 5.07
N SER C 86 17.58 -35.30 5.66
CA SER C 86 16.97 -34.98 6.94
C SER C 86 16.48 -33.53 6.88
N SER C 87 15.62 -33.16 7.83
CA SER C 87 15.22 -31.78 7.95
C SER C 87 16.23 -30.99 8.80
N CYS C 88 16.32 -29.67 8.55
CA CYS C 88 17.18 -28.83 9.38
C CYS C 88 16.40 -28.14 10.51
N ASN C 89 15.17 -28.56 10.79
CA ASN C 89 14.46 -28.01 11.94
C ASN C 89 13.46 -29.03 12.44
N ILE C 90 13.25 -29.03 13.77
CA ILE C 90 12.38 -30.03 14.37
C ILE C 90 10.90 -29.85 13.98
N PHE C 91 10.48 -28.67 13.53
CA PHE C 91 9.06 -28.44 13.28
C PHE C 91 8.73 -28.14 11.82
N SER C 92 9.70 -28.19 10.91
CA SER C 92 9.51 -27.66 9.56
C SER C 92 9.10 -28.71 8.53
N THR C 93 9.23 -29.99 8.83
CA THR C 93 8.83 -31.01 7.89
C THR C 93 7.32 -30.97 7.63
N GLN C 94 6.94 -31.16 6.37
CA GLN C 94 5.55 -31.49 6.02
C GLN C 94 5.49 -32.99 5.88
N ASP C 95 4.74 -33.65 6.77
CA ASP C 95 4.75 -35.12 6.81
C ASP C 95 4.32 -35.74 5.48
N GLN C 96 3.43 -35.09 4.73
CA GLN C 96 3.06 -35.68 3.45
C GLN C 96 4.21 -35.62 2.44
N ALA C 97 5.07 -34.59 2.54
CA ALA C 97 6.24 -34.50 1.67
C ALA C 97 7.27 -35.57 2.02
N ALA C 98 7.58 -35.71 3.31
CA ALA C 98 8.48 -36.77 3.74
C ALA C 98 7.96 -38.15 3.29
N ALA C 99 6.66 -38.40 3.45
CA ALA C 99 6.12 -39.70 3.07
C ALA C 99 6.29 -39.95 1.57
N ALA C 100 6.04 -38.93 0.76
CA ALA C 100 6.12 -39.13 -0.69
C ALA C 100 7.54 -39.44 -1.11
N ILE C 101 8.52 -38.77 -0.50
CA ILE C 101 9.93 -39.01 -0.82
C ILE C 101 10.33 -40.40 -0.37
N ALA C 102 9.98 -40.76 0.86
CA ALA C 102 10.25 -42.13 1.32
C ALA C 102 9.59 -43.14 0.40
N ALA C 103 8.36 -42.86 -0.04
CA ALA C 103 7.65 -43.84 -0.88
C ALA C 103 8.26 -43.95 -2.27
N ALA C 104 9.05 -42.96 -2.67
CA ALA C 104 9.79 -43.04 -3.92
C ALA C 104 11.09 -43.80 -3.78
N GLY C 105 11.39 -44.35 -2.61
CA GLY C 105 12.60 -45.12 -2.40
C GLY C 105 13.81 -44.30 -2.03
N ILE C 106 13.62 -43.10 -1.51
CA ILE C 106 14.69 -42.17 -1.19
C ILE C 106 14.84 -42.12 0.32
N PRO C 107 16.03 -42.36 0.87
CA PRO C 107 16.20 -42.33 2.32
C PRO C 107 15.95 -40.93 2.86
N VAL C 108 14.93 -40.81 3.73
CA VAL C 108 14.62 -39.54 4.39
C VAL C 108 14.27 -39.84 5.85
N PHE C 109 14.75 -39.01 6.75
CA PHE C 109 14.53 -39.20 8.18
C PHE C 109 14.03 -37.87 8.71
N ALA C 110 12.71 -37.73 8.82
CA ALA C 110 12.16 -36.39 9.08
C ALA C 110 10.68 -36.50 9.41
N TRP C 111 10.26 -35.78 10.45
CA TRP C 111 8.85 -35.64 10.75
C TRP C 111 8.62 -34.34 11.49
N LYS C 112 7.40 -33.82 11.39
CA LYS C 112 7.06 -32.61 12.14
C LYS C 112 6.92 -32.92 13.62
N GLY C 113 7.62 -32.18 14.46
CA GLY C 113 7.55 -32.39 15.88
C GLY C 113 8.60 -33.31 16.46
N GLU C 114 9.81 -33.32 15.91
CA GLU C 114 10.92 -34.05 16.50
C GLU C 114 11.34 -33.41 17.82
N THR C 115 11.89 -34.23 18.71
CA THR C 115 12.66 -33.70 19.82
C THR C 115 14.06 -33.35 19.32
N GLU C 116 14.82 -32.63 20.14
CA GLU C 116 16.18 -32.29 19.75
C GLU C 116 17.03 -33.54 19.60
N GLU C 117 16.75 -34.56 20.41
CA GLU C 117 17.51 -35.80 20.29
C GLU C 117 17.17 -36.52 19.00
N GLU C 118 15.88 -36.58 18.65
CA GLU C 118 15.46 -37.17 17.40
C GLU C 118 16.03 -36.41 16.21
N TYR C 119 16.15 -35.09 16.33
CA TYR C 119 16.71 -34.28 15.26
C TYR C 119 18.14 -34.70 14.97
N GLU C 120 18.95 -34.85 16.00
CA GLU C 120 20.33 -35.25 15.81
C GLU C 120 20.42 -36.68 15.29
N TRP C 121 19.57 -37.57 15.79
CA TRP C 121 19.52 -38.94 15.28
C TRP C 121 19.21 -38.98 13.78
N CYS C 122 18.26 -38.14 13.33
CA CYS C 122 17.92 -38.12 11.91
C CYS C 122 19.10 -37.70 11.03
N ILE C 123 19.83 -36.67 11.44
CA ILE C 123 21.04 -36.31 10.69
C ILE C 123 22.00 -37.49 10.66
N GLU C 124 22.17 -38.16 11.81
CA GLU C 124 23.08 -39.30 11.87
CA GLU C 124 23.12 -39.27 11.81
C GLU C 124 22.63 -40.42 10.93
N GLN C 125 21.31 -40.56 10.71
CA GLN C 125 20.84 -41.62 9.83
C GLN C 125 21.17 -41.33 8.36
N THR C 126 21.30 -40.05 8.00
CA THR C 126 21.79 -39.77 6.65
C THR C 126 23.29 -40.09 6.54
N ILE C 127 24.08 -39.73 7.55
CA ILE C 127 25.52 -39.94 7.52
C ILE C 127 25.88 -41.42 7.53
N LEU C 128 25.15 -42.22 8.28
CA LEU C 128 25.45 -43.63 8.42
C LEU C 128 24.49 -44.46 7.58
N LYS C 129 25.02 -45.46 6.89
CA LYS C 129 24.22 -46.42 6.17
C LYS C 129 24.65 -47.81 6.63
N ASP C 130 23.70 -48.56 7.17
CA ASP C 130 23.99 -49.89 7.71
C ASP C 130 25.06 -49.85 8.79
N GLY C 131 25.02 -48.81 9.63
CA GLY C 131 25.93 -48.68 10.75
C GLY C 131 27.31 -48.17 10.42
N GLN C 132 27.62 -47.92 9.14
CA GLN C 132 28.92 -47.44 8.68
C GLN C 132 28.73 -46.12 7.94
N PRO C 133 29.74 -45.25 7.92
CA PRO C 133 29.61 -44.03 7.14
C PRO C 133 29.28 -44.35 5.69
N TRP C 134 28.27 -43.66 5.17
CA TRP C 134 27.96 -43.73 3.74
C TRP C 134 29.11 -43.13 2.97
N ASP C 135 29.28 -43.56 1.71
CA ASP C 135 30.32 -42.99 0.85
C ASP C 135 29.84 -41.69 0.20
N ALA C 136 29.45 -40.75 1.06
CA ALA C 136 28.97 -39.46 0.60
C ALA C 136 30.09 -38.68 -0.09
N ASN C 137 29.70 -37.87 -1.09
CA ASN C 137 30.70 -37.02 -1.74
C ASN C 137 30.23 -35.60 -1.97
N MET C 138 29.04 -35.24 -1.49
CA MET C 138 28.51 -33.90 -1.63
C MET C 138 27.65 -33.61 -0.42
N VAL C 139 27.54 -32.32 -0.09
CA VAL C 139 26.74 -31.89 1.05
C VAL C 139 25.86 -30.73 0.61
N LEU C 140 24.57 -30.81 0.96
CA LEU C 140 23.64 -29.69 0.81
C LEU C 140 23.09 -29.39 2.19
N ASP C 141 23.23 -28.14 2.64
CA ASP C 141 22.94 -27.83 4.03
C ASP C 141 22.14 -26.53 4.08
N ASP C 142 21.37 -26.36 5.15
CA ASP C 142 20.62 -25.14 5.40
C ASP C 142 20.79 -24.87 6.88
N GLY C 143 21.73 -23.98 7.23
CA GLY C 143 21.94 -23.58 8.60
C GLY C 143 23.24 -24.08 9.19
N GLY C 144 23.86 -25.06 8.55
CA GLY C 144 25.19 -25.50 8.95
C GLY C 144 25.27 -26.64 9.94
N ASP C 145 24.14 -27.22 10.37
CA ASP C 145 24.20 -28.28 11.39
C ASP C 145 24.85 -29.55 10.87
N LEU C 146 24.49 -29.99 9.66
CA LEU C 146 25.14 -31.15 9.05
C LEU C 146 26.61 -30.89 8.80
N THR C 147 26.94 -29.71 8.27
CA THR C 147 28.34 -29.33 8.08
C THR C 147 29.11 -29.40 9.39
N GLU C 148 28.51 -28.93 10.47
CA GLU C 148 29.20 -28.92 11.77
C GLU C 148 29.45 -30.35 12.25
N ILE C 149 28.44 -31.21 12.14
CA ILE C 149 28.58 -32.58 12.64
C ILE C 149 29.65 -33.33 11.85
N LEU C 150 29.61 -33.19 10.52
CA LEU C 150 30.66 -33.81 9.70
C LEU C 150 32.04 -33.38 10.15
N HIS C 151 32.25 -32.07 10.36
CA HIS C 151 33.60 -31.58 10.70
C HIS C 151 34.04 -32.01 12.09
N LYS C 152 33.11 -32.11 13.03
CA LYS C 152 33.48 -32.44 14.41
C LYS C 152 33.52 -33.95 14.65
N LYS C 153 32.53 -34.67 14.12
CA LYS C 153 32.34 -36.07 14.48
C LYS C 153 32.75 -37.05 13.39
N TYR C 154 32.76 -36.64 12.12
CA TYR C 154 33.07 -37.54 11.01
C TYR C 154 34.10 -36.92 10.07
N PRO C 155 35.21 -36.38 10.61
CA PRO C 155 36.14 -35.65 9.72
C PRO C 155 36.69 -36.48 8.57
N GLN C 156 36.84 -37.80 8.75
CA GLN C 156 37.34 -38.62 7.67
C GLN C 156 36.40 -38.65 6.48
N MET C 157 35.10 -38.46 6.71
CA MET C 157 34.17 -38.44 5.59
C MET C 157 34.42 -37.25 4.68
N LEU C 158 34.92 -36.14 5.24
CA LEU C 158 35.17 -34.96 4.43
C LEU C 158 36.32 -35.15 3.45
N GLU C 159 37.15 -36.17 3.66
CA GLU C 159 38.21 -36.47 2.68
C GLU C 159 37.64 -36.90 1.32
N ARG C 160 36.39 -37.34 1.27
CA ARG C 160 35.79 -37.78 0.01
C ARG C 160 34.78 -36.80 -0.56
N ILE C 161 34.54 -35.68 0.10
CA ILE C 161 33.43 -34.78 -0.22
C ILE C 161 33.97 -33.65 -1.08
N HIS C 162 33.31 -33.41 -2.21
CA HIS C 162 33.79 -32.40 -3.15
C HIS C 162 33.36 -30.97 -2.78
N GLY C 163 32.32 -30.80 -1.97
CA GLY C 163 31.87 -29.45 -1.67
C GLY C 163 30.58 -29.45 -0.88
N ILE C 164 30.25 -28.26 -0.38
CA ILE C 164 29.05 -27.99 0.39
C ILE C 164 28.30 -26.89 -0.33
N THR C 165 26.97 -27.03 -0.48
CA THR C 165 26.18 -25.92 -0.99
C THR C 165 25.24 -25.49 0.13
N GLU C 166 25.43 -24.26 0.63
CA GLU C 166 24.77 -23.80 1.84
C GLU C 166 23.67 -22.80 1.50
N GLU C 167 22.47 -23.05 2.05
CA GLU C 167 21.26 -22.33 1.69
C GLU C 167 21.14 -20.93 2.30
N THR C 168 21.52 -20.75 3.58
CA THR C 168 20.95 -19.63 4.33
C THR C 168 22.01 -18.78 5.02
N THR C 169 21.60 -17.56 5.39
CA THR C 169 22.52 -16.56 5.91
C THR C 169 23.31 -17.09 7.11
N THR C 170 22.62 -17.73 8.06
CA THR C 170 23.27 -18.24 9.26
C THR C 170 24.29 -19.32 8.94
N GLY C 171 23.97 -20.20 7.98
CA GLY C 171 24.95 -21.21 7.59
C GLY C 171 26.16 -20.62 6.91
N VAL C 172 25.96 -19.60 6.08
CA VAL C 172 27.11 -18.95 5.43
C VAL C 172 28.02 -18.31 6.47
N HIS C 173 27.43 -17.67 7.48
CA HIS C 173 28.25 -17.10 8.53
C HIS C 173 29.11 -18.18 9.20
N ARG C 174 28.52 -19.36 9.45
CA ARG C 174 29.30 -20.44 10.06
C ARG C 174 30.40 -20.94 9.15
N LEU C 175 30.14 -21.04 7.83
CA LEU C 175 31.20 -21.43 6.89
C LEU C 175 32.32 -20.41 6.87
N LEU C 176 31.98 -19.12 6.85
CA LEU C 176 33.00 -18.08 6.80
C LEU C 176 33.83 -18.06 8.08
N ASP C 177 33.22 -18.40 9.22
CA ASP C 177 33.99 -18.51 10.46
CA ASP C 177 34.00 -18.50 10.45
C ASP C 177 34.99 -19.65 10.38
N MET C 178 34.55 -20.80 9.85
CA MET C 178 35.48 -21.91 9.67
C MET C 178 36.59 -21.54 8.69
N LEU C 179 36.26 -20.87 7.59
CA LEU C 179 37.28 -20.47 6.63
C LEU C 179 38.31 -19.54 7.30
N LYS C 180 37.83 -18.56 8.07
CA LYS C 180 38.73 -17.62 8.71
C LYS C 180 39.67 -18.33 9.69
N ASN C 181 39.18 -19.39 10.34
CA ASN C 181 39.94 -20.14 11.33
C ASN C 181 40.72 -21.29 10.71
N GLY C 182 40.58 -21.53 9.41
CA GLY C 182 41.34 -22.63 8.81
C GLY C 182 40.81 -24.00 9.14
N THR C 183 39.57 -24.10 9.58
CA THR C 183 38.94 -25.37 9.94
C THR C 183 38.00 -25.91 8.87
N LEU C 184 37.66 -25.11 7.86
CA LEU C 184 36.82 -25.62 6.77
C LEU C 184 37.63 -26.60 5.92
N LYS C 185 37.08 -27.78 5.65
CA LYS C 185 37.83 -28.85 5.02
C LYS C 185 37.51 -29.05 3.54
N VAL C 186 36.42 -28.47 3.05
CA VAL C 186 36.02 -28.58 1.65
C VAL C 186 35.44 -27.26 1.19
N PRO C 187 35.50 -27.00 -0.10
CA PRO C 187 34.99 -25.72 -0.62
C PRO C 187 33.47 -25.68 -0.54
N ALA C 188 32.93 -24.47 -0.55
CA ALA C 188 31.49 -24.28 -0.46
C ALA C 188 31.03 -23.25 -1.49
N ILE C 189 29.75 -23.40 -1.89
CA ILE C 189 29.03 -22.33 -2.57
C ILE C 189 28.01 -21.72 -1.62
N ASN C 190 28.08 -20.40 -1.48
CA ASN C 190 27.12 -19.60 -0.76
C ASN C 190 25.95 -19.37 -1.71
N VAL C 191 24.92 -20.22 -1.58
CA VAL C 191 23.71 -20.10 -2.40
C VAL C 191 22.85 -18.92 -1.92
N ASN C 192 22.93 -18.60 -0.61
CA ASN C 192 22.12 -17.53 -0.06
C ASN C 192 22.29 -16.25 -0.87
N ASP C 193 23.50 -15.96 -1.32
CA ASP C 193 23.77 -14.62 -1.82
C ASP C 193 23.56 -14.44 -3.33
N SER C 194 23.03 -15.44 -4.04
CA SER C 194 22.45 -15.13 -5.33
C SER C 194 21.30 -14.14 -5.12
N VAL C 195 21.13 -13.22 -6.06
CA VAL C 195 20.02 -12.27 -5.91
C VAL C 195 18.68 -13.00 -5.94
N THR C 196 18.57 -14.01 -6.79
CA THR C 196 17.38 -14.85 -6.89
C THR C 196 17.21 -15.76 -5.70
N LYS C 197 18.10 -15.67 -4.71
CA LYS C 197 17.87 -16.31 -3.42
C LYS C 197 17.64 -15.24 -2.37
N SER C 198 18.70 -14.54 -1.92
CA SER C 198 18.60 -13.56 -0.83
C SER C 198 17.50 -12.51 -1.03
N LYS C 199 17.37 -11.95 -2.24
CA LYS C 199 16.39 -10.89 -2.44
C LYS C 199 15.08 -11.39 -3.02
N ASN C 200 14.82 -12.69 -2.87
CA ASN C 200 13.60 -13.32 -3.34
C ASN C 200 13.07 -14.14 -2.15
N ASP C 201 13.74 -15.25 -1.85
CA ASP C 201 13.43 -16.11 -0.71
C ASP C 201 13.45 -15.35 0.62
N ASN C 202 14.61 -14.79 1.01
CA ASN C 202 14.71 -14.23 2.36
C ASN C 202 13.68 -13.12 2.58
N LYS C 203 13.44 -12.32 1.55
CA LYS C 203 12.54 -11.16 1.68
C LYS C 203 11.10 -11.52 1.32
N TYR C 204 10.84 -11.81 0.05
CA TYR C 204 9.44 -12.04 -0.34
C TYR C 204 8.88 -13.33 0.22
N GLY C 205 9.72 -14.32 0.51
CA GLY C 205 9.22 -15.54 1.11
C GLY C 205 8.67 -15.28 2.50
N CYS C 206 9.36 -14.43 3.27
CA CYS C 206 8.86 -14.07 4.60
C CYS C 206 7.65 -13.16 4.49
N ARG C 207 7.58 -12.35 3.45
CA ARG C 207 6.37 -11.54 3.23
CA ARG C 207 6.37 -11.54 3.25
C ARG C 207 5.16 -12.43 3.06
N HIS C 208 5.30 -13.51 2.29
CA HIS C 208 4.18 -14.42 2.07
C HIS C 208 3.85 -15.21 3.33
N SER C 209 4.87 -15.71 4.05
CA SER C 209 4.64 -16.79 5.01
C SER C 209 4.55 -16.35 6.48
N LEU C 210 5.01 -15.15 6.83
CA LEU C 210 4.93 -14.74 8.24
C LEU C 210 3.49 -14.54 8.67
N ASN C 211 2.75 -13.67 7.95
CA ASN C 211 1.35 -13.47 8.31
CA ASN C 211 1.35 -13.46 8.29
C ASN C 211 0.55 -14.76 8.15
N ASP C 212 0.93 -15.61 7.19
CA ASP C 212 0.30 -16.92 7.02
C ASP C 212 0.42 -17.72 8.32
N ALA C 213 1.63 -17.80 8.89
CA ALA C 213 1.83 -18.64 10.07
C ALA C 213 1.12 -18.06 11.29
N ILE C 214 1.13 -16.74 11.43
CA ILE C 214 0.44 -16.13 12.56
C ILE C 214 -1.05 -16.39 12.47
N LYS C 215 -1.63 -16.27 11.28
CA LYS C 215 -3.07 -16.56 11.14
C LYS C 215 -3.39 -18.01 11.46
N ARG C 216 -2.60 -18.95 10.93
CA ARG C 216 -2.92 -20.36 11.20
C ARG C 216 -2.77 -20.68 12.68
N GLY C 217 -1.79 -20.08 13.35
CA GLY C 217 -1.56 -20.43 14.76
C GLY C 217 -2.58 -19.81 15.70
N THR C 218 -2.99 -18.57 15.45
CA THR C 218 -3.85 -17.81 16.37
C THR C 218 -5.17 -17.38 15.78
N ASP C 219 -5.27 -17.28 14.46
CA ASP C 219 -6.41 -16.64 13.80
C ASP C 219 -6.65 -15.20 14.28
N HIS C 220 -5.61 -14.53 14.76
CA HIS C 220 -5.76 -13.16 15.23
C HIS C 220 -5.89 -12.20 14.07
N LEU C 221 -6.85 -11.27 14.18
CA LEU C 221 -6.81 -10.05 13.39
C LEU C 221 -5.47 -9.37 13.60
N LEU C 222 -4.83 -8.94 12.51
CA LEU C 222 -3.60 -8.18 12.61
C LEU C 222 -3.83 -6.69 12.38
N SER C 223 -4.80 -6.35 11.52
CA SER C 223 -5.06 -4.96 11.21
C SER C 223 -5.32 -4.17 12.49
N GLY C 224 -4.69 -3.01 12.60
CA GLY C 224 -4.95 -2.09 13.70
C GLY C 224 -4.12 -2.33 14.93
N LYS C 225 -3.41 -3.45 14.99
CA LYS C 225 -2.61 -3.81 16.16
C LYS C 225 -1.16 -3.37 15.97
N GLN C 226 -0.42 -3.33 17.07
CA GLN C 226 0.97 -2.85 17.06
C GLN C 226 1.94 -4.03 16.97
N ALA C 227 2.89 -3.95 16.04
CA ALA C 227 3.95 -4.95 15.93
C ALA C 227 5.33 -4.31 16.09
N LEU C 228 6.26 -5.09 16.64
CA LEU C 228 7.68 -4.74 16.73
C LEU C 228 8.46 -5.83 16.01
N VAL C 229 9.15 -5.45 14.93
CA VAL C 229 10.01 -6.37 14.19
C VAL C 229 11.44 -6.05 14.56
N ILE C 230 12.14 -7.04 15.10
CA ILE C 230 13.54 -6.87 15.51
C ILE C 230 14.38 -7.30 14.32
N GLY C 231 15.02 -6.34 13.69
CA GLY C 231 15.84 -6.58 12.50
C GLY C 231 15.18 -6.05 11.24
N TYR C 232 16.02 -5.60 10.29
CA TYR C 232 15.55 -5.08 9.01
C TYR C 232 16.56 -5.43 7.92
N GLY C 233 17.08 -6.65 7.97
CA GLY C 233 17.81 -7.22 6.85
C GLY C 233 16.81 -7.76 5.85
N ASP C 234 17.17 -8.80 5.11
CA ASP C 234 16.24 -9.26 4.08
C ASP C 234 15.01 -9.89 4.73
N VAL C 235 15.21 -10.67 5.79
CA VAL C 235 14.07 -11.29 6.46
C VAL C 235 13.24 -10.24 7.18
N GLY C 236 13.91 -9.28 7.83
CA GLY C 236 13.18 -8.23 8.52
C GLY C 236 12.39 -7.34 7.57
N LYS C 237 12.96 -7.06 6.39
CA LYS C 237 12.22 -6.27 5.40
C LYS C 237 10.97 -7.00 4.94
N GLY C 238 11.09 -8.29 4.64
CA GLY C 238 9.93 -9.05 4.19
C GLY C 238 8.90 -9.26 5.29
N SER C 239 9.38 -9.49 6.52
CA SER C 239 8.49 -9.66 7.68
C SER C 239 7.72 -8.39 7.96
N SER C 240 8.42 -7.24 7.95
CA SER C 240 7.77 -5.96 8.19
C SER C 240 6.67 -5.71 7.17
N GLN C 241 6.92 -6.05 5.91
CA GLN C 241 5.91 -5.88 4.88
C GLN C 241 4.74 -6.85 5.08
N SER C 242 5.04 -8.11 5.45
CA SER C 242 3.98 -9.09 5.72
C SER C 242 2.96 -8.54 6.69
N LEU C 243 3.44 -7.81 7.69
CA LEU C 243 2.58 -7.26 8.74
C LEU C 243 1.95 -5.94 8.33
N ARG C 244 2.72 -5.05 7.69
CA ARG C 244 2.19 -3.74 7.30
C ARG C 244 1.11 -3.89 6.26
N GLN C 245 1.27 -4.83 5.33
CA GLN C 245 0.27 -4.97 4.27
C GLN C 245 -1.06 -5.47 4.83
N GLU C 246 -1.05 -6.09 6.00
CA GLU C 246 -2.27 -6.51 6.71
C GLU C 246 -2.88 -5.39 7.53
N GLY C 247 -2.24 -4.22 7.59
CA GLY C 247 -2.75 -3.11 8.41
C GLY C 247 -2.18 -3.01 9.82
N MET C 248 -1.12 -3.77 10.15
CA MET C 248 -0.46 -3.53 11.43
C MET C 248 0.27 -2.19 11.42
N ILE C 249 0.36 -1.58 12.61
CA ILE C 249 1.24 -0.44 12.83
C ILE C 249 2.56 -1.05 13.27
N VAL C 250 3.54 -1.03 12.36
CA VAL C 250 4.80 -1.74 12.54
C VAL C 250 5.90 -0.76 12.95
N LYS C 251 6.57 -1.07 14.05
CA LYS C 251 7.82 -0.44 14.44
C LYS C 251 8.96 -1.43 14.21
N VAL C 252 10.15 -0.89 13.90
CA VAL C 252 11.31 -1.71 13.53
C VAL C 252 12.47 -1.33 14.44
N ALA C 253 13.18 -2.33 14.93
CA ALA C 253 14.43 -2.14 15.65
C ALA C 253 15.61 -2.62 14.79
N GLU C 254 16.75 -1.94 14.91
CA GLU C 254 17.94 -2.34 14.17
C GLU C 254 19.18 -1.85 14.88
N VAL C 255 20.28 -2.57 14.68
CA VAL C 255 21.60 -2.12 15.09
C VAL C 255 22.37 -1.51 13.94
N ASP C 256 21.96 -1.80 12.69
CA ASP C 256 22.68 -1.32 11.52
C ASP C 256 22.00 -0.03 11.06
N PRO C 257 22.68 1.14 11.10
CA PRO C 257 21.98 2.39 10.72
C PRO C 257 21.56 2.46 9.26
N ILE C 258 22.23 1.75 8.35
CA ILE C 258 21.80 1.81 6.96
C ILE C 258 20.47 1.09 6.80
N CYS C 259 20.37 -0.10 7.40
CA CYS C 259 19.08 -0.81 7.40
C CYS C 259 18.01 0.00 8.11
N ALA C 260 18.37 0.69 9.20
CA ALA C 260 17.40 1.55 9.87
C ALA C 260 16.94 2.70 8.98
N MET C 261 17.86 3.30 8.21
N MET C 261 17.87 3.31 8.21
CA MET C 261 17.49 4.36 7.27
CA MET C 261 17.48 4.36 7.28
C MET C 261 16.49 3.84 6.25
C MET C 261 16.48 3.84 6.26
N GLN C 262 16.69 2.62 5.76
CA GLN C 262 15.74 2.01 4.84
C GLN C 262 14.36 1.87 5.49
N ALA C 263 14.33 1.42 6.74
CA ALA C 263 13.03 1.26 7.41
C ALA C 263 12.30 2.59 7.55
N CYS C 264 13.02 3.67 7.91
CA CYS C 264 12.39 4.99 7.98
C CYS C 264 11.82 5.38 6.63
N MET C 265 12.62 5.23 5.57
CA MET C 265 12.14 5.65 4.26
C MET C 265 10.99 4.77 3.76
N ASP C 266 10.96 3.54 4.21
CA ASP C 266 9.90 2.62 3.85
C ASP C 266 8.64 2.88 4.66
N GLY C 267 8.66 3.83 5.58
CA GLY C 267 7.44 4.23 6.28
C GLY C 267 7.26 3.65 7.66
N PHE C 268 8.36 3.18 8.30
CA PHE C 268 8.29 2.61 9.63
C PHE C 268 8.96 3.53 10.66
N GLU C 269 8.41 3.52 11.87
CA GLU C 269 9.06 4.19 12.99
C GLU C 269 10.12 3.25 13.55
N VAL C 270 11.35 3.76 13.72
CA VAL C 270 12.49 2.96 14.19
C VAL C 270 12.67 3.21 15.67
N VAL C 271 12.59 2.13 16.46
CA VAL C 271 12.58 2.22 17.92
C VAL C 271 13.53 1.14 18.48
N SER C 272 13.90 1.33 19.74
CA SER C 272 14.67 0.30 20.41
C SER C 272 13.91 -0.20 21.64
N PRO C 273 14.01 -1.49 21.95
CA PRO C 273 13.46 -1.96 23.23
C PRO C 273 14.13 -1.31 24.43
N TYR C 274 15.33 -0.74 24.29
CA TYR C 274 16.10 -0.20 25.38
C TYR C 274 16.10 1.33 25.30
N LYS C 275 16.04 1.97 26.46
CA LYS C 275 16.13 3.43 26.50
C LYS C 275 17.45 3.88 25.86
N ASN C 276 17.34 4.76 24.87
CA ASN C 276 18.50 5.26 24.13
C ASN C 276 19.26 4.16 23.41
N GLY C 277 18.66 2.99 23.26
CA GLY C 277 19.28 1.88 22.58
C GLY C 277 20.33 1.12 23.36
N ILE C 278 20.52 1.41 24.65
CA ILE C 278 21.61 0.83 25.46
C ILE C 278 21.07 -0.33 26.29
N ASN C 279 21.51 -1.54 25.95
CA ASN C 279 21.09 -2.81 26.55
C ASN C 279 22.15 -3.19 27.59
N ASP C 280 22.01 -2.62 28.80
CA ASP C 280 22.93 -2.87 29.90
C ASP C 280 22.51 -4.02 30.81
N GLY C 281 21.46 -4.76 30.45
CA GLY C 281 21.06 -5.94 31.19
C GLY C 281 20.13 -5.69 32.36
N THR C 282 19.86 -4.43 32.69
CA THR C 282 19.00 -4.09 33.81
C THR C 282 17.56 -3.93 33.36
N GLU C 283 16.64 -4.10 34.31
CA GLU C 283 15.25 -3.83 34.01
C GLU C 283 15.00 -2.35 33.76
N ALA C 284 15.80 -1.47 34.37
CA ALA C 284 15.64 -0.04 34.17
C ALA C 284 15.89 0.38 32.72
N SER C 285 16.68 -0.38 31.97
CA SER C 285 16.99 -0.06 30.59
C SER C 285 15.86 -0.37 29.63
N ILE C 286 14.86 -1.15 30.04
CA ILE C 286 13.76 -1.50 29.14
C ILE C 286 12.83 -0.32 29.00
N ASP C 287 12.44 -0.02 27.78
CA ASP C 287 11.40 0.97 27.51
C ASP C 287 10.06 0.27 27.74
N ALA C 288 9.64 0.26 29.02
CA ALA C 288 8.41 -0.44 29.41
C ALA C 288 7.17 0.19 28.78
N ALA C 289 7.16 1.50 28.58
CA ALA C 289 6.01 2.12 27.92
C ALA C 289 5.86 1.60 26.49
N LEU C 290 6.98 1.49 25.76
CA LEU C 290 6.95 0.95 24.40
C LEU C 290 6.47 -0.48 24.38
N LEU C 291 7.11 -1.33 25.19
CA LEU C 291 6.82 -2.76 25.13
C LEU C 291 5.42 -3.07 25.64
N GLY C 292 4.90 -2.26 26.55
CA GLY C 292 3.53 -2.44 27.06
C GLY C 292 2.46 -2.14 26.03
N LYS C 293 2.83 -1.61 24.88
CA LYS C 293 1.85 -1.34 23.82
C LYS C 293 1.98 -2.29 22.65
N ILE C 294 2.90 -3.25 22.69
CA ILE C 294 3.18 -4.13 21.56
C ILE C 294 2.33 -5.40 21.61
N ASP C 295 1.59 -5.67 20.52
CA ASP C 295 0.74 -6.86 20.42
C ASP C 295 1.44 -8.05 19.79
N LEU C 296 2.56 -7.83 19.10
CA LEU C 296 3.24 -8.88 18.35
C LEU C 296 4.71 -8.49 18.22
N ILE C 297 5.59 -9.40 18.58
CA ILE C 297 7.03 -9.20 18.35
C ILE C 297 7.56 -10.34 17.49
N VAL C 298 8.38 -10.00 16.50
CA VAL C 298 8.95 -10.96 15.58
C VAL C 298 10.44 -10.70 15.51
N THR C 299 11.24 -11.73 15.77
CA THR C 299 12.70 -11.61 15.64
C THR C 299 13.17 -12.12 14.28
N THR C 300 14.11 -11.38 13.67
CA THR C 300 14.53 -11.69 12.30
C THR C 300 16.05 -11.60 12.10
N THR C 301 16.84 -11.73 13.16
CA THR C 301 18.21 -11.18 13.12
C THR C 301 19.30 -12.21 12.82
N GLY C 302 19.10 -13.48 13.16
CA GLY C 302 20.23 -14.40 13.20
C GLY C 302 21.19 -14.16 14.35
N ASN C 303 20.83 -13.32 15.30
CA ASN C 303 21.65 -12.98 16.46
C ASN C 303 21.07 -13.67 17.68
N VAL C 304 21.70 -13.45 18.82
CA VAL C 304 21.35 -14.16 20.05
C VAL C 304 20.65 -13.21 21.02
N ASN C 305 19.56 -13.70 21.64
CA ASN C 305 18.91 -13.00 22.75
C ASN C 305 18.48 -11.57 22.38
N VAL C 306 17.83 -11.44 21.23
CA VAL C 306 17.32 -10.13 20.82
C VAL C 306 15.91 -9.86 21.32
N CYS C 307 15.22 -10.88 21.84
CA CYS C 307 13.98 -10.66 22.60
C CYS C 307 14.27 -11.33 23.93
N ASP C 308 14.74 -10.52 24.89
CA ASP C 308 15.34 -11.02 26.11
C ASP C 308 14.31 -11.15 27.24
N ALA C 309 14.78 -11.62 28.40
CA ALA C 309 13.87 -11.92 29.51
C ALA C 309 13.17 -10.66 30.01
N ASN C 310 13.91 -9.55 30.10
CA ASN C 310 13.29 -8.32 30.60
C ASN C 310 12.27 -7.80 29.60
N MET C 311 12.55 -7.95 28.29
CA MET C 311 11.55 -7.60 27.28
C MET C 311 10.29 -8.43 27.44
N LEU C 312 10.46 -9.74 27.59
CA LEU C 312 9.30 -10.64 27.75
C LEU C 312 8.48 -10.28 28.98
N LYS C 313 9.14 -9.79 30.04
CA LYS C 313 8.41 -9.41 31.25
C LYS C 313 7.60 -8.13 31.03
N ALA C 314 8.09 -7.25 30.16
CA ALA C 314 7.47 -5.95 29.93
C ALA C 314 6.42 -5.95 28.83
N LEU C 315 6.35 -7.01 28.00
CA LEU C 315 5.40 -7.01 26.90
C LEU C 315 3.97 -6.91 27.41
N LYS C 316 3.15 -6.23 26.59
CA LYS C 316 1.70 -6.18 26.79
C LYS C 316 1.13 -7.57 27.02
N LYS C 317 0.20 -7.68 27.97
CA LYS C 317 -0.53 -8.94 28.18
C LYS C 317 -1.11 -9.42 26.86
N ARG C 318 -0.95 -10.72 26.60
CA ARG C 318 -1.53 -11.45 25.47
C ARG C 318 -0.82 -11.16 24.15
N ALA C 319 0.35 -10.54 24.20
CA ALA C 319 1.11 -10.35 22.98
C ALA C 319 1.57 -11.69 22.43
N VAL C 320 1.74 -11.74 21.12
CA VAL C 320 2.27 -12.91 20.41
C VAL C 320 3.77 -12.71 20.23
N VAL C 321 4.54 -13.77 20.49
CA VAL C 321 5.99 -13.76 20.39
C VAL C 321 6.39 -14.82 19.38
N CYS C 322 7.20 -14.46 18.37
CA CYS C 322 7.65 -15.48 17.45
C CYS C 322 9.00 -15.08 16.86
N ASN C 323 9.65 -16.05 16.24
CA ASN C 323 10.97 -15.88 15.66
C ASN C 323 10.93 -16.44 14.25
N ILE C 324 11.50 -15.71 13.30
CA ILE C 324 11.60 -16.17 11.93
C ILE C 324 13.05 -16.23 11.46
N GLY C 325 14.00 -15.97 12.36
CA GLY C 325 15.40 -16.30 12.08
C GLY C 325 15.65 -17.80 12.21
N HIS C 326 16.86 -18.22 11.86
CA HIS C 326 17.12 -19.65 11.72
C HIS C 326 17.05 -20.41 13.05
N PHE C 327 17.55 -19.84 14.15
CA PHE C 327 17.64 -20.56 15.41
C PHE C 327 16.78 -19.91 16.49
N ASP C 328 16.31 -20.73 17.45
CA ASP C 328 15.36 -20.26 18.45
C ASP C 328 15.99 -19.40 19.54
N ASN C 329 17.31 -19.34 19.62
CA ASN C 329 17.94 -18.54 20.66
C ASN C 329 17.83 -17.02 20.42
N GLU C 330 17.12 -16.59 19.38
CA GLU C 330 16.80 -15.17 19.27
C GLU C 330 15.92 -14.72 20.42
N ILE C 331 15.09 -15.62 20.95
CA ILE C 331 14.17 -15.35 22.05
C ILE C 331 14.64 -16.15 23.27
N ASP C 332 14.60 -15.53 24.45
CA ASP C 332 14.98 -16.25 25.66
C ASP C 332 13.82 -17.14 26.12
N THR C 333 13.60 -18.22 25.34
CA THR C 333 12.61 -19.21 25.77
C THR C 333 13.05 -19.98 27.00
N ALA C 334 14.37 -20.12 27.24
CA ALA C 334 14.83 -20.83 28.43
C ALA C 334 14.35 -20.14 29.69
N PHE C 335 14.41 -18.81 29.73
CA PHE C 335 13.87 -18.05 30.85
C PHE C 335 12.40 -18.39 31.06
N MET C 336 11.63 -18.46 29.97
CA MET C 336 10.20 -18.74 30.09
C MET C 336 9.95 -20.18 30.54
N ARG C 337 10.76 -21.14 30.09
CA ARG C 337 10.58 -22.51 30.57
C ARG C 337 10.87 -22.62 32.05
N LYS C 338 11.81 -21.82 32.54
CA LYS C 338 12.23 -21.94 33.93
C LYS C 338 11.28 -21.24 34.88
N ASN C 339 10.60 -20.18 34.43
CA ASN C 339 9.87 -19.32 35.35
C ASN C 339 8.37 -19.32 35.17
N TRP C 340 7.84 -19.66 34.00
CA TRP C 340 6.42 -19.46 33.73
C TRP C 340 5.76 -20.78 33.31
N ALA C 341 4.43 -20.85 33.44
CA ALA C 341 3.70 -22.08 33.21
C ALA C 341 3.22 -22.10 31.76
N TRP C 342 3.48 -23.20 31.05
CA TRP C 342 3.13 -23.31 29.64
C TRP C 342 1.84 -24.10 29.51
N GLU C 343 0.91 -23.58 28.71
CA GLU C 343 -0.34 -24.25 28.39
C GLU C 343 -0.41 -24.42 26.88
N GLU C 344 -0.40 -25.67 26.42
CA GLU C 344 -0.49 -25.88 24.99
C GLU C 344 -1.92 -25.61 24.50
N VAL C 345 -2.07 -24.67 23.57
CA VAL C 345 -3.36 -24.46 22.91
C VAL C 345 -3.61 -25.57 21.91
N LYS C 346 -2.65 -25.77 21.03
CA LYS C 346 -2.60 -26.82 20.03
C LYS C 346 -1.14 -26.94 19.61
N PRO C 347 -0.77 -27.92 18.81
CA PRO C 347 0.66 -28.06 18.50
C PRO C 347 1.26 -26.75 17.97
N GLN C 348 2.45 -26.42 18.46
CA GLN C 348 3.19 -25.22 18.06
C GLN C 348 2.53 -23.91 18.50
N VAL C 349 1.60 -23.96 19.44
CA VAL C 349 0.99 -22.74 19.99
C VAL C 349 0.90 -22.94 21.49
N HIS C 350 1.62 -22.12 22.25
CA HIS C 350 1.60 -22.18 23.70
C HIS C 350 1.26 -20.83 24.30
N LYS C 351 0.36 -20.82 25.28
CA LYS C 351 0.19 -19.67 26.16
C LYS C 351 1.20 -19.81 27.29
N ILE C 352 1.91 -18.74 27.59
CA ILE C 352 2.94 -18.76 28.61
C ILE C 352 2.46 -17.83 29.72
N HIS C 353 2.08 -18.41 30.85
CA HIS C 353 1.39 -17.68 31.92
C HIS C 353 2.42 -17.07 32.86
N ARG C 354 2.47 -15.74 32.88
CA ARG C 354 3.45 -15.01 33.67
C ARG C 354 3.09 -14.93 35.15
N THR C 355 2.05 -15.64 35.57
CA THR C 355 1.64 -15.63 36.97
C THR C 355 2.52 -16.53 37.82
N GLY C 356 3.35 -17.36 37.23
CA GLY C 356 4.17 -18.27 38.00
C GLY C 356 4.43 -19.53 37.21
N LYS C 357 5.24 -20.40 37.82
CA LYS C 357 5.77 -21.59 37.17
C LYS C 357 4.87 -22.82 37.40
N ASP C 358 4.27 -22.94 38.58
CA ASP C 358 3.54 -24.14 38.96
C ASP C 358 2.05 -23.90 38.73
N GLY C 359 1.55 -24.34 37.58
CA GLY C 359 0.14 -24.25 37.29
C GLY C 359 -0.30 -22.86 36.89
N PHE C 360 -1.57 -22.76 36.50
CA PHE C 360 -2.15 -21.51 36.04
C PHE C 360 -3.66 -21.61 36.15
N ASP C 361 -4.29 -20.44 36.20
CA ASP C 361 -5.74 -20.35 36.10
C ASP C 361 -6.10 -20.40 34.63
N ALA C 362 -7.10 -21.23 34.29
CA ALA C 362 -7.48 -21.40 32.89
C ALA C 362 -7.95 -20.09 32.27
N HIS C 363 -8.48 -19.17 33.08
CA HIS C 363 -8.99 -17.90 32.60
C HIS C 363 -8.03 -16.76 32.90
N ASN C 364 -6.78 -17.06 33.26
CA ASN C 364 -5.79 -16.02 33.51
C ASN C 364 -5.66 -15.13 32.29
N ASP C 365 -5.53 -13.84 32.52
CA ASP C 365 -5.36 -12.91 31.40
C ASP C 365 -3.92 -12.50 31.19
N ASP C 366 -3.00 -12.86 32.08
CA ASP C 366 -1.62 -12.39 31.99
C ASP C 366 -0.73 -13.50 31.43
N TYR C 367 -0.79 -13.66 30.11
CA TYR C 367 -0.01 -14.67 29.41
C TYR C 367 0.49 -14.08 28.09
N LEU C 368 1.51 -14.73 27.52
CA LEU C 368 1.96 -14.45 26.17
C LEU C 368 1.66 -15.67 25.31
N ILE C 369 1.56 -15.49 23.99
CA ILE C 369 1.39 -16.63 23.08
C ILE C 369 2.68 -16.78 22.30
N LEU C 370 3.35 -17.91 22.49
CA LEU C 370 4.59 -18.22 21.78
C LEU C 370 4.26 -19.18 20.65
N LEU C 371 4.76 -18.89 19.46
CA LEU C 371 4.55 -19.76 18.31
C LEU C 371 5.78 -20.61 18.03
N ALA C 372 5.53 -21.88 17.72
CA ALA C 372 6.57 -22.86 17.34
C ALA C 372 7.69 -22.98 18.37
N GLU C 373 7.38 -22.73 19.64
CA GLU C 373 8.38 -22.77 20.71
C GLU C 373 9.62 -21.93 20.37
N GLY C 374 9.42 -20.83 19.65
CA GLY C 374 10.51 -19.94 19.26
C GLY C 374 11.30 -20.39 18.04
N ARG C 375 10.92 -21.51 17.42
CA ARG C 375 11.59 -21.97 16.21
C ARG C 375 10.98 -21.25 15.01
N LEU C 376 11.69 -21.32 13.86
CA LEU C 376 11.27 -20.60 12.65
C LEU C 376 9.77 -20.67 12.42
N VAL C 377 9.07 -19.54 12.52
CA VAL C 377 7.62 -19.61 12.68
C VAL C 377 6.92 -19.88 11.35
N ASN C 378 7.49 -19.41 10.23
CA ASN C 378 6.78 -19.64 8.98
C ASN C 378 6.71 -21.12 8.64
N LEU C 379 7.80 -21.85 8.92
CA LEU C 379 7.80 -23.28 8.71
C LEU C 379 7.12 -24.03 9.84
N GLY C 380 7.18 -23.50 11.07
CA GLY C 380 6.63 -24.20 12.21
C GLY C 380 5.12 -24.19 12.29
N ASN C 381 4.50 -23.05 11.96
CA ASN C 381 3.05 -22.85 12.06
C ASN C 381 2.36 -22.76 10.70
N ALA C 382 3.11 -22.70 9.60
CA ALA C 382 2.52 -22.80 8.28
C ALA C 382 3.35 -23.74 7.42
N THR C 383 3.62 -23.39 6.15
CA THR C 383 4.35 -24.28 5.26
C THR C 383 5.60 -23.59 4.72
N GLY C 384 6.10 -22.57 5.41
CA GLY C 384 7.25 -21.86 4.87
C GLY C 384 6.94 -21.14 3.58
N HIS C 385 8.00 -20.88 2.80
CA HIS C 385 7.83 -20.11 1.58
C HIS C 385 7.08 -20.90 0.51
N PRO C 386 6.42 -20.21 -0.42
CA PRO C 386 5.67 -20.90 -1.47
C PRO C 386 6.57 -21.43 -2.57
N SER C 387 6.06 -22.44 -3.28
CA SER C 387 6.85 -23.10 -4.33
C SER C 387 7.45 -22.11 -5.33
N ARG C 388 6.66 -21.13 -5.78
CA ARG C 388 7.16 -20.24 -6.84
C ARG C 388 8.31 -19.36 -6.36
N ILE C 389 8.41 -19.11 -5.05
CA ILE C 389 9.59 -18.42 -4.51
C ILE C 389 10.75 -19.39 -4.32
N MET C 390 10.48 -20.57 -3.74
CA MET C 390 11.57 -21.54 -3.52
C MET C 390 12.19 -22.02 -4.82
N ASP C 391 11.46 -21.87 -5.94
CA ASP C 391 12.00 -22.18 -7.25
C ASP C 391 13.35 -21.52 -7.46
N GLY C 392 13.46 -20.24 -7.10
CA GLY C 392 14.71 -19.53 -7.30
C GLY C 392 15.82 -20.09 -6.44
N SER C 393 15.57 -20.26 -5.14
CA SER C 393 16.57 -20.81 -4.24
C SER C 393 17.05 -22.16 -4.73
N PHE C 394 16.12 -23.01 -5.16
CA PHE C 394 16.48 -24.40 -5.38
C PHE C 394 17.07 -24.62 -6.77
N ALA C 395 16.71 -23.77 -7.74
CA ALA C 395 17.46 -23.75 -8.99
C ALA C 395 18.92 -23.41 -8.73
N ASN C 396 19.17 -22.43 -7.85
CA ASN C 396 20.55 -22.12 -7.50
C ASN C 396 21.23 -23.31 -6.83
N GLN C 397 20.52 -24.01 -5.93
CA GLN C 397 21.09 -25.18 -5.27
C GLN C 397 21.53 -26.22 -6.28
N VAL C 398 20.66 -26.52 -7.25
CA VAL C 398 20.99 -27.53 -8.27
C VAL C 398 22.22 -27.11 -9.07
N LEU C 399 22.27 -25.85 -9.51
CA LEU C 399 23.44 -25.40 -10.28
C LEU C 399 24.71 -25.46 -9.43
N ALA C 400 24.60 -25.13 -8.15
CA ALA C 400 25.76 -25.16 -7.26
C ALA C 400 26.23 -26.59 -7.01
N GLN C 401 25.31 -27.54 -6.85
CA GLN C 401 25.73 -28.94 -6.71
C GLN C 401 26.41 -29.44 -7.97
N ILE C 402 25.86 -29.11 -9.15
CA ILE C 402 26.52 -29.49 -10.40
C ILE C 402 27.92 -28.93 -10.47
N HIS C 403 28.08 -27.64 -10.13
CA HIS C 403 29.37 -26.99 -10.27
C HIS C 403 30.44 -27.60 -9.34
N LEU C 404 30.11 -27.81 -8.06
CA LEU C 404 31.10 -28.36 -7.15
C LEU C 404 31.36 -29.82 -7.44
N PHE C 405 30.32 -30.59 -7.77
CA PHE C 405 30.54 -31.99 -8.10
C PHE C 405 31.45 -32.14 -9.31
N GLU C 406 31.28 -31.30 -10.32
CA GLU C 406 32.13 -31.39 -11.51
C GLU C 406 33.56 -30.94 -11.21
N GLN C 407 33.76 -30.11 -10.18
CA GLN C 407 35.11 -29.65 -9.86
C GLN C 407 35.95 -30.75 -9.20
N LYS C 408 35.30 -31.72 -8.55
CA LYS C 408 35.99 -32.91 -8.01
C LYS C 408 37.12 -32.56 -7.05
N TYR C 409 36.84 -31.62 -6.14
CA TYR C 409 37.86 -31.15 -5.20
C TYR C 409 38.55 -32.30 -4.46
N ALA C 410 37.77 -33.31 -4.02
CA ALA C 410 38.37 -34.38 -3.21
C ALA C 410 39.40 -35.19 -3.98
N ASP C 411 39.34 -35.15 -5.31
CA ASP C 411 40.31 -35.87 -6.13
C ASP C 411 41.53 -35.03 -6.51
N LEU C 412 41.61 -33.78 -6.05
CA LEU C 412 42.70 -32.94 -6.53
C LEU C 412 43.98 -33.20 -5.74
N PRO C 413 45.14 -32.97 -6.34
CA PRO C 413 46.38 -32.88 -5.57
C PRO C 413 46.28 -31.78 -4.53
N ALA C 414 47.01 -31.95 -3.43
CA ALA C 414 46.92 -31.03 -2.30
C ALA C 414 47.24 -29.59 -2.71
N ALA C 415 48.10 -29.41 -3.71
CA ALA C 415 48.46 -28.06 -4.13
C ALA C 415 47.28 -27.36 -4.81
N GLU C 416 46.56 -28.10 -5.66
CA GLU C 416 45.37 -27.53 -6.27
C GLU C 416 44.22 -27.41 -5.26
N LYS C 417 44.23 -28.24 -4.22
CA LYS C 417 43.21 -28.11 -3.16
C LYS C 417 43.33 -26.75 -2.46
N ALA C 418 44.57 -26.32 -2.18
CA ALA C 418 44.75 -25.06 -1.47
C ALA C 418 44.19 -23.89 -2.28
N LYS C 419 44.39 -23.90 -3.59
CA LYS C 419 43.90 -22.81 -4.42
C LYS C 419 42.39 -22.78 -4.53
N ARG C 420 41.70 -23.90 -4.32
CA ARG C 420 40.26 -23.94 -4.51
C ARG C 420 39.48 -24.02 -3.20
N LEU C 421 40.14 -23.96 -2.05
CA LEU C 421 39.43 -24.04 -0.76
C LEU C 421 38.88 -22.66 -0.40
N SER C 422 37.62 -22.41 -0.71
CA SER C 422 37.05 -21.08 -0.53
C SER C 422 35.53 -21.20 -0.45
N VAL C 423 34.89 -20.07 -0.15
CA VAL C 423 33.44 -19.94 -0.17
C VAL C 423 33.10 -18.94 -1.26
N GLU C 424 32.39 -19.38 -2.29
CA GLU C 424 32.17 -18.58 -3.48
C GLU C 424 30.67 -18.52 -3.74
N VAL C 425 30.28 -17.56 -4.57
CA VAL C 425 28.90 -17.46 -5.03
C VAL C 425 28.86 -17.86 -6.51
N LEU C 426 27.66 -18.17 -6.99
CA LEU C 426 27.49 -18.48 -8.40
C LEU C 426 27.66 -17.21 -9.23
N PRO C 427 28.11 -17.34 -10.49
CA PRO C 427 28.27 -16.15 -11.32
C PRO C 427 26.93 -15.48 -11.64
N LYS C 428 27.04 -14.18 -11.93
CA LYS C 428 25.84 -13.37 -12.17
C LYS C 428 25.04 -13.86 -13.38
N LYS C 429 25.73 -14.36 -14.41
CA LYS C 429 25.02 -14.88 -15.58
C LYS C 429 24.02 -15.97 -15.20
N LEU C 430 24.39 -16.89 -14.30
CA LEU C 430 23.45 -17.93 -13.89
C LEU C 430 22.32 -17.35 -13.05
N ASP C 431 22.66 -16.40 -12.17
CA ASP C 431 21.63 -15.70 -11.38
C ASP C 431 20.59 -15.09 -12.31
N GLU C 432 21.06 -14.43 -13.39
CA GLU C 432 20.16 -13.84 -14.37
C GLU C 432 19.32 -14.90 -15.08
N GLU C 433 19.91 -16.03 -15.42
CA GLU C 433 19.16 -17.06 -16.15
C GLU C 433 18.08 -17.69 -15.28
N VAL C 434 18.36 -17.86 -13.98
CA VAL C 434 17.32 -18.29 -13.06
C VAL C 434 16.20 -17.26 -13.02
N ALA C 435 16.58 -15.98 -12.87
CA ALA C 435 15.58 -14.92 -12.77
C ALA C 435 14.70 -14.87 -14.02
N LEU C 436 15.30 -15.11 -15.18
CA LEU C 436 14.53 -15.08 -16.41
C LEU C 436 13.42 -16.15 -16.40
N GLU C 437 13.75 -17.35 -15.93
CA GLU C 437 12.74 -18.39 -15.85
C GLU C 437 11.65 -18.02 -14.86
N MET C 438 12.01 -17.38 -13.75
CA MET C 438 11.01 -16.91 -12.80
C MET C 438 10.08 -15.89 -13.46
N VAL C 439 10.64 -14.94 -14.21
CA VAL C 439 9.83 -13.90 -14.84
C VAL C 439 8.87 -14.52 -15.86
N LYS C 440 9.37 -15.44 -16.68
CA LYS C 440 8.51 -16.08 -17.66
C LYS C 440 7.38 -16.87 -16.98
N GLY C 441 7.63 -17.36 -15.77
CA GLY C 441 6.60 -18.08 -15.03
C GLY C 441 5.43 -17.20 -14.68
N PHE C 442 5.66 -15.91 -14.52
CA PHE C 442 4.58 -14.96 -14.31
C PHE C 442 3.98 -14.46 -15.62
N GLY C 443 4.51 -14.89 -16.76
CA GLY C 443 4.07 -14.34 -18.01
C GLY C 443 4.75 -13.04 -18.37
N GLY C 444 5.80 -12.68 -17.63
CA GLY C 444 6.51 -11.45 -17.91
C GLY C 444 7.35 -11.58 -19.17
N VAL C 445 7.55 -10.45 -19.86
CA VAL C 445 8.28 -10.39 -21.12
C VAL C 445 9.45 -9.44 -20.94
N VAL C 446 10.67 -9.98 -20.99
CA VAL C 446 11.89 -9.18 -20.87
C VAL C 446 12.24 -8.65 -22.26
N THR C 447 12.62 -7.37 -22.31
CA THR C 447 12.99 -6.72 -23.57
C THR C 447 14.45 -7.05 -23.87
N GLN C 448 14.77 -7.21 -25.17
CA GLN C 448 16.13 -7.45 -25.62
C GLN C 448 16.76 -6.13 -26.06
N LEU C 449 17.96 -5.83 -25.56
CA LEU C 449 18.68 -4.63 -26.01
C LEU C 449 19.01 -4.73 -27.50
N THR C 450 18.96 -3.59 -28.20
CA THR C 450 19.55 -3.54 -29.53
C THR C 450 21.07 -3.53 -29.41
N PRO C 451 21.79 -3.86 -30.49
CA PRO C 451 23.26 -3.72 -30.43
C PRO C 451 23.72 -2.31 -30.06
N LYS C 452 23.11 -1.28 -30.61
CA LYS C 452 23.51 0.08 -30.26
C LYS C 452 23.25 0.39 -28.78
N GLN C 453 22.16 -0.12 -28.22
CA GLN C 453 21.89 0.13 -26.81
C GLN C 453 22.87 -0.62 -25.92
N ALA C 454 23.17 -1.87 -26.27
CA ALA C 454 24.15 -2.63 -25.50
C ALA C 454 25.51 -1.93 -25.51
N GLU C 455 25.95 -1.48 -26.69
CA GLU C 455 27.17 -0.68 -26.76
C GLU C 455 27.08 0.57 -25.87
N TYR C 456 25.93 1.24 -25.88
CA TYR C 456 25.78 2.50 -25.15
C TYR C 456 26.01 2.32 -23.65
N ILE C 457 25.48 1.24 -23.08
CA ILE C 457 25.64 1.00 -21.64
C ILE C 457 26.78 0.04 -21.31
N GLY C 458 27.50 -0.45 -22.31
CA GLY C 458 28.69 -1.25 -22.07
C GLY C 458 28.44 -2.68 -21.63
N VAL C 459 27.37 -3.31 -22.13
CA VAL C 459 27.07 -4.70 -21.80
C VAL C 459 26.90 -5.49 -23.09
N SER C 460 26.97 -6.81 -22.95
CA SER C 460 26.58 -7.72 -24.02
C SER C 460 25.06 -7.81 -24.07
N VAL C 461 24.52 -7.96 -25.29
CA VAL C 461 23.08 -8.21 -25.43
C VAL C 461 22.69 -9.45 -24.64
N GLU C 462 23.63 -10.37 -24.44
CA GLU C 462 23.38 -11.59 -23.67
C GLU C 462 23.38 -11.33 -22.16
N GLY C 463 23.89 -10.19 -21.72
CA GLY C 463 24.20 -10.03 -20.32
C GLY C 463 25.55 -10.65 -20.02
N PRO C 464 26.06 -10.50 -18.77
CA PRO C 464 25.36 -9.88 -17.64
C PRO C 464 25.12 -8.39 -17.81
N PHE C 465 24.06 -7.90 -17.17
CA PHE C 465 23.59 -6.55 -17.39
C PHE C 465 24.09 -5.57 -16.34
N LYS C 466 24.71 -6.07 -15.27
CA LYS C 466 25.10 -5.23 -14.16
C LYS C 466 26.51 -5.63 -13.73
N PRO C 467 27.30 -4.71 -13.20
CA PRO C 467 28.58 -5.09 -12.61
C PRO C 467 28.38 -5.92 -11.35
N ASP C 468 29.43 -6.64 -10.94
CA ASP C 468 29.30 -7.47 -9.74
C ASP C 468 29.07 -6.65 -8.49
N THR C 469 29.44 -5.36 -8.50
CA THR C 469 29.17 -4.47 -7.38
C THR C 469 27.69 -4.12 -7.21
N TYR C 470 26.85 -4.40 -8.20
CA TYR C 470 25.48 -3.86 -8.18
C TYR C 470 24.65 -4.51 -7.09
N ARG C 471 23.83 -3.70 -6.39
CA ARG C 471 23.10 -4.18 -5.21
C ARG C 471 21.62 -4.45 -5.45
N TYR C 472 21.04 -4.03 -6.59
CA TYR C 472 19.61 -4.20 -6.86
C TYR C 472 18.74 -3.62 -5.75
N ALA D 11 -23.98 -34.46 33.09
CA ALA D 11 -23.92 -35.86 32.67
C ALA D 11 -25.29 -36.30 32.15
N GLY D 12 -25.29 -37.23 31.20
CA GLY D 12 -26.52 -37.67 30.56
C GLY D 12 -26.95 -36.83 29.38
N PHE D 13 -26.16 -35.85 28.97
CA PHE D 13 -26.54 -34.97 27.87
C PHE D 13 -26.22 -35.63 26.54
N THR D 14 -27.25 -35.79 25.70
CA THR D 14 -27.09 -36.44 24.40
C THR D 14 -27.74 -35.64 23.28
N ASP D 15 -28.22 -34.43 23.57
CA ASP D 15 -29.08 -33.69 22.65
C ASP D 15 -28.21 -32.83 21.73
N TYR D 16 -27.41 -33.50 20.90
CA TYR D 16 -26.43 -32.85 20.04
C TYR D 16 -25.92 -33.86 19.00
N LYS D 17 -25.25 -33.32 17.97
CA LYS D 17 -24.58 -34.18 16.99
C LYS D 17 -23.39 -33.41 16.44
N VAL D 18 -22.18 -33.85 16.80
CA VAL D 18 -20.94 -33.22 16.38
C VAL D 18 -19.97 -34.28 15.87
N ALA D 19 -18.87 -33.83 15.25
CA ALA D 19 -17.93 -34.79 14.69
C ALA D 19 -17.20 -35.58 15.77
N ASP D 20 -16.75 -34.91 16.84
CA ASP D 20 -15.86 -35.56 17.80
C ASP D 20 -15.92 -34.78 19.11
N ILE D 21 -16.70 -35.30 20.07
CA ILE D 21 -16.85 -34.63 21.35
C ILE D 21 -15.50 -34.45 22.06
N THR D 22 -14.51 -35.31 21.77
CA THR D 22 -13.24 -35.22 22.48
C THR D 22 -12.46 -33.96 22.11
N LEU D 23 -12.91 -33.20 21.13
CA LEU D 23 -12.23 -31.95 20.77
C LEU D 23 -12.65 -30.79 21.66
N ALA D 24 -13.51 -31.06 22.67
CA ALA D 24 -14.11 -29.97 23.44
C ALA D 24 -13.07 -29.18 24.23
N ALA D 25 -12.08 -29.86 24.82
CA ALA D 25 -11.07 -29.15 25.62
C ALA D 25 -10.28 -28.18 24.75
N TRP D 26 -9.91 -28.61 23.54
CA TRP D 26 -9.25 -27.70 22.59
C TRP D 26 -10.17 -26.54 22.24
N GLY D 27 -11.43 -26.84 21.93
CA GLY D 27 -12.36 -25.77 21.61
C GLY D 27 -12.49 -24.76 22.73
N ARG D 28 -12.54 -25.25 23.98
CA ARG D 28 -12.64 -24.35 25.14
C ARG D 28 -11.38 -23.47 25.28
N ARG D 29 -10.19 -24.04 25.03
CA ARG D 29 -9.01 -23.18 25.03
C ARG D 29 -9.13 -22.06 24.00
N GLU D 30 -9.63 -22.36 22.80
CA GLU D 30 -9.73 -21.30 21.79
C GLU D 30 -10.87 -20.34 22.10
N LEU D 31 -11.93 -20.80 22.78
CA LEU D 31 -12.98 -19.87 23.18
C LEU D 31 -12.46 -18.86 24.17
N ILE D 32 -11.62 -19.29 25.11
CA ILE D 32 -11.09 -18.38 26.13
C ILE D 32 -10.21 -17.32 25.47
N ILE D 33 -9.39 -17.71 24.48
CA ILE D 33 -8.63 -16.73 23.71
C ILE D 33 -9.57 -15.77 23.00
N ALA D 34 -10.63 -16.31 22.37
CA ALA D 34 -11.51 -15.46 21.59
C ALA D 34 -12.26 -14.47 22.46
N GLU D 35 -12.62 -14.87 23.69
CA GLU D 35 -13.22 -13.90 24.62
C GLU D 35 -12.32 -12.68 24.78
N SER D 36 -11.00 -12.89 24.84
CA SER D 36 -10.08 -11.75 24.97
C SER D 36 -9.99 -10.93 23.68
N GLU D 37 -10.45 -11.46 22.55
CA GLU D 37 -10.42 -10.75 21.28
C GLU D 37 -11.75 -10.11 20.96
N MET D 38 -12.75 -10.25 21.84
CA MET D 38 -14.12 -9.81 21.56
C MET D 38 -14.66 -8.91 22.67
N PRO D 39 -14.08 -7.70 22.82
CA PRO D 39 -14.46 -6.82 23.93
C PRO D 39 -15.88 -6.29 23.86
N ALA D 40 -16.44 -6.06 22.67
CA ALA D 40 -17.81 -5.55 22.62
C ALA D 40 -18.77 -6.61 23.10
N LEU D 41 -18.58 -7.84 22.63
CA LEU D 41 -19.45 -8.95 23.04
C LEU D 41 -19.26 -9.28 24.51
N MET D 42 -18.00 -9.32 24.98
N MET D 42 -18.02 -9.29 25.00
CA MET D 42 -17.73 -9.52 26.40
CA MET D 42 -17.81 -9.56 26.41
C MET D 42 -18.35 -8.42 27.23
C MET D 42 -18.28 -8.41 27.28
N GLY D 43 -18.24 -7.18 26.76
CA GLY D 43 -18.83 -6.06 27.48
C GLY D 43 -20.33 -6.22 27.65
N LEU D 44 -21.00 -6.77 26.64
CA LEU D 44 -22.43 -7.04 26.79
C LEU D 44 -22.70 -8.12 27.83
N ARG D 45 -21.86 -9.14 27.92
CA ARG D 45 -21.99 -10.14 28.98
C ARG D 45 -21.89 -9.50 30.35
N ARG D 46 -20.87 -8.67 30.55
CA ARG D 46 -20.69 -8.03 31.84
C ARG D 46 -21.83 -7.07 32.14
N LYS D 47 -22.31 -6.36 31.12
CA LYS D 47 -23.31 -5.33 31.38
C LYS D 47 -24.65 -5.96 31.74
N TYR D 48 -25.03 -7.04 31.06
CA TYR D 48 -26.40 -7.54 31.11
C TYR D 48 -26.56 -8.84 31.88
N ALA D 49 -25.48 -9.39 32.46
CA ALA D 49 -25.56 -10.73 33.03
C ALA D 49 -26.55 -10.80 34.19
N GLY D 50 -26.46 -9.84 35.11
CA GLY D 50 -27.34 -9.84 36.26
C GLY D 50 -28.78 -9.52 35.90
N GLN D 51 -29.00 -8.73 34.85
CA GLN D 51 -30.34 -8.36 34.44
C GLN D 51 -31.08 -9.48 33.73
N GLN D 52 -30.36 -10.44 33.17
CA GLN D 52 -30.94 -11.56 32.44
C GLN D 52 -31.99 -11.14 31.40
N PRO D 53 -31.64 -10.23 30.47
CA PRO D 53 -32.66 -9.71 29.55
C PRO D 53 -33.18 -10.73 28.57
N LEU D 54 -32.49 -11.86 28.40
CA LEU D 54 -32.98 -12.92 27.54
C LEU D 54 -33.59 -14.08 28.31
N LYS D 55 -33.86 -13.91 29.59
CA LYS D 55 -34.52 -14.98 30.34
C LYS D 55 -35.91 -15.24 29.73
N GLY D 56 -36.15 -16.49 29.38
CA GLY D 56 -37.37 -16.86 28.68
C GLY D 56 -37.21 -16.94 27.18
N ALA D 57 -36.13 -16.39 26.62
CA ALA D 57 -35.91 -16.50 25.19
C ALA D 57 -35.49 -17.92 24.84
N LYS D 58 -36.04 -18.43 23.73
CA LYS D 58 -35.68 -19.75 23.21
C LYS D 58 -35.35 -19.56 21.73
N ILE D 59 -34.05 -19.57 21.43
CA ILE D 59 -33.53 -19.07 20.16
C ILE D 59 -33.13 -20.24 19.27
N LEU D 60 -33.77 -20.34 18.11
CA LEU D 60 -33.27 -21.18 17.02
C LEU D 60 -32.17 -20.42 16.31
N GLY D 61 -30.96 -20.97 16.29
N GLY D 61 -30.97 -20.96 16.30
CA GLY D 61 -29.83 -20.29 15.68
CA GLY D 61 -29.85 -20.31 15.66
C GLY D 61 -29.25 -21.09 14.52
C GLY D 61 -29.26 -21.09 14.51
N CYS D 62 -28.99 -20.42 13.39
CA CYS D 62 -28.42 -21.09 12.22
C CYS D 62 -27.33 -20.19 11.66
N ILE D 63 -26.09 -20.46 12.07
CA ILE D 63 -24.96 -19.68 11.57
C ILE D 63 -23.70 -20.50 11.80
N HIS D 64 -22.78 -20.43 10.83
CA HIS D 64 -21.44 -21.04 10.86
C HIS D 64 -20.95 -21.35 12.27
N MET D 65 -20.78 -22.63 12.58
CA MET D 65 -20.46 -23.06 13.94
C MET D 65 -18.95 -22.96 14.19
N THR D 66 -18.49 -21.71 14.28
CA THR D 66 -17.09 -21.37 14.48
C THR D 66 -16.83 -21.06 15.95
N ILE D 67 -15.56 -20.83 16.28
CA ILE D 67 -15.20 -20.37 17.61
C ILE D 67 -15.87 -19.04 17.93
N GLN D 68 -15.95 -18.14 16.93
CA GLN D 68 -16.59 -16.85 17.13
C GLN D 68 -18.08 -17.01 17.43
N THR D 69 -18.76 -17.89 16.69
CA THR D 69 -20.15 -18.22 16.99
C THR D 69 -20.30 -18.82 18.40
N GLY D 70 -19.31 -19.60 18.84
CA GLY D 70 -19.36 -20.13 20.20
C GLY D 70 -19.40 -19.03 21.24
N VAL D 71 -18.62 -17.95 21.05
CA VAL D 71 -18.66 -16.84 22.00
C VAL D 71 -20.03 -16.15 21.98
N LEU D 72 -20.59 -16.01 20.79
CA LEU D 72 -21.96 -15.47 20.65
C LEU D 72 -22.99 -16.34 21.37
N ILE D 73 -22.95 -17.65 21.14
CA ILE D 73 -23.90 -18.56 21.80
C ILE D 73 -23.80 -18.43 23.31
N GLU D 74 -22.56 -18.46 23.83
CA GLU D 74 -22.42 -18.42 25.28
C GLU D 74 -22.79 -17.06 25.86
N THR D 75 -22.67 -15.99 25.05
CA THR D 75 -23.19 -14.70 25.48
C THR D 75 -24.72 -14.73 25.59
N LEU D 76 -25.39 -15.29 24.59
CA LEU D 76 -26.84 -15.39 24.64
C LEU D 76 -27.30 -16.18 25.87
N VAL D 77 -26.63 -17.31 26.14
CA VAL D 77 -26.93 -18.16 27.29
C VAL D 77 -26.64 -17.43 28.60
N ALA D 78 -25.49 -16.73 28.67
CA ALA D 78 -25.17 -15.96 29.87
C ALA D 78 -26.20 -14.88 30.15
N LEU D 79 -26.90 -14.41 29.13
CA LEU D 79 -27.96 -13.42 29.28
C LEU D 79 -29.32 -14.04 29.54
N GLY D 80 -29.39 -15.37 29.64
CA GLY D 80 -30.61 -16.07 30.04
C GLY D 80 -31.26 -16.93 29.00
N ALA D 81 -30.83 -16.87 27.75
CA ALA D 81 -31.54 -17.59 26.71
C ALA D 81 -31.22 -19.08 26.75
N GLU D 82 -32.15 -19.88 26.21
CA GLU D 82 -31.85 -21.23 25.74
C GLU D 82 -31.76 -21.19 24.22
N VAL D 83 -30.90 -22.04 23.66
CA VAL D 83 -30.67 -22.09 22.21
C VAL D 83 -30.66 -23.54 21.73
N ARG D 84 -30.95 -23.71 20.44
CA ARG D 84 -30.66 -24.94 19.70
C ARG D 84 -30.05 -24.50 18.39
N TRP D 85 -28.87 -25.05 18.04
CA TRP D 85 -28.01 -24.42 17.04
C TRP D 85 -27.67 -25.37 15.90
N SER D 86 -27.48 -24.79 14.71
CA SER D 86 -26.93 -25.49 13.55
C SER D 86 -26.08 -24.50 12.75
N SER D 87 -25.21 -25.04 11.88
CA SER D 87 -24.43 -24.19 10.99
C SER D 87 -25.25 -23.84 9.75
N CYS D 88 -24.91 -22.71 9.12
CA CYS D 88 -25.58 -22.31 7.89
C CYS D 88 -24.76 -22.67 6.65
N ASN D 89 -23.70 -23.49 6.81
CA ASN D 89 -22.96 -23.97 5.65
C ASN D 89 -22.37 -25.35 5.96
N ILE D 90 -22.33 -26.20 4.93
CA ILE D 90 -21.85 -27.57 5.11
C ILE D 90 -20.36 -27.64 5.45
N PHE D 91 -19.58 -26.61 5.12
CA PHE D 91 -18.13 -26.68 5.32
C PHE D 91 -17.59 -25.71 6.37
N SER D 92 -18.43 -24.92 7.02
CA SER D 92 -17.93 -23.79 7.80
C SER D 92 -17.73 -24.08 9.28
N THR D 93 -18.25 -25.20 9.79
CA THR D 93 -18.09 -25.51 11.21
C THR D 93 -16.60 -25.76 11.52
N GLN D 94 -16.16 -25.26 12.68
CA GLN D 94 -14.92 -25.72 13.30
C GLN D 94 -15.30 -26.78 14.33
N ASP D 95 -14.84 -28.02 14.10
CA ASP D 95 -15.33 -29.12 14.92
C ASP D 95 -15.00 -28.97 16.40
N GLN D 96 -13.88 -28.32 16.73
CA GLN D 96 -13.57 -28.06 18.15
C GLN D 96 -14.55 -27.07 18.78
N ALA D 97 -15.04 -26.09 17.99
CA ALA D 97 -16.06 -25.18 18.50
C ALA D 97 -17.37 -25.90 18.75
N ALA D 98 -17.81 -26.74 17.81
CA ALA D 98 -19.05 -27.49 18.01
C ALA D 98 -18.96 -28.37 19.25
N ALA D 99 -17.82 -29.04 19.43
CA ALA D 99 -17.67 -29.95 20.55
C ALA D 99 -17.69 -29.22 21.88
N ALA D 100 -17.04 -28.05 21.95
CA ALA D 100 -17.03 -27.28 23.19
C ALA D 100 -18.45 -26.83 23.57
N ILE D 101 -19.24 -26.45 22.57
CA ILE D 101 -20.63 -26.05 22.80
C ILE D 101 -21.47 -27.24 23.26
N ALA D 102 -21.36 -28.36 22.56
CA ALA D 102 -22.08 -29.57 22.98
C ALA D 102 -21.66 -29.98 24.38
N ALA D 103 -20.36 -29.87 24.69
CA ALA D 103 -19.89 -30.31 26.00
C ALA D 103 -20.34 -29.37 27.11
N ALA D 104 -20.73 -28.15 26.77
CA ALA D 104 -21.33 -27.24 27.74
C ALA D 104 -22.82 -27.49 27.97
N GLY D 105 -23.38 -28.56 27.40
CA GLY D 105 -24.80 -28.87 27.57
C GLY D 105 -25.74 -28.12 26.64
N ILE D 106 -25.26 -27.60 25.52
CA ILE D 106 -26.03 -26.77 24.61
C ILE D 106 -26.31 -27.58 23.35
N PRO D 107 -27.57 -27.69 22.90
CA PRO D 107 -27.87 -28.50 21.70
C PRO D 107 -27.30 -27.86 20.44
N VAL D 108 -26.43 -28.59 19.75
CA VAL D 108 -25.78 -28.11 18.53
C VAL D 108 -25.66 -29.31 17.59
N PHE D 109 -25.97 -29.08 16.32
CA PHE D 109 -25.97 -30.13 15.31
C PHE D 109 -25.19 -29.56 14.14
N ALA D 110 -23.90 -29.91 14.08
CA ALA D 110 -22.97 -29.23 13.18
C ALA D 110 -21.64 -29.97 13.11
N TRP D 111 -21.15 -30.20 11.90
CA TRP D 111 -19.79 -30.69 11.69
C TRP D 111 -19.28 -30.20 10.35
N LYS D 112 -17.96 -30.16 10.21
CA LYS D 112 -17.36 -29.75 8.95
C LYS D 112 -17.46 -30.91 7.96
N GLY D 113 -17.99 -30.64 6.77
CA GLY D 113 -18.10 -31.67 5.76
C GLY D 113 -19.44 -32.40 5.75
N GLU D 114 -20.53 -31.72 6.09
CA GLU D 114 -21.87 -32.27 5.98
C GLU D 114 -22.23 -32.49 4.52
N THR D 115 -23.05 -33.51 4.28
CA THR D 115 -23.75 -33.56 3.01
C THR D 115 -24.95 -32.60 3.06
N GLU D 116 -25.53 -32.34 1.89
CA GLU D 116 -26.71 -31.48 1.85
C GLU D 116 -27.86 -32.07 2.67
N GLU D 117 -28.04 -33.40 2.62
CA GLU D 117 -29.10 -34.03 3.42
C GLU D 117 -28.84 -33.86 4.91
N GLU D 118 -27.59 -34.04 5.33
CA GLU D 118 -27.25 -33.86 6.73
C GLU D 118 -27.44 -32.42 7.16
N TYR D 119 -27.11 -31.48 6.26
CA TYR D 119 -27.33 -30.06 6.55
C TYR D 119 -28.80 -29.79 6.89
N GLU D 120 -29.71 -30.32 6.08
CA GLU D 120 -31.12 -30.12 6.34
C GLU D 120 -31.54 -30.82 7.62
N TRP D 121 -31.02 -32.04 7.85
CA TRP D 121 -31.35 -32.75 9.07
C TRP D 121 -30.91 -31.95 10.30
N CYS D 122 -29.74 -31.32 10.23
CA CYS D 122 -29.26 -30.52 11.36
C CYS D 122 -30.20 -29.37 11.69
N ILE D 123 -30.66 -28.65 10.68
CA ILE D 123 -31.61 -27.57 10.95
C ILE D 123 -32.88 -28.14 11.58
N GLU D 124 -33.37 -29.26 11.05
CA GLU D 124 -34.59 -29.86 11.62
CA GLU D 124 -34.58 -29.87 11.62
C GLU D 124 -34.37 -30.31 13.06
N GLN D 125 -33.14 -30.70 13.43
CA GLN D 125 -32.92 -31.08 14.83
C GLN D 125 -33.01 -29.87 15.76
N THR D 126 -32.74 -28.66 15.26
CA THR D 126 -32.95 -27.49 16.11
C THR D 126 -34.44 -27.20 16.24
N ILE D 127 -35.20 -27.38 15.15
CA ILE D 127 -36.63 -27.05 15.14
C ILE D 127 -37.44 -28.00 16.04
N LEU D 128 -37.11 -29.30 16.01
CA LEU D 128 -37.87 -30.32 16.72
C LEU D 128 -37.04 -30.79 17.91
N LYS D 129 -37.68 -30.86 19.07
CA LYS D 129 -37.08 -31.49 20.24
C LYS D 129 -37.97 -32.67 20.62
N ASP D 130 -37.37 -33.85 20.74
CA ASP D 130 -38.11 -35.07 21.09
C ASP D 130 -39.27 -35.30 20.14
N GLY D 131 -39.04 -35.02 18.86
CA GLY D 131 -40.03 -35.30 17.83
C GLY D 131 -41.16 -34.29 17.72
N GLN D 132 -41.13 -33.19 18.47
CA GLN D 132 -42.19 -32.19 18.46
C GLN D 132 -41.58 -30.80 18.28
N PRO D 133 -42.30 -29.85 17.72
CA PRO D 133 -41.76 -28.50 17.60
C PRO D 133 -41.34 -27.97 18.97
N TRP D 134 -40.08 -27.51 19.06
CA TRP D 134 -39.60 -26.86 20.27
C TRP D 134 -40.39 -25.59 20.51
N ASP D 135 -40.43 -25.15 21.77
CA ASP D 135 -41.12 -23.90 22.11
C ASP D 135 -40.24 -22.67 21.82
N ALA D 136 -39.86 -22.57 20.55
CA ALA D 136 -39.02 -21.48 20.09
C ALA D 136 -39.80 -20.16 20.12
N ASN D 137 -39.12 -19.07 20.45
CA ASN D 137 -39.72 -17.77 20.32
C ASN D 137 -38.82 -16.73 19.65
N MET D 138 -37.62 -17.11 19.20
CA MET D 138 -36.69 -16.17 18.58
C MET D 138 -35.87 -16.93 17.55
N VAL D 139 -35.44 -16.23 16.48
CA VAL D 139 -34.65 -16.81 15.41
C VAL D 139 -33.42 -15.94 15.19
N LEU D 140 -32.26 -16.58 15.08
CA LEU D 140 -31.02 -15.93 14.66
C LEU D 140 -30.56 -16.67 13.41
N ASP D 141 -30.38 -15.97 12.30
CA ASP D 141 -30.15 -16.65 11.03
C ASP D 141 -29.04 -15.93 10.28
N ASP D 142 -28.40 -16.68 9.38
CA ASP D 142 -27.33 -16.16 8.52
C ASP D 142 -27.57 -16.76 7.15
N GLY D 143 -28.24 -16.00 6.27
CA GLY D 143 -28.47 -16.40 4.90
C GLY D 143 -29.91 -16.77 4.59
N GLY D 144 -30.75 -16.97 5.62
CA GLY D 144 -32.18 -17.18 5.45
C GLY D 144 -32.65 -18.61 5.31
N ASP D 145 -31.76 -19.61 5.43
CA ASP D 145 -32.21 -20.99 5.23
C ASP D 145 -33.16 -21.43 6.33
N LEU D 146 -32.85 -21.12 7.60
CA LEU D 146 -33.75 -21.49 8.70
C LEU D 146 -35.06 -20.71 8.61
N THR D 147 -34.96 -19.41 8.29
CA THR D 147 -36.15 -18.58 8.13
C THR D 147 -37.08 -19.16 7.06
N GLU D 148 -36.50 -19.60 5.95
CA GLU D 148 -37.30 -20.17 4.86
C GLU D 148 -38.00 -21.46 5.28
N ILE D 149 -37.27 -22.36 5.95
CA ILE D 149 -37.85 -23.63 6.41
C ILE D 149 -38.99 -23.37 7.39
N LEU D 150 -38.81 -22.41 8.29
CA LEU D 150 -39.90 -22.10 9.22
C LEU D 150 -41.14 -21.62 8.48
N HIS D 151 -40.96 -20.72 7.51
CA HIS D 151 -42.10 -20.17 6.78
C HIS D 151 -42.79 -21.23 5.92
N LYS D 152 -42.01 -22.12 5.32
CA LYS D 152 -42.59 -23.07 4.37
C LYS D 152 -43.19 -24.26 5.09
N LYS D 153 -42.53 -24.72 6.16
CA LYS D 153 -42.89 -26.00 6.76
C LYS D 153 -43.46 -25.89 8.17
N TYR D 154 -43.18 -24.80 8.89
CA TYR D 154 -43.59 -24.67 10.29
C TYR D 154 -44.28 -23.34 10.59
N PRO D 155 -45.27 -22.94 9.79
CA PRO D 155 -45.91 -21.64 10.05
C PRO D 155 -46.50 -21.50 11.45
N GLN D 156 -47.00 -22.59 12.06
CA GLN D 156 -47.57 -22.48 13.40
C GLN D 156 -46.53 -22.09 14.43
N MET D 157 -45.27 -22.50 14.26
CA MET D 157 -44.25 -22.03 15.18
C MET D 157 -44.03 -20.53 15.05
N LEU D 158 -44.16 -19.98 13.83
CA LEU D 158 -43.90 -18.57 13.65
C LEU D 158 -44.93 -17.71 14.37
N GLU D 159 -46.15 -18.22 14.57
CA GLU D 159 -47.14 -17.48 15.35
C GLU D 159 -46.64 -17.13 16.74
N ARG D 160 -45.68 -17.89 17.27
CA ARG D 160 -45.19 -17.71 18.63
C ARG D 160 -43.78 -17.14 18.68
N ILE D 161 -43.24 -16.71 17.54
CA ILE D 161 -41.87 -16.20 17.45
C ILE D 161 -41.92 -14.69 17.38
N HIS D 162 -41.07 -14.02 18.19
CA HIS D 162 -41.11 -12.58 18.31
C HIS D 162 -40.29 -11.86 17.26
N GLY D 163 -39.32 -12.53 16.65
CA GLY D 163 -38.56 -11.86 15.61
C GLY D 163 -37.43 -12.72 15.10
N ILE D 164 -36.83 -12.25 14.00
CA ILE D 164 -35.66 -12.83 13.37
C ILE D 164 -34.55 -11.78 13.41
N THR D 165 -33.33 -12.19 13.72
CA THR D 165 -32.19 -11.29 13.58
C THR D 165 -31.27 -11.91 12.54
N GLU D 166 -31.13 -11.24 11.38
CA GLU D 166 -30.50 -11.80 10.19
C GLU D 166 -29.13 -11.19 9.98
N GLU D 167 -28.13 -12.06 9.79
CA GLU D 167 -26.72 -11.69 9.79
C GLU D 167 -26.25 -11.06 8.48
N THR D 168 -26.73 -11.52 7.33
CA THR D 168 -25.94 -11.32 6.11
C THR D 168 -26.75 -10.77 4.95
N THR D 169 -26.02 -10.20 3.99
CA THR D 169 -26.66 -9.48 2.90
C THR D 169 -27.71 -10.34 2.20
N THR D 170 -27.33 -11.58 1.85
CA THR D 170 -28.23 -12.46 1.12
C THR D 170 -29.46 -12.78 1.94
N GLY D 171 -29.29 -12.99 3.24
CA GLY D 171 -30.45 -13.24 4.09
C GLY D 171 -31.38 -12.06 4.17
N VAL D 172 -30.84 -10.84 4.24
CA VAL D 172 -31.68 -9.65 4.27
C VAL D 172 -32.44 -9.51 2.97
N HIS D 173 -31.79 -9.80 1.85
CA HIS D 173 -32.49 -9.71 0.56
C HIS D 173 -33.69 -10.65 0.54
N ARG D 174 -33.52 -11.87 1.05
CA ARG D 174 -34.64 -12.82 1.13
C ARG D 174 -35.76 -12.33 2.05
N LEU D 175 -35.42 -11.68 3.17
CA LEU D 175 -36.46 -11.12 4.03
C LEU D 175 -37.25 -10.03 3.32
N LEU D 176 -36.55 -9.15 2.60
CA LEU D 176 -37.23 -8.05 1.93
C LEU D 176 -38.13 -8.57 0.82
N ASP D 177 -37.75 -9.66 0.16
CA ASP D 177 -38.62 -10.27 -0.82
C ASP D 177 -39.91 -10.75 -0.17
N MET D 178 -39.80 -11.43 0.98
CA MET D 178 -40.98 -11.89 1.70
C MET D 178 -41.83 -10.72 2.16
N LEU D 179 -41.20 -9.67 2.68
CA LEU D 179 -41.97 -8.50 3.10
C LEU D 179 -42.72 -7.89 1.93
N LYS D 180 -42.05 -7.79 0.78
CA LYS D 180 -42.69 -7.26 -0.42
C LYS D 180 -43.88 -8.11 -0.82
N ASN D 181 -43.75 -9.43 -0.77
CA ASN D 181 -44.79 -10.36 -1.18
C ASN D 181 -45.83 -10.60 -0.10
N GLY D 182 -45.68 -9.99 1.08
CA GLY D 182 -46.66 -10.19 2.12
C GLY D 182 -46.61 -11.57 2.75
N THR D 183 -45.45 -12.24 2.69
CA THR D 183 -45.31 -13.59 3.23
C THR D 183 -44.44 -13.63 4.48
N LEU D 184 -43.83 -12.51 4.86
CA LEU D 184 -43.04 -12.49 6.08
C LEU D 184 -43.99 -12.50 7.28
N LYS D 185 -43.73 -13.42 8.22
CA LYS D 185 -44.67 -13.63 9.31
C LYS D 185 -44.29 -12.96 10.63
N VAL D 186 -43.01 -12.63 10.82
CA VAL D 186 -42.52 -11.99 12.05
C VAL D 186 -41.56 -10.89 11.65
N PRO D 187 -41.41 -9.87 12.52
CA PRO D 187 -40.49 -8.79 12.18
C PRO D 187 -39.04 -9.24 12.28
N ALA D 188 -38.16 -8.45 11.67
CA ALA D 188 -36.76 -8.82 11.65
C ALA D 188 -35.91 -7.59 11.89
N ILE D 189 -34.72 -7.83 12.46
CA ILE D 189 -33.64 -6.84 12.42
C ILE D 189 -32.59 -7.26 11.42
N ASN D 190 -32.29 -6.34 10.51
CA ASN D 190 -31.22 -6.42 9.53
C ASN D 190 -29.94 -6.08 10.30
N VAL D 191 -29.25 -7.12 10.77
CA VAL D 191 -28.00 -6.94 11.51
C VAL D 191 -26.90 -6.58 10.53
N ASN D 192 -27.01 -7.05 9.29
CA ASN D 192 -25.98 -6.78 8.29
C ASN D 192 -25.68 -5.30 8.15
N ASP D 193 -26.71 -4.45 8.17
CA ASP D 193 -26.51 -3.06 7.78
C ASP D 193 -26.14 -2.13 8.93
N SER D 194 -25.84 -2.64 10.12
CA SER D 194 -25.06 -1.82 11.05
C SER D 194 -23.71 -1.53 10.42
N VAL D 195 -23.18 -0.33 10.66
CA VAL D 195 -21.86 -0.01 10.06
C VAL D 195 -20.79 -0.90 10.66
N THR D 196 -20.91 -1.19 11.97
CA THR D 196 -20.01 -2.13 12.64
C THR D 196 -20.23 -3.58 12.23
N LYS D 197 -21.14 -3.83 11.28
CA LYS D 197 -21.26 -5.15 10.66
C LYS D 197 -20.83 -5.01 9.21
N SER D 198 -21.67 -4.40 8.36
CA SER D 198 -21.41 -4.34 6.91
C SER D 198 -20.04 -3.76 6.56
N LYS D 199 -19.63 -2.66 7.20
CA LYS D 199 -18.37 -2.01 6.82
C LYS D 199 -17.22 -2.43 7.71
N ASN D 200 -17.35 -3.56 8.40
CA ASN D 200 -16.34 -4.17 9.24
C ASN D 200 -16.19 -5.63 8.80
N ASP D 201 -17.17 -6.45 9.16
CA ASP D 201 -17.23 -7.85 8.78
C ASP D 201 -17.15 -8.03 7.26
N ASN D 202 -18.11 -7.47 6.50
CA ASN D 202 -18.18 -7.86 5.09
C ASN D 202 -16.92 -7.46 4.35
N LYS D 203 -16.36 -6.32 4.72
CA LYS D 203 -15.18 -5.76 4.05
C LYS D 203 -13.87 -6.27 4.68
N TYR D 204 -13.55 -5.80 5.89
CA TYR D 204 -12.28 -6.18 6.49
C TYR D 204 -12.21 -7.66 6.84
N GLY D 205 -13.35 -8.30 7.13
CA GLY D 205 -13.28 -9.73 7.41
C GLY D 205 -12.79 -10.52 6.21
N CYS D 206 -13.30 -10.19 5.01
CA CYS D 206 -12.82 -10.83 3.80
C CYS D 206 -11.39 -10.43 3.45
N ARG D 207 -10.98 -9.21 3.79
CA ARG D 207 -9.59 -8.81 3.58
CA ARG D 207 -9.59 -8.82 3.57
C ARG D 207 -8.65 -9.72 4.37
N HIS D 208 -9.02 -10.02 5.60
CA HIS D 208 -8.21 -10.92 6.42
C HIS D 208 -8.26 -12.35 5.89
N SER D 209 -9.46 -12.85 5.56
CA SER D 209 -9.66 -14.30 5.44
C SER D 209 -9.63 -14.83 4.00
N LEU D 210 -9.71 -13.99 2.97
CA LEU D 210 -9.65 -14.54 1.61
C LEU D 210 -8.25 -15.06 1.27
N ASN D 211 -7.22 -14.20 1.39
CA ASN D 211 -5.86 -14.69 1.14
CA ASN D 211 -5.85 -14.67 1.15
C ASN D 211 -5.47 -15.80 2.09
N ASP D 212 -5.98 -15.76 3.33
CA ASP D 212 -5.78 -16.83 4.29
C ASP D 212 -6.25 -18.17 3.72
N ALA D 213 -7.52 -18.23 3.28
CA ALA D 213 -8.06 -19.48 2.76
C ALA D 213 -7.32 -19.97 1.51
N ILE D 214 -6.97 -19.04 0.60
CA ILE D 214 -6.23 -19.45 -0.60
C ILE D 214 -4.88 -20.04 -0.23
N LYS D 215 -4.16 -19.40 0.69
CA LYS D 215 -2.87 -19.92 1.12
C LYS D 215 -3.02 -21.31 1.75
N ARG D 216 -4.03 -21.47 2.63
CA ARG D 216 -4.19 -22.76 3.28
C ARG D 216 -4.54 -23.86 2.28
N GLY D 217 -5.39 -23.52 1.31
CA GLY D 217 -5.83 -24.52 0.34
C GLY D 217 -4.74 -24.93 -0.65
N THR D 218 -3.94 -23.96 -1.11
CA THR D 218 -3.01 -24.17 -2.23
C THR D 218 -1.55 -23.85 -1.92
N ASP D 219 -1.28 -23.04 -0.91
CA ASP D 219 0.06 -22.52 -0.63
C ASP D 219 0.67 -21.84 -1.86
N HIS D 220 -0.18 -21.24 -2.71
CA HIS D 220 0.31 -20.53 -3.88
C HIS D 220 0.83 -19.14 -3.50
N LEU D 221 2.01 -18.78 -4.04
CA LEU D 221 2.40 -17.39 -4.08
C LEU D 221 1.31 -16.61 -4.83
N LEU D 222 0.91 -15.46 -4.26
CA LEU D 222 -0.04 -14.59 -4.95
C LEU D 222 0.63 -13.40 -5.61
N SER D 223 1.77 -12.93 -5.07
CA SER D 223 2.46 -11.76 -5.61
C SER D 223 2.80 -12.01 -7.07
N GLY D 224 2.55 -11.01 -7.91
CA GLY D 224 2.97 -11.10 -9.30
C GLY D 224 1.96 -11.73 -10.23
N LYS D 225 0.94 -12.40 -9.68
CA LYS D 225 -0.06 -13.10 -10.47
C LYS D 225 -1.28 -12.24 -10.71
N GLN D 226 -2.11 -12.66 -11.66
CA GLN D 226 -3.28 -11.88 -12.07
C GLN D 226 -4.55 -12.46 -11.45
N ALA D 227 -5.34 -11.59 -10.81
CA ALA D 227 -6.63 -11.98 -10.26
C ALA D 227 -7.76 -11.21 -10.92
N LEU D 228 -8.95 -11.84 -10.97
CA LEU D 228 -10.16 -11.16 -11.36
C LEU D 228 -11.18 -11.32 -10.25
N VAL D 229 -11.61 -10.21 -9.64
CA VAL D 229 -12.64 -10.23 -8.60
C VAL D 229 -13.95 -9.81 -9.25
N ILE D 230 -14.97 -10.66 -9.16
CA ILE D 230 -16.28 -10.35 -9.72
C ILE D 230 -17.09 -9.71 -8.60
N GLY D 231 -17.36 -8.42 -8.72
CA GLY D 231 -18.07 -7.70 -7.68
C GLY D 231 -17.17 -6.73 -6.92
N TYR D 232 -17.76 -5.60 -6.49
CA TYR D 232 -17.01 -4.59 -5.73
C TYR D 232 -17.95 -3.91 -4.73
N GLY D 233 -18.86 -4.70 -4.15
CA GLY D 233 -19.60 -4.29 -2.97
C GLY D 233 -18.72 -4.43 -1.76
N ASP D 234 -19.30 -4.65 -0.59
CA ASP D 234 -18.46 -4.69 0.61
C ASP D 234 -17.51 -5.88 0.59
N VAL D 235 -18.03 -7.05 0.24
CA VAL D 235 -17.19 -8.24 0.14
C VAL D 235 -16.17 -8.11 -0.98
N GLY D 236 -16.60 -7.61 -2.15
CA GLY D 236 -15.64 -7.47 -3.25
C GLY D 236 -14.55 -6.45 -2.95
N LYS D 237 -14.90 -5.35 -2.26
CA LYS D 237 -13.88 -4.39 -1.84
C LYS D 237 -12.85 -5.05 -0.94
N GLY D 238 -13.31 -5.82 0.07
CA GLY D 238 -12.36 -6.43 0.98
C GLY D 238 -11.55 -7.52 0.31
N SER D 239 -12.20 -8.28 -0.57
CA SER D 239 -11.51 -9.35 -1.30
C SER D 239 -10.43 -8.79 -2.21
N SER D 240 -10.75 -7.72 -2.95
CA SER D 240 -9.75 -7.13 -3.84
C SER D 240 -8.55 -6.64 -3.05
N GLN D 241 -8.78 -6.04 -1.87
CA GLN D 241 -7.66 -5.60 -1.05
C GLN D 241 -6.87 -6.79 -0.50
N SER D 242 -7.56 -7.87 -0.13
CA SER D 242 -6.87 -9.07 0.34
C SER D 242 -5.82 -9.53 -0.67
N LEU D 243 -6.15 -9.44 -1.96
CA LEU D 243 -5.26 -9.89 -3.04
C LEU D 243 -4.26 -8.81 -3.44
N ARG D 244 -4.70 -7.56 -3.54
CA ARG D 244 -3.79 -6.49 -3.92
C ARG D 244 -2.69 -6.30 -2.88
N GLN D 245 -3.02 -6.45 -1.58
CA GLN D 245 -2.01 -6.22 -0.55
C GLN D 245 -0.95 -7.32 -0.56
N GLU D 246 -1.27 -8.47 -1.14
CA GLU D 246 -0.31 -9.53 -1.36
C GLU D 246 0.53 -9.31 -2.61
N GLY D 247 0.27 -8.27 -3.39
CA GLY D 247 1.00 -8.08 -4.63
C GLY D 247 0.37 -8.66 -5.88
N MET D 248 -0.88 -9.13 -5.81
CA MET D 248 -1.53 -9.51 -7.06
C MET D 248 -1.85 -8.29 -7.90
N ILE D 249 -1.87 -8.50 -9.20
CA ILE D 249 -2.39 -7.53 -10.16
C ILE D 249 -3.88 -7.86 -10.27
N VAL D 250 -4.73 -7.01 -9.69
CA VAL D 250 -6.15 -7.30 -9.51
C VAL D 250 -6.97 -6.49 -10.51
N LYS D 251 -7.84 -7.17 -11.25
CA LYS D 251 -8.85 -6.55 -12.08
C LYS D 251 -10.20 -6.81 -11.44
N VAL D 252 -11.14 -5.89 -11.65
CA VAL D 252 -12.44 -5.93 -11.00
C VAL D 252 -13.56 -5.85 -12.03
N ALA D 253 -14.58 -6.70 -11.88
CA ALA D 253 -15.79 -6.64 -12.70
C ALA D 253 -16.95 -6.15 -11.85
N GLU D 254 -17.85 -5.36 -12.47
CA GLU D 254 -19.00 -4.85 -11.73
C GLU D 254 -20.12 -4.56 -12.70
N VAL D 255 -21.37 -4.68 -12.19
CA VAL D 255 -22.54 -4.20 -12.92
C VAL D 255 -22.99 -2.83 -12.43
N ASP D 256 -22.56 -2.41 -11.25
CA ASP D 256 -22.99 -1.14 -10.68
C ASP D 256 -21.91 -0.12 -10.99
N PRO D 257 -22.19 0.94 -11.73
CA PRO D 257 -21.11 1.86 -12.13
C PRO D 257 -20.56 2.68 -10.98
N ILE D 258 -21.34 2.89 -9.89
CA ILE D 258 -20.80 3.61 -8.74
C ILE D 258 -19.72 2.76 -8.08
N CYS D 259 -20.01 1.47 -7.88
CA CYS D 259 -19.00 0.58 -7.32
C CYS D 259 -17.80 0.46 -8.26
N ALA D 260 -18.06 0.44 -9.57
CA ALA D 260 -16.96 0.42 -10.54
C ALA D 260 -16.13 1.69 -10.45
N MET D 261 -16.77 2.83 -10.24
N MET D 261 -16.76 2.84 -10.24
CA MET D 261 -16.02 4.09 -10.06
CA MET D 261 -16.01 4.09 -10.07
C MET D 261 -15.08 4.00 -8.87
C MET D 261 -15.07 3.99 -8.88
N GLN D 262 -15.56 3.44 -7.76
CA GLN D 262 -14.72 3.27 -6.59
C GLN D 262 -13.54 2.38 -6.92
N ALA D 263 -13.77 1.30 -7.68
CA ALA D 263 -12.66 0.40 -7.99
C ALA D 263 -11.58 1.11 -8.82
N CYS D 264 -11.99 1.94 -9.78
CA CYS D 264 -11.01 2.71 -10.56
C CYS D 264 -10.21 3.64 -9.66
N MET D 265 -10.90 4.41 -8.82
CA MET D 265 -10.22 5.34 -7.93
C MET D 265 -9.36 4.63 -6.90
N ASP D 266 -9.70 3.40 -6.56
CA ASP D 266 -8.91 2.61 -5.63
C ASP D 266 -7.69 1.99 -6.31
N GLY D 267 -7.52 2.18 -7.62
CA GLY D 267 -6.34 1.72 -8.30
C GLY D 267 -6.47 0.42 -9.04
N PHE D 268 -7.69 -0.01 -9.37
CA PHE D 268 -7.91 -1.24 -10.09
C PHE D 268 -8.37 -0.94 -11.51
N GLU D 269 -7.99 -1.81 -12.43
CA GLU D 269 -8.55 -1.82 -13.77
C GLU D 269 -9.90 -2.54 -13.75
N VAL D 270 -10.92 -1.90 -14.32
CA VAL D 270 -12.27 -2.49 -14.33
C VAL D 270 -12.52 -3.11 -15.69
N VAL D 271 -12.83 -4.41 -15.70
CA VAL D 271 -12.98 -5.20 -16.93
C VAL D 271 -14.22 -6.06 -16.80
N SER D 272 -14.65 -6.60 -17.95
CA SER D 272 -15.76 -7.54 -17.96
C SER D 272 -15.33 -8.85 -18.58
N PRO D 273 -15.81 -9.99 -18.07
CA PRO D 273 -15.56 -11.27 -18.76
C PRO D 273 -16.10 -11.30 -20.17
N TYR D 274 -17.01 -10.41 -20.52
CA TYR D 274 -17.70 -10.43 -21.80
C TYR D 274 -17.30 -9.21 -22.61
N LYS D 275 -17.19 -9.41 -23.93
CA LYS D 275 -16.81 -8.33 -24.82
C LYS D 275 -17.86 -7.23 -24.74
N ASN D 276 -17.42 -6.01 -24.41
CA ASN D 276 -18.31 -4.85 -24.24
C ASN D 276 -19.30 -5.04 -23.10
N GLY D 277 -19.04 -5.99 -22.22
CA GLY D 277 -19.90 -6.25 -21.10
C GLY D 277 -21.19 -6.97 -21.41
N ILE D 278 -21.37 -7.47 -22.63
CA ILE D 278 -22.64 -8.07 -23.07
C ILE D 278 -22.57 -9.59 -22.96
N ASN D 279 -23.34 -10.13 -22.01
CA ASN D 279 -23.38 -11.56 -21.67
C ASN D 279 -24.57 -12.16 -22.41
N ASP D 280 -24.33 -12.53 -23.68
CA ASP D 280 -25.40 -13.01 -24.56
C ASP D 280 -25.48 -14.53 -24.63
N GLY D 281 -24.72 -15.25 -23.79
CA GLY D 281 -24.80 -16.69 -23.73
C GLY D 281 -23.90 -17.44 -24.70
N THR D 282 -23.28 -16.76 -25.65
CA THR D 282 -22.45 -17.43 -26.65
C THR D 282 -21.00 -17.51 -26.20
N GLU D 283 -20.28 -18.52 -26.70
CA GLU D 283 -18.84 -18.53 -26.46
C GLU D 283 -18.17 -17.32 -27.08
N ALA D 284 -18.71 -16.82 -28.20
CA ALA D 284 -18.12 -15.66 -28.88
C ALA D 284 -18.13 -14.43 -27.99
N SER D 285 -19.04 -14.35 -27.03
CA SER D 285 -19.06 -13.15 -26.19
C SER D 285 -17.95 -13.12 -25.16
N ILE D 286 -17.26 -14.23 -24.92
CA ILE D 286 -16.25 -14.29 -23.85
C ILE D 286 -14.98 -13.59 -24.31
N ASP D 287 -14.43 -12.72 -23.47
CA ASP D 287 -13.12 -12.14 -23.72
C ASP D 287 -12.08 -13.21 -23.40
N ALA D 288 -11.79 -14.06 -24.38
CA ALA D 288 -10.88 -15.17 -24.13
C ALA D 288 -9.46 -14.70 -23.86
N ALA D 289 -9.02 -13.60 -24.47
CA ALA D 289 -7.66 -13.14 -24.21
C ALA D 289 -7.51 -12.72 -22.76
N LEU D 290 -8.53 -12.04 -22.21
CA LEU D 290 -8.50 -11.65 -20.81
C LEU D 290 -8.52 -12.86 -19.88
N LEU D 291 -9.50 -13.74 -20.03
CA LEU D 291 -9.63 -14.86 -19.11
C LEU D 291 -8.45 -15.81 -19.19
N GLY D 292 -7.82 -15.91 -20.36
CA GLY D 292 -6.62 -16.72 -20.54
C GLY D 292 -5.40 -16.21 -19.81
N LYS D 293 -5.47 -15.03 -19.19
CA LYS D 293 -4.37 -14.47 -18.41
C LYS D 293 -4.63 -14.48 -16.90
N ILE D 294 -5.80 -14.93 -16.46
CA ILE D 294 -6.20 -14.81 -15.07
C ILE D 294 -5.75 -16.06 -14.32
N ASP D 295 -5.01 -15.88 -13.21
CA ASP D 295 -4.57 -16.98 -12.36
C ASP D 295 -5.53 -17.30 -11.23
N LEU D 296 -6.45 -16.39 -10.91
CA LEU D 296 -7.35 -16.55 -9.78
C LEU D 296 -8.60 -15.72 -10.06
N ILE D 297 -9.76 -16.37 -9.91
CA ILE D 297 -11.05 -15.71 -9.98
C ILE D 297 -11.81 -15.93 -8.67
N VAL D 298 -12.40 -14.85 -8.14
CA VAL D 298 -13.12 -14.85 -6.87
C VAL D 298 -14.46 -14.17 -7.11
N THR D 299 -15.55 -14.85 -6.76
CA THR D 299 -16.88 -14.28 -6.92
C THR D 299 -17.34 -13.73 -5.58
N THR D 300 -17.95 -12.54 -5.60
CA THR D 300 -18.28 -11.82 -4.37
C THR D 300 -19.68 -11.19 -4.40
N THR D 301 -20.60 -11.70 -5.24
CA THR D 301 -21.74 -10.88 -5.65
C THR D 301 -23.06 -11.15 -4.91
N GLY D 302 -23.28 -12.35 -4.39
CA GLY D 302 -24.63 -12.68 -3.97
C GLY D 302 -25.60 -12.90 -5.13
N ASN D 303 -25.09 -12.99 -6.37
CA ASN D 303 -25.91 -13.15 -7.55
C ASN D 303 -25.66 -14.55 -8.11
N VAL D 304 -26.30 -14.86 -9.24
CA VAL D 304 -26.28 -16.22 -9.78
C VAL D 304 -25.44 -16.29 -11.05
N ASN D 305 -24.58 -17.31 -11.14
CA ASN D 305 -23.89 -17.64 -12.38
C ASN D 305 -23.04 -16.48 -12.90
N VAL D 306 -22.25 -15.88 -12.00
CA VAL D 306 -21.34 -14.80 -12.40
C VAL D 306 -19.97 -15.30 -12.82
N CYS D 307 -19.67 -16.57 -12.59
CA CYS D 307 -18.52 -17.25 -13.19
C CYS D 307 -19.12 -18.48 -13.88
N ASP D 308 -19.42 -18.33 -15.17
CA ASP D 308 -20.26 -19.27 -15.89
C ASP D 308 -19.42 -20.32 -16.62
N ALA D 309 -20.11 -21.24 -17.31
CA ALA D 309 -19.43 -22.35 -17.97
C ALA D 309 -18.43 -21.87 -19.01
N ASN D 310 -18.83 -20.89 -19.83
CA ASN D 310 -17.92 -20.41 -20.87
C ASN D 310 -16.70 -19.70 -20.27
N MET D 311 -16.90 -18.97 -19.17
CA MET D 311 -15.75 -18.40 -18.46
C MET D 311 -14.81 -19.48 -17.94
N LEU D 312 -15.37 -20.55 -17.36
CA LEU D 312 -14.52 -21.63 -16.86
C LEU D 312 -13.77 -22.33 -17.98
N LYS D 313 -14.40 -22.46 -19.15
CA LYS D 313 -13.71 -23.04 -20.30
C LYS D 313 -12.57 -22.16 -20.77
N ALA D 314 -12.70 -20.83 -20.64
CA ALA D 314 -11.71 -19.91 -21.17
C ALA D 314 -10.59 -19.59 -20.20
N LEU D 315 -10.72 -19.93 -18.92
CA LEU D 315 -9.72 -19.52 -17.96
C LEU D 315 -8.37 -20.16 -18.26
N LYS D 316 -7.32 -19.42 -17.90
CA LYS D 316 -5.96 -19.93 -18.00
C LYS D 316 -5.82 -21.27 -17.28
N LYS D 317 -5.02 -22.16 -17.89
CA LYS D 317 -4.71 -23.44 -17.25
C LYS D 317 -4.18 -23.22 -15.84
N ARG D 318 -4.66 -24.04 -14.91
CA ARG D 318 -4.23 -24.09 -13.52
C ARG D 318 -4.69 -22.88 -12.71
N ALA D 319 -5.67 -22.13 -13.21
CA ALA D 319 -6.25 -21.03 -12.42
C ALA D 319 -6.96 -21.59 -11.19
N VAL D 320 -7.00 -20.78 -10.15
CA VAL D 320 -7.79 -21.07 -8.96
C VAL D 320 -9.14 -20.40 -9.10
N VAL D 321 -10.21 -21.12 -8.74
CA VAL D 321 -11.59 -20.64 -8.81
C VAL D 321 -12.17 -20.73 -7.40
N CYS D 322 -12.74 -19.63 -6.90
CA CYS D 322 -13.40 -19.71 -5.60
C CYS D 322 -14.51 -18.67 -5.51
N ASN D 323 -15.34 -18.85 -4.49
CA ASN D 323 -16.49 -17.99 -4.25
C ASN D 323 -16.47 -17.63 -2.78
N ILE D 324 -16.70 -16.34 -2.50
CA ILE D 324 -16.79 -15.85 -1.13
C ILE D 324 -18.16 -15.23 -0.84
N GLY D 325 -19.07 -15.24 -1.82
CA GLY D 325 -20.47 -14.95 -1.57
C GLY D 325 -21.14 -16.09 -0.81
N HIS D 326 -22.40 -15.85 -0.41
CA HIS D 326 -23.06 -16.77 0.53
C HIS D 326 -23.31 -18.15 -0.07
N PHE D 327 -23.66 -18.23 -1.35
CA PHE D 327 -24.14 -19.49 -1.93
C PHE D 327 -23.27 -19.88 -3.11
N ASP D 328 -23.11 -21.19 -3.32
CA ASP D 328 -22.19 -21.68 -4.35
C ASP D 328 -22.68 -21.44 -5.76
N ASN D 329 -23.94 -21.07 -5.96
CA ASN D 329 -24.40 -20.89 -7.33
C ASN D 329 -23.81 -19.66 -8.03
N GLU D 330 -22.91 -18.91 -7.39
CA GLU D 330 -22.17 -17.87 -8.12
C GLU D 330 -21.34 -18.48 -9.23
N ILE D 331 -20.89 -19.72 -9.06
CA ILE D 331 -20.05 -20.42 -10.03
C ILE D 331 -20.84 -21.59 -10.57
N ASP D 332 -20.76 -21.83 -11.87
CA ASP D 332 -21.43 -22.98 -12.47
C ASP D 332 -20.62 -24.25 -12.18
N THR D 333 -20.66 -24.67 -10.91
CA THR D 333 -20.03 -25.94 -10.55
C THR D 333 -20.79 -27.13 -11.15
N ALA D 334 -22.10 -27.00 -11.40
CA ALA D 334 -22.85 -28.11 -11.98
C ALA D 334 -22.33 -28.48 -13.36
N PHE D 335 -22.02 -27.47 -14.18
CA PHE D 335 -21.39 -27.73 -15.48
C PHE D 335 -20.11 -28.53 -15.29
N MET D 336 -19.30 -28.16 -14.29
CA MET D 336 -18.04 -28.85 -14.08
C MET D 336 -18.25 -30.27 -13.60
N ARG D 337 -19.28 -30.50 -12.77
CA ARG D 337 -19.57 -31.87 -12.35
C ARG D 337 -20.04 -32.73 -13.50
N LYS D 338 -20.75 -32.15 -14.47
CA LYS D 338 -21.26 -32.92 -15.59
C LYS D 338 -20.18 -33.27 -16.60
N ASN D 339 -19.19 -32.41 -16.78
CA ASN D 339 -18.33 -32.47 -17.95
C ASN D 339 -16.88 -32.80 -17.67
N TRP D 340 -16.39 -32.57 -16.45
CA TRP D 340 -14.96 -32.63 -16.14
C TRP D 340 -14.70 -33.57 -14.97
N ALA D 341 -13.48 -34.10 -14.91
CA ALA D 341 -13.12 -35.08 -13.90
C ALA D 341 -12.50 -34.40 -12.69
N TRP D 342 -13.00 -34.72 -11.50
CA TRP D 342 -12.57 -34.09 -10.25
C TRP D 342 -11.55 -34.98 -9.52
N GLU D 343 -10.43 -34.38 -9.13
CA GLU D 343 -9.38 -35.06 -8.36
C GLU D 343 -9.26 -34.35 -7.02
N GLU D 344 -9.60 -35.03 -5.92
CA GLU D 344 -9.46 -34.38 -4.62
C GLU D 344 -7.97 -34.26 -4.28
N VAL D 345 -7.51 -33.04 -4.03
CA VAL D 345 -6.15 -32.87 -3.54
C VAL D 345 -6.07 -33.19 -2.06
N LYS D 346 -6.98 -32.58 -1.29
CA LYS D 346 -7.18 -32.80 0.13
C LYS D 346 -8.58 -32.24 0.41
N PRO D 347 -9.13 -32.34 1.60
CA PRO D 347 -10.51 -31.82 1.79
C PRO D 347 -10.64 -30.38 1.33
N GLN D 348 -11.71 -30.09 0.60
CA GLN D 348 -12.06 -28.75 0.16
C GLN D 348 -11.09 -28.18 -0.88
N VAL D 349 -10.28 -29.03 -1.52
CA VAL D 349 -9.44 -28.62 -2.62
C VAL D 349 -9.53 -29.67 -3.73
N HIS D 350 -10.03 -29.27 -4.91
CA HIS D 350 -10.19 -30.21 -6.02
C HIS D 350 -9.54 -29.66 -7.27
N LYS D 351 -8.78 -30.50 -7.98
CA LYS D 351 -8.40 -30.21 -9.35
C LYS D 351 -9.50 -30.70 -10.27
N ILE D 352 -9.93 -29.84 -11.20
CA ILE D 352 -10.99 -30.14 -12.15
C ILE D 352 -10.31 -30.25 -13.50
N HIS D 353 -10.25 -31.47 -14.04
CA HIS D 353 -9.48 -31.72 -15.25
C HIS D 353 -10.36 -31.46 -16.47
N ARG D 354 -9.94 -30.51 -17.32
CA ARG D 354 -10.75 -30.11 -18.46
C ARG D 354 -10.58 -31.02 -19.67
N THR D 355 -9.90 -32.15 -19.49
CA THR D 355 -9.68 -33.11 -20.57
C THR D 355 -10.84 -34.08 -20.77
N GLY D 356 -11.78 -34.14 -19.83
CA GLY D 356 -12.87 -35.09 -19.96
C GLY D 356 -13.46 -35.44 -18.61
N LYS D 357 -14.53 -36.22 -18.66
CA LYS D 357 -15.33 -36.53 -17.49
C LYS D 357 -14.89 -37.81 -16.77
N ASP D 358 -14.45 -38.80 -17.52
CA ASP D 358 -14.17 -40.12 -16.98
C ASP D 358 -12.66 -40.31 -16.92
N GLY D 359 -12.07 -40.04 -15.77
CA GLY D 359 -10.66 -40.25 -15.55
C GLY D 359 -9.81 -39.10 -16.05
N PHE D 360 -8.54 -39.11 -15.63
CA PHE D 360 -7.61 -38.04 -15.95
C PHE D 360 -6.19 -38.61 -15.85
N ASP D 361 -5.27 -37.97 -16.57
CA ASP D 361 -3.86 -38.21 -16.37
C ASP D 361 -3.43 -37.50 -15.10
N ALA D 362 -2.75 -38.21 -14.20
CA ALA D 362 -2.34 -37.61 -12.94
C ALA D 362 -1.39 -36.44 -13.16
N HIS D 363 -0.70 -36.38 -14.30
CA HIS D 363 0.19 -35.30 -14.66
C HIS D 363 -0.39 -34.35 -15.70
N ASN D 364 -1.70 -34.41 -15.92
CA ASN D 364 -2.35 -33.48 -16.83
C ASN D 364 -2.09 -32.05 -16.38
N ASP D 365 -1.83 -31.17 -17.36
CA ASP D 365 -1.61 -29.75 -17.09
C ASP D 365 -2.86 -28.90 -17.23
N ASP D 366 -3.94 -29.44 -17.81
CA ASP D 366 -5.14 -28.65 -18.11
C ASP D 366 -6.22 -28.91 -17.05
N TYR D 367 -6.06 -28.27 -15.92
CA TYR D 367 -7.02 -28.35 -14.83
C TYR D 367 -7.19 -26.98 -14.19
N LEU D 368 -8.31 -26.82 -13.48
CA LEU D 368 -8.52 -25.70 -12.60
C LEU D 368 -8.49 -26.23 -11.17
N ILE D 369 -8.22 -25.35 -10.21
CA ILE D 369 -8.31 -25.72 -8.80
C ILE D 369 -9.52 -24.99 -8.21
N LEU D 370 -10.51 -25.75 -7.76
CA LEU D 370 -11.71 -25.19 -7.14
C LEU D 370 -11.57 -25.37 -5.63
N LEU D 371 -11.86 -24.32 -4.86
CA LEU D 371 -11.76 -24.40 -3.41
C LEU D 371 -13.15 -24.54 -2.81
N ALA D 372 -13.27 -25.41 -1.80
CA ALA D 372 -14.50 -25.58 -1.02
C ALA D 372 -15.71 -25.93 -1.89
N GLU D 373 -15.48 -26.57 -3.04
CA GLU D 373 -16.55 -26.93 -3.97
C GLU D 373 -17.44 -25.73 -4.30
N GLY D 374 -16.85 -24.54 -4.32
CA GLY D 374 -17.58 -23.33 -4.64
C GLY D 374 -18.34 -22.71 -3.47
N ARG D 375 -18.32 -23.33 -2.30
CA ARG D 375 -18.93 -22.76 -1.11
C ARG D 375 -18.02 -21.68 -0.54
N LEU D 376 -18.57 -20.85 0.36
CA LEU D 376 -17.84 -19.74 0.97
C LEU D 376 -16.41 -20.11 1.31
N VAL D 377 -15.42 -19.52 0.61
CA VAL D 377 -14.06 -20.06 0.67
C VAL D 377 -13.35 -19.70 1.98
N ASN D 378 -13.63 -18.53 2.55
CA ASN D 378 -12.93 -18.15 3.76
C ASN D 378 -13.27 -19.08 4.91
N LEU D 379 -14.55 -19.47 5.01
CA LEU D 379 -14.96 -20.40 6.05
C LEU D 379 -14.67 -21.86 5.69
N GLY D 380 -14.62 -22.20 4.41
CA GLY D 380 -14.46 -23.58 4.01
C GLY D 380 -13.01 -24.04 4.02
N ASN D 381 -12.09 -23.14 3.65
CA ASN D 381 -10.67 -23.49 3.57
C ASN D 381 -9.85 -22.84 4.66
N ALA D 382 -10.43 -21.94 5.45
CA ALA D 382 -9.73 -21.41 6.61
C ALA D 382 -10.71 -21.36 7.77
N THR D 383 -10.75 -20.27 8.55
CA THR D 383 -11.62 -20.20 9.72
C THR D 383 -12.58 -19.01 9.64
N GLY D 384 -12.82 -18.49 8.45
CA GLY D 384 -13.63 -17.28 8.29
C GLY D 384 -12.98 -16.08 8.95
N HIS D 385 -13.81 -15.13 9.34
CA HIS D 385 -13.30 -13.87 9.84
C HIS D 385 -12.71 -14.05 11.23
N PRO D 386 -11.78 -13.19 11.64
CA PRO D 386 -11.17 -13.33 12.97
C PRO D 386 -12.09 -12.80 14.08
N SER D 387 -11.83 -13.31 15.30
CA SER D 387 -12.65 -12.95 16.45
C SER D 387 -12.85 -11.44 16.60
N ARG D 388 -11.77 -10.66 16.44
CA ARG D 388 -11.87 -9.22 16.74
C ARG D 388 -12.78 -8.49 15.74
N ILE D 389 -12.97 -9.03 14.53
CA ILE D 389 -13.94 -8.49 13.58
C ILE D 389 -15.34 -9.01 13.88
N MET D 390 -15.46 -10.32 14.13
CA MET D 390 -16.78 -10.88 14.43
C MET D 390 -17.38 -10.30 15.71
N ASP D 391 -16.53 -9.73 16.58
CA ASP D 391 -17.00 -9.05 17.78
C ASP D 391 -18.05 -7.99 17.44
N GLY D 392 -17.79 -7.19 16.39
CA GLY D 392 -18.76 -6.20 15.98
C GLY D 392 -20.08 -6.81 15.53
N SER D 393 -20.01 -7.77 14.60
CA SER D 393 -21.22 -8.40 14.08
C SER D 393 -22.04 -9.00 15.21
N PHE D 394 -21.37 -9.68 16.14
CA PHE D 394 -22.09 -10.47 17.11
C PHE D 394 -22.57 -9.63 18.29
N ALA D 395 -21.88 -8.52 18.59
CA ALA D 395 -22.47 -7.56 19.53
C ALA D 395 -23.78 -7.03 18.99
N ASN D 396 -23.83 -6.70 17.69
CA ASN D 396 -25.09 -6.30 17.08
C ASN D 396 -26.14 -7.39 17.19
N GLN D 397 -25.75 -8.64 16.93
CA GLN D 397 -26.71 -9.75 17.05
C GLN D 397 -27.31 -9.81 18.45
N VAL D 398 -26.48 -9.69 19.49
CA VAL D 398 -27.00 -9.75 20.86
C VAL D 398 -27.97 -8.61 21.11
N LEU D 399 -27.59 -7.40 20.72
CA LEU D 399 -28.48 -6.25 20.91
C LEU D 399 -29.79 -6.41 20.16
N ALA D 400 -29.74 -6.92 18.92
CA ALA D 400 -30.95 -7.16 18.16
C ALA D 400 -31.83 -8.22 18.79
N GLN D 401 -31.23 -9.31 19.31
CA GLN D 401 -32.03 -10.31 20.01
C GLN D 401 -32.72 -9.71 21.23
N ILE D 402 -32.00 -8.87 21.98
CA ILE D 402 -32.60 -8.26 23.15
C ILE D 402 -33.77 -7.37 22.75
N HIS D 403 -33.58 -6.58 21.69
CA HIS D 403 -34.61 -5.63 21.31
C HIS D 403 -35.89 -6.34 20.84
N LEU D 404 -35.76 -7.31 19.94
CA LEU D 404 -36.96 -8.00 19.45
C LEU D 404 -37.59 -8.83 20.54
N PHE D 405 -36.79 -9.45 21.41
CA PHE D 405 -37.39 -10.24 22.49
C PHE D 405 -38.20 -9.37 23.44
N GLU D 406 -37.69 -8.16 23.74
CA GLU D 406 -38.43 -7.29 24.65
C GLU D 406 -39.71 -6.78 24.02
N GLN D 407 -39.73 -6.60 22.70
CA GLN D 407 -40.93 -6.09 22.03
C GLN D 407 -42.08 -7.08 22.06
N LYS D 408 -41.78 -8.37 22.12
CA LYS D 408 -42.80 -9.42 22.30
C LYS D 408 -43.85 -9.40 21.20
N TYR D 409 -43.41 -9.28 19.94
CA TYR D 409 -44.35 -9.22 18.81
C TYR D 409 -45.38 -10.34 18.83
N ALA D 410 -44.99 -11.57 19.21
CA ALA D 410 -45.94 -12.67 19.11
C ALA D 410 -47.13 -12.49 20.03
N ASP D 411 -46.98 -11.70 21.08
CA ASP D 411 -48.04 -11.50 22.06
C ASP D 411 -48.95 -10.33 21.73
N LEU D 412 -48.63 -9.53 20.72
CA LEU D 412 -49.40 -8.35 20.39
C LEU D 412 -50.71 -8.73 19.73
N PRO D 413 -51.73 -7.89 19.85
CA PRO D 413 -52.97 -8.09 19.09
C PRO D 413 -52.70 -8.00 17.59
N ALA D 414 -53.61 -8.59 16.81
CA ALA D 414 -53.44 -8.58 15.36
C ALA D 414 -53.26 -7.18 14.80
N ALA D 415 -54.02 -6.19 15.31
CA ALA D 415 -53.91 -4.83 14.80
C ALA D 415 -52.53 -4.24 15.08
N GLU D 416 -51.92 -4.58 16.21
CA GLU D 416 -50.61 -4.05 16.52
C GLU D 416 -49.52 -4.77 15.76
N LYS D 417 -49.65 -6.09 15.59
CA LYS D 417 -48.70 -6.81 14.74
C LYS D 417 -48.59 -6.16 13.37
N ALA D 418 -49.73 -5.85 12.74
CA ALA D 418 -49.72 -5.27 11.41
C ALA D 418 -48.92 -3.97 11.37
N LYS D 419 -48.94 -3.21 12.47
CA LYS D 419 -48.18 -1.98 12.57
C LYS D 419 -46.69 -2.20 12.78
N ARG D 420 -46.28 -3.37 13.26
CA ARG D 420 -44.89 -3.59 13.63
C ARG D 420 -44.18 -4.57 12.72
N LEU D 421 -44.85 -5.08 11.68
CA LEU D 421 -44.25 -6.12 10.84
C LEU D 421 -43.32 -5.45 9.83
N SER D 422 -42.02 -5.48 10.10
CA SER D 422 -41.10 -4.73 9.26
C SER D 422 -39.72 -5.35 9.38
N VAL D 423 -38.81 -4.86 8.54
CA VAL D 423 -37.37 -5.18 8.59
C VAL D 423 -36.65 -3.88 8.91
N GLU D 424 -36.03 -3.80 10.08
CA GLU D 424 -35.44 -2.56 10.57
C GLU D 424 -33.98 -2.79 10.93
N VAL D 425 -33.25 -1.69 11.06
CA VAL D 425 -31.88 -1.72 11.54
C VAL D 425 -31.81 -1.19 12.97
N LEU D 426 -30.70 -1.51 13.65
CA LEU D 426 -30.54 -0.99 15.00
C LEU D 426 -30.26 0.51 14.96
N PRO D 427 -30.62 1.23 16.01
CA PRO D 427 -30.33 2.67 16.06
C PRO D 427 -28.83 2.97 15.98
N LYS D 428 -28.51 4.12 15.38
CA LYS D 428 -27.13 4.52 15.24
C LYS D 428 -26.41 4.61 16.59
N LYS D 429 -27.10 5.06 17.63
CA LYS D 429 -26.45 5.15 18.94
C LYS D 429 -25.86 3.81 19.36
N LEU D 430 -26.57 2.71 19.10
CA LEU D 430 -26.06 1.39 19.47
C LEU D 430 -24.89 0.98 18.58
N ASP D 431 -25.00 1.25 17.27
CA ASP D 431 -23.87 1.04 16.34
C ASP D 431 -22.62 1.73 16.86
N GLU D 432 -22.77 2.97 17.35
CA GLU D 432 -21.62 3.72 17.85
C GLU D 432 -21.07 3.11 19.13
N GLU D 433 -21.96 2.62 20.00
CA GLU D 433 -21.49 2.02 21.24
C GLU D 433 -20.71 0.74 20.98
N VAL D 434 -21.11 -0.03 19.97
CA VAL D 434 -20.33 -1.20 19.59
C VAL D 434 -18.97 -0.77 19.08
N ALA D 435 -18.95 0.22 18.19
CA ALA D 435 -17.69 0.68 17.62
C ALA D 435 -16.76 1.17 18.71
N LEU D 436 -17.30 1.85 19.73
CA LEU D 436 -16.42 2.40 20.76
C LEU D 436 -15.70 1.27 21.51
N GLU D 437 -16.40 0.16 21.77
CA GLU D 437 -15.73 -0.96 22.41
C GLU D 437 -14.69 -1.60 21.49
N MET D 438 -14.98 -1.65 20.19
CA MET D 438 -13.99 -2.15 19.26
C MET D 438 -12.75 -1.26 19.27
N VAL D 439 -12.93 0.05 19.25
CA VAL D 439 -11.77 0.97 19.22
C VAL D 439 -10.95 0.82 20.49
N LYS D 440 -11.63 0.78 21.64
CA LYS D 440 -10.93 0.58 22.90
C LYS D 440 -10.12 -0.72 22.89
N GLY D 441 -10.63 -1.75 22.20
CA GLY D 441 -9.93 -3.03 22.12
C GLY D 441 -8.56 -2.93 21.47
N PHE D 442 -8.41 -2.00 20.52
CA PHE D 442 -7.15 -1.72 19.84
C PHE D 442 -6.27 -0.80 20.66
N GLY D 443 -6.78 -0.28 21.77
CA GLY D 443 -6.09 0.75 22.51
C GLY D 443 -6.32 2.13 21.97
N GLY D 444 -7.25 2.30 21.04
CA GLY D 444 -7.51 3.61 20.49
C GLY D 444 -8.20 4.51 21.50
N VAL D 445 -7.99 5.80 21.36
CA VAL D 445 -8.55 6.80 22.27
C VAL D 445 -9.41 7.76 21.45
N VAL D 446 -10.72 7.67 21.64
CA VAL D 446 -11.66 8.58 21.02
C VAL D 446 -11.69 9.88 21.80
N THR D 447 -11.70 11.01 21.08
CA THR D 447 -11.76 12.33 21.69
C THR D 447 -13.21 12.67 22.00
N GLN D 448 -13.41 13.39 23.10
CA GLN D 448 -14.74 13.86 23.50
C GLN D 448 -14.92 15.30 23.02
N LEU D 449 -16.02 15.56 22.32
CA LEU D 449 -16.34 16.93 21.93
C LEU D 449 -16.54 17.79 23.17
N THR D 450 -16.11 19.05 23.10
CA THR D 450 -16.58 19.98 24.13
C THR D 450 -18.05 20.28 23.86
N PRO D 451 -18.78 20.80 24.85
CA PRO D 451 -20.17 21.20 24.58
C PRO D 451 -20.31 22.19 23.43
N LYS D 452 -19.39 23.16 23.33
CA LYS D 452 -19.46 24.17 22.26
C LYS D 452 -19.19 23.55 20.88
N GLN D 453 -18.24 22.61 20.78
CA GLN D 453 -18.02 21.91 19.51
C GLN D 453 -19.21 21.04 19.15
N ALA D 454 -19.83 20.38 20.12
CA ALA D 454 -21.00 19.57 19.82
C ALA D 454 -22.13 20.44 19.29
N GLU D 455 -22.36 21.58 19.96
CA GLU D 455 -23.34 22.54 19.47
C GLU D 455 -23.00 23.02 18.07
N TYR D 456 -21.70 23.23 17.77
CA TYR D 456 -21.30 23.80 16.49
C TYR D 456 -21.69 22.88 15.34
N ILE D 457 -21.56 21.57 15.54
CA ILE D 457 -21.89 20.60 14.49
C ILE D 457 -23.27 19.99 14.67
N GLY D 458 -24.02 20.44 15.68
CA GLY D 458 -25.39 20.00 15.82
C GLY D 458 -25.60 18.62 16.40
N VAL D 459 -24.74 18.18 17.31
CA VAL D 459 -24.85 16.85 17.88
C VAL D 459 -24.77 16.96 19.40
N SER D 460 -25.23 15.91 20.08
CA SER D 460 -24.95 15.76 21.50
C SER D 460 -23.51 15.26 21.71
N VAL D 461 -22.93 15.65 22.84
CA VAL D 461 -21.58 15.17 23.16
C VAL D 461 -21.52 13.65 23.20
N GLU D 462 -22.61 12.98 23.59
CA GLU D 462 -22.55 11.52 23.61
C GLU D 462 -22.97 10.88 22.29
N GLY D 463 -23.31 11.66 21.28
CA GLY D 463 -23.74 11.11 20.01
C GLY D 463 -25.26 10.90 20.02
N PRO D 464 -25.82 10.44 18.89
CA PRO D 464 -25.09 10.06 17.67
C PRO D 464 -24.42 11.24 16.95
N PHE D 465 -23.37 10.92 16.19
CA PHE D 465 -22.50 11.93 15.62
C PHE D 465 -22.80 12.23 14.16
N LYS D 466 -23.66 11.44 13.52
CA LYS D 466 -23.90 11.56 12.10
C LYS D 466 -25.38 11.42 11.86
N PRO D 467 -25.91 12.08 10.83
CA PRO D 467 -27.29 11.83 10.42
C PRO D 467 -27.45 10.41 9.91
N ASP D 468 -28.70 9.93 9.93
CA ASP D 468 -28.94 8.56 9.48
C ASP D 468 -28.60 8.37 7.99
N THR D 469 -28.55 9.45 7.21
CA THR D 469 -28.17 9.39 5.81
C THR D 469 -26.68 9.16 5.59
N TYR D 470 -25.86 9.25 6.64
CA TYR D 470 -24.41 9.24 6.44
C TYR D 470 -23.91 7.87 5.99
N ARG D 471 -22.98 7.86 5.02
CA ARG D 471 -22.56 6.59 4.42
C ARG D 471 -21.20 6.09 4.92
N TYR D 472 -20.43 6.91 5.64
CA TYR D 472 -19.10 6.50 6.13
C TYR D 472 -18.18 6.08 4.98
#